data_6FBL
#
_entry.id   6FBL
#
_entity_poly.entity_id   1
_entity_poly.type   'polypeptide(L)'
_entity_poly.pdbx_seq_one_letter_code
;SGSHMKTCVVEKIKQWIPTTEVGKILGNRAAVKKHIERQFNCVITVHTEVQSSFGATPVEIVAQNKEQCQEARNAVMSLM
QSHQDK
;
_entity_poly.pdbx_strand_id   A
#
# COMPACT_ATOMS: atom_id res chain seq x y z
N SER A 1 -5.13 -9.10 -23.55
CA SER A 1 -6.30 -9.99 -23.47
C SER A 1 -6.16 -11.16 -24.46
N GLY A 2 -7.05 -12.15 -24.35
CA GLY A 2 -7.04 -13.31 -25.24
C GLY A 2 -5.94 -14.31 -24.91
N SER A 3 -5.25 -14.14 -23.78
CA SER A 3 -4.19 -15.03 -23.36
C SER A 3 -4.73 -16.42 -23.01
N HIS A 4 -3.88 -17.44 -23.15
CA HIS A 4 -4.25 -18.82 -22.84
C HIS A 4 -4.28 -19.08 -21.33
N MET A 5 -3.79 -18.13 -20.51
CA MET A 5 -3.74 -18.32 -19.06
C MET A 5 -3.74 -17.02 -18.28
N LYS A 6 -3.25 -15.92 -18.85
CA LYS A 6 -3.20 -14.65 -18.16
C LYS A 6 -4.60 -14.02 -18.10
N THR A 7 -4.87 -13.30 -17.00
CA THR A 7 -6.16 -12.63 -16.78
C THR A 7 -6.04 -11.22 -16.21
N CYS A 8 -7.13 -10.46 -16.31
CA CYS A 8 -7.21 -9.10 -15.78
C CYS A 8 -7.47 -9.11 -14.26
N VAL A 9 -7.59 -10.28 -13.65
CA VAL A 9 -7.86 -10.41 -12.22
C VAL A 9 -6.63 -10.02 -11.40
N VAL A 10 -6.86 -9.39 -10.24
CA VAL A 10 -5.82 -8.94 -9.33
C VAL A 10 -6.25 -9.13 -7.88
N GLU A 11 -5.27 -9.23 -6.99
CA GLU A 11 -5.50 -9.36 -5.56
C GLU A 11 -5.75 -8.00 -4.91
N LYS A 12 -6.36 -7.98 -3.72
CA LYS A 12 -6.66 -6.77 -2.99
C LYS A 12 -6.57 -6.95 -1.49
N ILE A 13 -6.16 -5.88 -0.80
CA ILE A 13 -6.07 -5.79 0.65
C ILE A 13 -6.41 -4.36 1.06
N LYS A 14 -6.92 -4.19 2.28
CA LYS A 14 -7.28 -2.88 2.80
C LYS A 14 -7.00 -2.82 4.30
N GLN A 15 -6.46 -1.70 4.77
CA GLN A 15 -6.14 -1.51 6.18
C GLN A 15 -6.14 -0.04 6.56
N TRP A 16 -6.29 0.25 7.86
CA TRP A 16 -6.30 1.60 8.39
C TRP A 16 -4.98 1.91 9.11
N ILE A 17 -4.57 3.18 9.06
CA ILE A 17 -3.44 3.68 9.81
C ILE A 17 -3.83 5.04 10.38
N PRO A 18 -3.41 5.36 11.62
CA PRO A 18 -3.72 6.63 12.24
C PRO A 18 -3.11 7.77 11.43
N THR A 19 -3.73 8.94 11.49
CA THR A 19 -3.34 10.08 10.66
C THR A 19 -1.96 10.53 11.13
N THR A 20 -1.55 10.15 12.35
CA THR A 20 -0.24 10.51 12.88
C THR A 20 0.94 9.85 12.19
N GLU A 21 0.69 8.95 11.23
CA GLU A 21 1.76 8.31 10.47
C GLU A 21 1.42 8.20 8.99
N VAL A 22 0.37 8.87 8.52
CA VAL A 22 0.09 8.93 7.09
C VAL A 22 1.22 9.71 6.41
N GLY A 23 1.90 10.57 7.17
CA GLY A 23 3.04 11.33 6.66
C GLY A 23 4.25 10.43 6.42
N LYS A 24 4.22 9.18 6.91
CA LYS A 24 5.28 8.22 6.68
C LYS A 24 5.10 7.51 5.33
N ILE A 25 4.04 7.87 4.58
CA ILE A 25 3.76 7.29 3.28
C ILE A 25 3.61 8.38 2.21
N LEU A 26 3.07 9.54 2.60
CA LEU A 26 2.77 10.63 1.69
C LEU A 26 3.55 11.90 2.03
N GLY A 27 4.58 11.79 2.88
CA GLY A 27 5.31 12.94 3.39
C GLY A 27 6.15 13.66 2.33
N ASN A 28 6.36 13.03 1.17
CA ASN A 28 7.12 13.66 0.10
C ASN A 28 6.75 13.03 -1.25
N ARG A 29 5.81 13.64 -1.97
CA ARG A 29 5.40 13.20 -3.30
C ARG A 29 5.04 11.71 -3.35
N ALA A 30 4.67 11.14 -2.20
CA ALA A 30 4.39 9.72 -2.06
C ALA A 30 5.53 8.84 -2.58
N ALA A 31 6.75 9.37 -2.62
CA ALA A 31 7.91 8.64 -3.10
C ALA A 31 8.19 7.41 -2.25
N VAL A 32 7.76 7.43 -0.98
CA VAL A 32 7.92 6.30 -0.09
C VAL A 32 6.95 5.19 -0.47
N LYS A 33 5.73 5.58 -0.90
CA LYS A 33 4.73 4.63 -1.33
C LYS A 33 5.16 3.99 -2.64
N LYS A 34 5.73 4.79 -3.54
CA LYS A 34 6.19 4.36 -4.85
C LYS A 34 7.39 3.42 -4.73
N HIS A 35 8.13 3.49 -3.61
CA HIS A 35 9.27 2.61 -3.40
C HIS A 35 8.79 1.21 -3.01
N ILE A 36 7.67 1.11 -2.31
CA ILE A 36 7.10 -0.18 -1.94
C ILE A 36 6.49 -0.86 -3.17
N GLU A 37 5.98 -0.05 -4.10
CA GLU A 37 5.41 -0.55 -5.33
C GLU A 37 6.49 -1.16 -6.23
N ARG A 38 7.70 -0.59 -6.20
CA ARG A 38 8.82 -1.10 -6.98
C ARG A 38 9.54 -2.25 -6.25
N GLN A 39 9.32 -2.36 -4.93
CA GLN A 39 9.94 -3.40 -4.13
C GLN A 39 9.19 -4.73 -4.25
N PHE A 40 7.88 -4.66 -4.51
CA PHE A 40 7.04 -5.84 -4.59
C PHE A 40 6.21 -5.96 -5.87
N ASN A 41 6.47 -5.07 -6.83
CA ASN A 41 5.72 -5.00 -8.09
C ASN A 41 4.23 -4.79 -7.88
N CYS A 42 3.84 -4.37 -6.67
CA CYS A 42 2.45 -4.12 -6.31
C CYS A 42 2.09 -2.66 -6.60
N VAL A 43 0.86 -2.28 -6.24
CA VAL A 43 0.37 -0.91 -6.33
C VAL A 43 -0.33 -0.60 -5.01
N ILE A 44 -0.24 0.66 -4.55
CA ILE A 44 -0.83 1.06 -3.28
C ILE A 44 -1.61 2.36 -3.47
N THR A 45 -2.74 2.49 -2.76
CA THR A 45 -3.59 3.66 -2.82
C THR A 45 -4.12 4.12 -1.47
N VAL A 46 -3.58 5.23 -0.97
CA VAL A 46 -4.07 5.85 0.25
C VAL A 46 -5.33 6.66 -0.05
N HIS A 47 -6.26 6.71 0.91
CA HIS A 47 -7.54 7.37 0.72
C HIS A 47 -7.79 8.39 1.84
N THR A 48 -6.98 9.45 1.87
CA THR A 48 -7.10 10.51 2.86
C THR A 48 -8.43 11.28 2.82
N GLU A 49 -9.19 11.12 1.73
CA GLU A 49 -10.52 11.71 1.61
C GLU A 49 -11.53 10.91 2.45
N VAL A 50 -11.07 9.85 3.12
CA VAL A 50 -11.87 9.03 4.02
C VAL A 50 -11.32 9.06 5.43
N GLN A 51 -12.20 8.99 6.43
CA GLN A 51 -11.80 8.96 7.83
C GLN A 51 -12.90 8.30 8.66
N SER A 52 -12.56 7.19 9.32
CA SER A 52 -13.48 6.47 10.18
C SER A 52 -13.64 7.19 11.51
N SER A 53 -14.55 6.70 12.37
CA SER A 53 -14.72 7.24 13.71
C SER A 53 -13.45 7.01 14.53
N PHE A 54 -12.55 6.13 14.05
CA PHE A 54 -11.26 5.89 14.66
C PHE A 54 -10.28 7.04 14.40
N GLY A 55 -10.65 7.96 13.51
CA GLY A 55 -9.81 9.09 13.13
C GLY A 55 -8.70 8.68 12.16
N ALA A 56 -8.60 7.39 11.84
CA ALA A 56 -7.56 6.87 10.96
C ALA A 56 -7.92 7.04 9.48
N THR A 57 -6.92 6.91 8.61
CA THR A 57 -7.06 7.01 7.17
C THR A 57 -6.80 5.61 6.63
N PRO A 58 -7.67 5.10 5.74
CA PRO A 58 -7.53 3.80 5.13
C PRO A 58 -6.56 3.84 3.94
N VAL A 59 -6.06 2.67 3.55
CA VAL A 59 -5.18 2.50 2.41
C VAL A 59 -5.49 1.13 1.80
N GLU A 60 -5.25 1.00 0.48
CA GLU A 60 -5.53 -0.20 -0.27
C GLU A 60 -4.29 -0.68 -1.02
N ILE A 61 -4.25 -1.96 -1.38
CA ILE A 61 -3.12 -2.56 -2.07
C ILE A 61 -3.65 -3.45 -3.21
N VAL A 62 -2.87 -3.56 -4.29
CA VAL A 62 -3.22 -4.38 -5.44
C VAL A 62 -1.95 -5.05 -5.96
N ALA A 63 -2.05 -6.31 -6.39
CA ALA A 63 -0.92 -7.05 -6.92
C ALA A 63 -1.38 -8.23 -7.77
N GLN A 64 -0.42 -8.88 -8.45
CA GLN A 64 -0.69 -10.01 -9.32
C GLN A 64 -1.09 -11.24 -8.52
N ASN A 65 -0.58 -11.36 -7.28
CA ASN A 65 -0.72 -12.53 -6.44
C ASN A 65 -0.61 -12.13 -4.97
N LYS A 66 -1.12 -12.98 -4.07
CA LYS A 66 -1.01 -12.72 -2.64
C LYS A 66 0.45 -12.81 -2.20
N GLU A 67 1.29 -13.50 -2.97
CA GLU A 67 2.71 -13.61 -2.70
C GLU A 67 3.41 -12.26 -2.89
N GLN A 68 2.74 -11.31 -3.55
CA GLN A 68 3.26 -9.97 -3.77
C GLN A 68 2.43 -8.92 -3.02
N CYS A 69 1.17 -9.24 -2.72
CA CYS A 69 0.28 -8.28 -2.08
C CYS A 69 0.49 -8.28 -0.57
N GLN A 70 0.76 -9.45 0.02
CA GLN A 70 0.95 -9.58 1.46
C GLN A 70 2.29 -9.00 1.89
N GLU A 71 3.29 -9.04 1.01
CA GLU A 71 4.61 -8.51 1.34
C GLU A 71 4.57 -6.99 1.43
N ALA A 72 3.71 -6.35 0.63
CA ALA A 72 3.53 -4.90 0.69
C ALA A 72 2.63 -4.51 1.85
N ARG A 73 1.73 -5.42 2.26
CA ARG A 73 0.80 -5.19 3.36
C ARG A 73 1.54 -5.26 4.69
N ASN A 74 2.45 -6.22 4.85
CA ASN A 74 3.21 -6.39 6.08
C ASN A 74 4.36 -5.41 6.21
N ALA A 75 4.71 -4.70 5.13
CA ALA A 75 5.78 -3.72 5.16
C ALA A 75 5.30 -2.39 5.75
N VAL A 76 4.04 -2.02 5.50
CA VAL A 76 3.52 -0.72 5.91
C VAL A 76 3.12 -0.74 7.39
N MET A 77 3.07 -1.93 8.00
CA MET A 77 2.65 -2.06 9.39
C MET A 77 3.78 -1.81 10.39
N SER A 78 5.02 -1.62 9.92
CA SER A 78 6.13 -1.39 10.84
C SER A 78 7.33 -0.73 10.16
N LEU A 79 7.62 -1.08 8.89
CA LEU A 79 8.77 -0.55 8.20
C LEU A 79 8.42 0.76 7.49
N MET A 80 7.29 0.76 6.80
CA MET A 80 6.77 1.90 6.03
C MET A 80 7.79 2.46 5.05
N GLN A 81 8.92 1.76 4.84
CA GLN A 81 10.02 2.21 4.02
C GLN A 81 10.51 3.62 4.35
N SER A 82 10.17 4.12 5.55
CA SER A 82 10.57 5.44 6.00
C SER A 82 10.58 5.57 7.52
N HIS A 83 10.33 4.47 8.25
CA HIS A 83 10.28 4.47 9.71
C HIS A 83 11.69 4.43 10.33
N GLN A 84 12.71 4.84 9.56
CA GLN A 84 14.10 4.81 10.00
C GLN A 84 14.35 5.80 11.15
N ASP A 85 13.40 6.71 11.40
CA ASP A 85 13.51 7.71 12.46
C ASP A 85 13.38 7.18 13.89
N LYS A 86 13.27 5.84 14.04
CA LYS A 86 13.15 5.20 15.33
C LYS A 86 13.75 3.79 15.28
N SER A 1 -13.18 -17.11 -12.22
CA SER A 1 -12.77 -16.93 -13.63
C SER A 1 -11.57 -17.80 -13.97
N GLY A 2 -10.41 -17.52 -13.36
CA GLY A 2 -9.19 -18.27 -13.58
C GLY A 2 -8.01 -17.66 -12.84
N SER A 3 -6.83 -18.27 -12.98
CA SER A 3 -5.62 -17.76 -12.35
C SER A 3 -5.21 -16.41 -12.95
N HIS A 4 -4.55 -15.57 -12.15
CA HIS A 4 -4.13 -14.24 -12.57
C HIS A 4 -3.07 -14.31 -13.68
N MET A 5 -2.61 -15.51 -14.02
CA MET A 5 -1.66 -15.72 -15.10
C MET A 5 -2.35 -15.64 -16.46
N LYS A 6 -3.68 -15.75 -16.49
CA LYS A 6 -4.45 -15.76 -17.74
C LYS A 6 -5.68 -14.86 -17.67
N THR A 7 -5.78 -14.01 -16.64
CA THR A 7 -6.89 -13.09 -16.45
C THR A 7 -6.49 -11.70 -15.95
N CYS A 8 -7.34 -10.72 -16.18
CA CYS A 8 -7.12 -9.35 -15.73
C CYS A 8 -7.43 -9.16 -14.24
N VAL A 9 -7.84 -10.24 -13.56
CA VAL A 9 -8.15 -10.20 -12.13
C VAL A 9 -6.89 -9.99 -11.29
N VAL A 10 -7.04 -9.29 -10.15
CA VAL A 10 -5.93 -8.95 -9.28
C VAL A 10 -6.30 -9.13 -7.82
N GLU A 11 -5.29 -9.27 -6.96
CA GLU A 11 -5.48 -9.38 -5.52
C GLU A 11 -5.68 -8.00 -4.91
N LYS A 12 -6.33 -7.95 -3.74
CA LYS A 12 -6.56 -6.70 -3.02
C LYS A 12 -6.53 -6.92 -1.52
N ILE A 13 -6.08 -5.89 -0.80
CA ILE A 13 -6.03 -5.84 0.66
C ILE A 13 -6.36 -4.43 1.09
N LYS A 14 -6.92 -4.29 2.30
CA LYS A 14 -7.29 -2.99 2.85
C LYS A 14 -6.95 -2.94 4.35
N GLN A 15 -6.40 -1.82 4.82
CA GLN A 15 -6.07 -1.63 6.21
C GLN A 15 -6.04 -0.15 6.58
N TRP A 16 -6.34 0.16 7.85
CA TRP A 16 -6.35 1.51 8.37
C TRP A 16 -5.03 1.85 9.05
N ILE A 17 -4.64 3.12 8.99
CA ILE A 17 -3.49 3.65 9.72
C ILE A 17 -3.90 5.02 10.28
N PRO A 18 -3.49 5.34 11.50
CA PRO A 18 -3.81 6.61 12.14
C PRO A 18 -3.18 7.76 11.37
N THR A 19 -3.83 8.92 11.38
CA THR A 19 -3.34 10.08 10.66
C THR A 19 -1.98 10.60 11.11
N THR A 20 -1.51 10.11 12.26
CA THR A 20 -0.20 10.43 12.80
C THR A 20 0.99 9.78 12.10
N GLU A 21 0.72 8.84 11.19
CA GLU A 21 1.77 8.19 10.42
C GLU A 21 1.44 8.08 8.94
N VAL A 22 0.37 8.76 8.48
CA VAL A 22 0.09 8.82 7.05
C VAL A 22 1.24 9.56 6.37
N GLY A 23 1.96 10.41 7.11
CA GLY A 23 3.11 11.13 6.60
C GLY A 23 4.29 10.19 6.31
N LYS A 24 4.21 8.95 6.81
CA LYS A 24 5.22 7.95 6.56
C LYS A 24 4.97 7.24 5.22
N ILE A 25 3.98 7.72 4.46
CA ILE A 25 3.66 7.19 3.14
C ILE A 25 3.49 8.32 2.12
N LEU A 26 2.92 9.45 2.56
CA LEU A 26 2.60 10.58 1.69
C LEU A 26 3.39 11.85 2.07
N GLY A 27 4.39 11.73 2.94
CA GLY A 27 5.09 12.88 3.49
C GLY A 27 5.93 13.64 2.47
N ASN A 28 6.19 13.06 1.29
CA ASN A 28 6.96 13.74 0.26
C ASN A 28 6.64 13.14 -1.11
N ARG A 29 5.70 13.77 -1.83
CA ARG A 29 5.30 13.35 -3.17
C ARG A 29 4.95 11.86 -3.25
N ALA A 30 4.56 11.27 -2.12
CA ALA A 30 4.28 9.85 -2.00
C ALA A 30 5.44 8.97 -2.49
N ALA A 31 6.66 9.52 -2.48
CA ALA A 31 7.84 8.79 -2.95
C ALA A 31 8.11 7.55 -2.10
N VAL A 32 7.67 7.56 -0.84
CA VAL A 32 7.83 6.41 0.03
C VAL A 32 6.84 5.31 -0.36
N LYS A 33 5.66 5.70 -0.87
CA LYS A 33 4.69 4.73 -1.33
C LYS A 33 5.21 4.04 -2.58
N LYS A 34 5.89 4.79 -3.46
CA LYS A 34 6.47 4.26 -4.68
C LYS A 34 7.65 3.33 -4.37
N HIS A 35 8.28 3.49 -3.20
CA HIS A 35 9.40 2.65 -2.80
C HIS A 35 8.92 1.22 -2.54
N ILE A 36 7.72 1.08 -1.98
CA ILE A 36 7.14 -0.22 -1.69
C ILE A 36 6.56 -0.84 -2.97
N GLU A 37 6.11 0.02 -3.90
CA GLU A 37 5.54 -0.46 -5.16
C GLU A 37 6.62 -1.06 -6.06
N ARG A 38 7.84 -0.51 -6.04
CA ARG A 38 8.93 -1.06 -6.85
C ARG A 38 9.61 -2.22 -6.13
N GLN A 39 9.36 -2.36 -4.82
CA GLN A 39 9.96 -3.42 -4.02
C GLN A 39 9.23 -4.74 -4.23
N PHE A 40 7.92 -4.68 -4.55
CA PHE A 40 7.10 -5.87 -4.73
C PHE A 40 6.31 -5.89 -6.04
N ASN A 41 6.56 -4.90 -6.92
CA ASN A 41 5.84 -4.72 -8.17
C ASN A 41 4.33 -4.58 -7.94
N CYS A 42 3.94 -4.22 -6.72
CA CYS A 42 2.55 -3.99 -6.35
C CYS A 42 2.17 -2.54 -6.58
N VAL A 43 0.93 -2.19 -6.25
CA VAL A 43 0.42 -0.82 -6.30
C VAL A 43 -0.27 -0.54 -4.97
N ILE A 44 -0.20 0.70 -4.48
CA ILE A 44 -0.80 1.08 -3.21
C ILE A 44 -1.58 2.38 -3.37
N THR A 45 -2.70 2.50 -2.66
CA THR A 45 -3.56 3.68 -2.70
C THR A 45 -4.12 4.12 -1.37
N VAL A 46 -3.70 5.29 -0.89
CA VAL A 46 -4.26 5.87 0.33
C VAL A 46 -5.54 6.62 -0.03
N HIS A 47 -6.56 6.52 0.83
CA HIS A 47 -7.85 7.15 0.59
C HIS A 47 -8.13 8.23 1.62
N THR A 48 -7.39 9.34 1.55
CA THR A 48 -7.60 10.49 2.44
C THR A 48 -8.97 11.14 2.28
N GLU A 49 -9.71 10.74 1.24
CA GLU A 49 -11.10 11.13 1.03
C GLU A 49 -12.01 10.41 2.04
N VAL A 50 -11.42 9.61 2.92
CA VAL A 50 -12.12 8.89 3.98
C VAL A 50 -11.44 9.05 5.33
N GLN A 51 -12.23 9.16 6.40
CA GLN A 51 -11.74 9.26 7.77
C GLN A 51 -12.70 8.54 8.70
N SER A 52 -12.19 7.56 9.44
CA SER A 52 -12.96 6.82 10.41
C SER A 52 -13.15 7.64 11.68
N SER A 53 -14.08 7.23 12.54
CA SER A 53 -14.38 7.93 13.79
C SER A 53 -13.18 7.88 14.75
N PHE A 54 -12.24 6.95 14.50
CA PHE A 54 -11.03 6.84 15.28
C PHE A 54 -9.83 7.68 14.81
N GLY A 55 -10.06 8.56 13.83
CA GLY A 55 -9.02 9.47 13.35
C GLY A 55 -7.97 8.76 12.51
N ALA A 56 -8.40 7.84 11.63
CA ALA A 56 -7.47 7.07 10.82
C ALA A 56 -7.90 7.02 9.35
N THR A 57 -6.91 6.90 8.46
CA THR A 57 -7.08 6.82 7.03
C THR A 57 -6.95 5.39 6.48
N PRO A 58 -7.89 4.92 5.65
CA PRO A 58 -7.83 3.61 5.05
C PRO A 58 -6.91 3.63 3.82
N VAL A 59 -6.33 2.47 3.52
CA VAL A 59 -5.45 2.27 2.36
C VAL A 59 -5.72 0.96 1.64
N GLU A 60 -5.38 0.90 0.36
CA GLU A 60 -5.56 -0.29 -0.47
C GLU A 60 -4.23 -0.73 -1.07
N ILE A 61 -4.14 -2.03 -1.39
CA ILE A 61 -2.98 -2.62 -2.04
C ILE A 61 -3.47 -3.51 -3.18
N VAL A 62 -2.71 -3.57 -4.27
CA VAL A 62 -3.06 -4.35 -5.45
C VAL A 62 -1.83 -5.04 -6.02
N ALA A 63 -1.96 -6.31 -6.43
CA ALA A 63 -0.88 -7.07 -7.04
C ALA A 63 -1.44 -8.24 -7.83
N GLN A 64 -0.61 -8.83 -8.70
CA GLN A 64 -1.03 -9.95 -9.52
C GLN A 64 -1.09 -11.26 -8.72
N ASN A 65 -0.46 -11.30 -7.53
CA ASN A 65 -0.40 -12.50 -6.71
C ASN A 65 -0.40 -12.15 -5.22
N LYS A 66 -0.85 -13.07 -4.37
CA LYS A 66 -0.83 -12.87 -2.93
C LYS A 66 0.62 -12.82 -2.42
N GLU A 67 1.52 -13.50 -3.12
CA GLU A 67 2.93 -13.53 -2.80
C GLU A 67 3.60 -12.17 -3.03
N GLN A 68 2.86 -11.19 -3.54
CA GLN A 68 3.36 -9.84 -3.72
C GLN A 68 2.46 -8.83 -3.00
N CYS A 69 1.19 -9.17 -2.77
CA CYS A 69 0.25 -8.27 -2.13
C CYS A 69 0.45 -8.31 -0.61
N GLN A 70 0.70 -9.52 -0.07
CA GLN A 70 0.89 -9.69 1.36
C GLN A 70 2.24 -9.14 1.82
N GLU A 71 3.24 -9.13 0.94
CA GLU A 71 4.56 -8.65 1.31
C GLU A 71 4.53 -7.14 1.46
N ALA A 72 3.69 -6.45 0.68
CA ALA A 72 3.53 -5.01 0.78
C ALA A 72 2.61 -4.65 1.95
N ARG A 73 1.69 -5.56 2.31
CA ARG A 73 0.78 -5.36 3.41
C ARG A 73 1.51 -5.43 4.75
N ASN A 74 2.43 -6.37 4.87
CA ASN A 74 3.19 -6.56 6.10
C ASN A 74 4.35 -5.57 6.23
N ALA A 75 4.67 -4.83 5.16
CA ALA A 75 5.74 -3.85 5.21
C ALA A 75 5.25 -2.52 5.76
N VAL A 76 3.98 -2.17 5.52
CA VAL A 76 3.45 -0.87 5.93
C VAL A 76 3.08 -0.88 7.41
N MET A 77 3.06 -2.06 8.04
CA MET A 77 2.67 -2.18 9.43
C MET A 77 3.82 -1.91 10.41
N SER A 78 5.05 -1.72 9.93
CA SER A 78 6.17 -1.45 10.83
C SER A 78 7.35 -0.78 10.12
N LEU A 79 7.63 -1.17 8.87
CA LEU A 79 8.77 -0.62 8.14
C LEU A 79 8.40 0.69 7.46
N MET A 80 7.28 0.68 6.74
CA MET A 80 6.75 1.78 5.95
C MET A 80 7.77 2.36 4.94
N GLN A 81 8.97 1.79 4.88
CA GLN A 81 10.05 2.23 4.01
C GLN A 81 10.36 3.73 4.15
N SER A 82 9.92 4.34 5.26
CA SER A 82 10.07 5.77 5.50
C SER A 82 11.43 6.12 6.12
N HIS A 83 12.33 5.14 6.20
CA HIS A 83 13.65 5.33 6.79
C HIS A 83 14.47 6.36 6.03
N GLN A 84 15.32 7.10 6.75
CA GLN A 84 16.14 8.16 6.19
C GLN A 84 17.42 7.64 5.52
N ASP A 85 17.49 6.33 5.25
CA ASP A 85 18.62 5.71 4.59
C ASP A 85 19.96 5.81 5.32
N LYS A 86 19.90 5.90 6.66
CA LYS A 86 21.08 5.97 7.52
C LYS A 86 21.92 4.70 7.38
N SER A 1 -4.73 -26.69 -17.44
CA SER A 1 -5.31 -25.37 -17.73
C SER A 1 -5.26 -24.47 -16.49
N GLY A 2 -5.28 -23.15 -16.70
CA GLY A 2 -5.20 -22.19 -15.62
C GLY A 2 -5.25 -20.76 -16.14
N SER A 3 -5.18 -19.77 -15.25
CA SER A 3 -5.21 -18.36 -15.61
C SER A 3 -3.96 -17.97 -16.40
N HIS A 4 -4.08 -16.93 -17.23
CA HIS A 4 -2.97 -16.43 -18.02
C HIS A 4 -1.98 -15.68 -17.15
N MET A 5 -0.78 -15.43 -17.70
CA MET A 5 0.29 -14.72 -17.00
C MET A 5 0.10 -13.20 -17.03
N LYS A 6 -1.00 -12.71 -17.59
CA LYS A 6 -1.25 -11.28 -17.74
C LYS A 6 -2.73 -10.93 -17.60
N THR A 7 -3.51 -11.77 -16.92
CA THR A 7 -4.94 -11.53 -16.70
C THR A 7 -5.27 -10.22 -15.98
N CYS A 8 -6.45 -9.67 -16.27
CA CYS A 8 -6.90 -8.42 -15.66
C CYS A 8 -7.25 -8.63 -14.18
N VAL A 9 -7.41 -9.90 -13.76
CA VAL A 9 -7.70 -10.22 -12.38
C VAL A 9 -6.50 -9.92 -11.50
N VAL A 10 -6.74 -9.34 -10.32
CA VAL A 10 -5.67 -8.95 -9.41
C VAL A 10 -6.17 -9.10 -7.98
N GLU A 11 -5.23 -9.25 -7.05
CA GLU A 11 -5.51 -9.39 -5.62
C GLU A 11 -5.70 -8.02 -4.98
N LYS A 12 -6.34 -8.00 -3.82
CA LYS A 12 -6.60 -6.77 -3.08
C LYS A 12 -6.53 -6.97 -1.57
N ILE A 13 -6.12 -5.91 -0.87
CA ILE A 13 -6.06 -5.85 0.58
C ILE A 13 -6.45 -4.43 1.00
N LYS A 14 -7.01 -4.26 2.20
CA LYS A 14 -7.40 -2.97 2.73
C LYS A 14 -7.12 -2.92 4.23
N GLN A 15 -6.58 -1.79 4.71
CA GLN A 15 -6.26 -1.65 6.12
C GLN A 15 -6.17 -0.17 6.53
N TRP A 16 -6.51 0.11 7.79
CA TRP A 16 -6.47 1.44 8.36
C TRP A 16 -5.13 1.73 9.02
N ILE A 17 -4.72 3.00 8.99
CA ILE A 17 -3.52 3.47 9.67
C ILE A 17 -3.85 4.83 10.29
N PRO A 18 -3.26 5.17 11.44
CA PRO A 18 -3.52 6.42 12.12
C PRO A 18 -3.09 7.59 11.23
N THR A 19 -3.87 8.68 11.25
CA THR A 19 -3.59 9.84 10.42
C THR A 19 -2.24 10.51 10.67
N THR A 20 -1.60 10.19 11.80
CA THR A 20 -0.27 10.68 12.13
C THR A 20 0.87 9.96 11.42
N GLU A 21 0.57 8.83 10.77
CA GLU A 21 1.57 8.07 10.03
C GLU A 21 1.29 8.09 8.53
N VAL A 22 0.18 8.71 8.11
CA VAL A 22 -0.13 8.84 6.69
C VAL A 22 0.95 9.68 6.02
N GLY A 23 1.60 10.57 6.79
CA GLY A 23 2.66 11.42 6.28
C GLY A 23 3.93 10.63 5.98
N LYS A 24 4.04 9.39 6.47
CA LYS A 24 5.19 8.55 6.18
C LYS A 24 5.08 7.95 4.79
N ILE A 25 3.85 7.68 4.35
CA ILE A 25 3.59 7.05 3.05
C ILE A 25 3.55 8.10 1.95
N LEU A 26 2.87 9.22 2.22
CA LEU A 26 2.66 10.27 1.23
C LEU A 26 3.72 11.36 1.31
N GLY A 27 4.69 11.22 2.20
CA GLY A 27 5.76 12.19 2.36
C GLY A 27 6.68 12.20 1.14
N ASN A 28 7.39 13.31 0.93
CA ASN A 28 8.31 13.48 -0.19
C ASN A 28 7.64 13.10 -1.51
N ARG A 29 6.49 13.73 -1.81
CA ARG A 29 5.72 13.47 -3.03
C ARG A 29 5.36 11.99 -3.16
N ALA A 30 5.04 11.35 -2.02
CA ALA A 30 4.71 9.93 -1.94
C ALA A 30 5.81 9.03 -2.49
N ALA A 31 7.06 9.51 -2.53
CA ALA A 31 8.18 8.72 -3.01
C ALA A 31 8.38 7.46 -2.16
N VAL A 32 7.91 7.48 -0.92
CA VAL A 32 8.00 6.34 -0.03
C VAL A 32 7.00 5.27 -0.46
N LYS A 33 5.80 5.68 -0.90
CA LYS A 33 4.80 4.75 -1.38
C LYS A 33 5.29 4.12 -2.68
N LYS A 34 5.89 4.95 -3.54
CA LYS A 34 6.44 4.52 -4.82
C LYS A 34 7.66 3.64 -4.64
N HIS A 35 8.28 3.63 -3.46
CA HIS A 35 9.41 2.76 -3.17
C HIS A 35 8.94 1.35 -2.81
N ILE A 36 7.77 1.24 -2.17
CA ILE A 36 7.21 -0.06 -1.82
C ILE A 36 6.60 -0.72 -3.05
N GLU A 37 6.09 0.09 -3.98
CA GLU A 37 5.48 -0.41 -5.20
C GLU A 37 6.52 -1.04 -6.14
N ARG A 38 7.76 -0.54 -6.13
CA ARG A 38 8.82 -1.11 -6.96
C ARG A 38 9.58 -2.19 -6.21
N GLN A 39 9.39 -2.28 -4.89
CA GLN A 39 10.02 -3.30 -4.07
C GLN A 39 9.30 -4.65 -4.22
N PHE A 40 7.99 -4.60 -4.53
CA PHE A 40 7.17 -5.79 -4.65
C PHE A 40 6.33 -5.86 -5.93
N ASN A 41 6.55 -4.89 -6.83
CA ASN A 41 5.80 -4.76 -8.08
C ASN A 41 4.29 -4.58 -7.83
N CYS A 42 3.91 -4.23 -6.59
CA CYS A 42 2.54 -3.99 -6.21
C CYS A 42 2.15 -2.53 -6.47
N VAL A 43 0.90 -2.18 -6.16
CA VAL A 43 0.40 -0.81 -6.24
C VAL A 43 -0.31 -0.52 -4.92
N ILE A 44 -0.23 0.72 -4.44
CA ILE A 44 -0.84 1.12 -3.17
C ILE A 44 -1.62 2.41 -3.34
N THR A 45 -2.74 2.53 -2.63
CA THR A 45 -3.60 3.70 -2.68
C THR A 45 -4.12 4.17 -1.33
N VAL A 46 -3.66 5.35 -0.88
CA VAL A 46 -4.16 5.96 0.34
C VAL A 46 -5.45 6.71 0.03
N HIS A 47 -6.38 6.76 1.00
CA HIS A 47 -7.67 7.38 0.83
C HIS A 47 -7.94 8.38 1.97
N THR A 48 -7.14 9.45 2.02
CA THR A 48 -7.33 10.53 3.00
C THR A 48 -8.67 11.25 2.86
N GLU A 49 -9.39 10.97 1.78
CA GLU A 49 -10.75 11.44 1.54
C GLU A 49 -11.73 10.69 2.45
N VAL A 50 -11.20 9.78 3.30
CA VAL A 50 -11.97 9.00 4.25
C VAL A 50 -11.32 9.00 5.63
N GLN A 51 -12.14 9.01 6.68
CA GLN A 51 -11.66 8.90 8.05
C GLN A 51 -12.78 8.41 8.96
N SER A 52 -12.55 7.27 9.61
CA SER A 52 -13.50 6.70 10.56
C SER A 52 -13.37 7.37 11.91
N SER A 53 -14.31 7.10 12.83
CA SER A 53 -14.27 7.63 14.18
C SER A 53 -13.02 7.14 14.93
N PHE A 54 -12.34 6.13 14.38
CA PHE A 54 -11.10 5.62 14.94
C PHE A 54 -9.94 6.60 14.85
N GLY A 55 -10.11 7.68 14.07
CA GLY A 55 -9.06 8.66 13.89
C GLY A 55 -7.98 8.13 12.94
N ALA A 56 -8.39 7.33 11.95
CA ALA A 56 -7.47 6.68 11.03
C ALA A 56 -7.94 6.80 9.57
N THR A 57 -6.98 6.72 8.65
CA THR A 57 -7.21 6.83 7.22
C THR A 57 -7.00 5.42 6.66
N PRO A 58 -7.91 4.95 5.78
CA PRO A 58 -7.80 3.65 5.15
C PRO A 58 -6.83 3.68 3.98
N VAL A 59 -6.28 2.50 3.66
CA VAL A 59 -5.34 2.31 2.55
C VAL A 59 -5.66 1.00 1.82
N GLU A 60 -5.33 0.94 0.53
CA GLU A 60 -5.60 -0.23 -0.30
C GLU A 60 -4.33 -0.68 -1.04
N ILE A 61 -4.28 -1.95 -1.41
CA ILE A 61 -3.12 -2.55 -2.09
C ILE A 61 -3.62 -3.43 -3.23
N VAL A 62 -2.82 -3.52 -4.31
CA VAL A 62 -3.13 -4.35 -5.47
C VAL A 62 -1.88 -5.05 -5.97
N ALA A 63 -2.02 -6.30 -6.42
CA ALA A 63 -0.91 -7.07 -6.96
C ALA A 63 -1.44 -8.22 -7.82
N GLN A 64 -0.58 -8.86 -8.61
CA GLN A 64 -0.97 -9.96 -9.46
C GLN A 64 -1.20 -11.24 -8.65
N ASN A 65 -0.68 -11.30 -7.42
CA ASN A 65 -0.81 -12.50 -6.58
C ASN A 65 -0.70 -12.16 -5.09
N LYS A 66 -1.12 -13.08 -4.23
CA LYS A 66 -1.03 -12.92 -2.79
C LYS A 66 0.40 -13.04 -2.30
N GLU A 67 1.28 -13.63 -3.13
CA GLU A 67 2.68 -13.83 -2.79
C GLU A 67 3.45 -12.52 -2.80
N GLN A 68 2.80 -11.42 -3.20
CA GLN A 68 3.41 -10.09 -3.22
C GLN A 68 2.50 -9.05 -2.58
N CYS A 69 1.18 -9.24 -2.60
CA CYS A 69 0.26 -8.28 -2.03
C CYS A 69 0.43 -8.28 -0.51
N GLN A 70 0.74 -9.44 0.07
CA GLN A 70 0.94 -9.55 1.51
C GLN A 70 2.28 -8.94 1.91
N GLU A 71 3.27 -8.95 1.03
CA GLU A 71 4.58 -8.39 1.34
C GLU A 71 4.50 -6.86 1.40
N ALA A 72 3.66 -6.26 0.56
CA ALA A 72 3.45 -4.81 0.57
C ALA A 72 2.50 -4.42 1.71
N ARG A 73 1.71 -5.37 2.22
CA ARG A 73 0.79 -5.14 3.33
C ARG A 73 1.54 -5.16 4.66
N ASN A 74 2.42 -6.13 4.86
CA ASN A 74 3.16 -6.28 6.10
C ASN A 74 4.31 -5.28 6.22
N ALA A 75 4.66 -4.59 5.12
CA ALA A 75 5.71 -3.59 5.13
C ALA A 75 5.22 -2.24 5.64
N VAL A 76 3.89 -2.02 5.67
CA VAL A 76 3.32 -0.75 6.08
C VAL A 76 2.79 -0.79 7.50
N MET A 77 2.81 -1.96 8.14
CA MET A 77 2.28 -2.09 9.50
C MET A 77 3.29 -1.71 10.58
N SER A 78 4.56 -1.44 10.22
CA SER A 78 5.55 -1.07 11.22
C SER A 78 6.75 -0.33 10.62
N LEU A 79 7.17 -0.69 9.40
CA LEU A 79 8.32 -0.06 8.77
C LEU A 79 7.89 1.16 7.96
N MET A 80 6.84 1.01 7.16
CA MET A 80 6.29 2.05 6.29
C MET A 80 7.35 2.66 5.37
N GLN A 81 8.54 2.05 5.30
CA GLN A 81 9.68 2.55 4.55
C GLN A 81 10.03 4.00 4.89
N SER A 82 9.56 4.50 6.04
CA SER A 82 9.82 5.87 6.47
C SER A 82 9.55 6.09 7.97
N HIS A 83 8.84 5.17 8.63
CA HIS A 83 8.54 5.30 10.05
C HIS A 83 9.83 5.15 10.86
N GLN A 84 9.92 5.86 11.99
CA GLN A 84 11.11 5.83 12.84
C GLN A 84 10.78 6.05 14.32
N ASP A 85 9.50 6.24 14.67
CA ASP A 85 9.09 6.44 16.06
C ASP A 85 8.94 5.14 16.84
N LYS A 86 9.28 4.01 16.21
CA LYS A 86 9.20 2.69 16.80
C LYS A 86 10.23 2.53 17.92
N SER A 1 2.59 -26.84 -19.01
CA SER A 1 3.12 -25.86 -18.05
C SER A 1 1.97 -25.15 -17.33
N GLY A 2 2.29 -24.50 -16.20
CA GLY A 2 1.32 -23.77 -15.41
C GLY A 2 0.97 -22.43 -16.06
N SER A 3 0.11 -21.66 -15.38
CA SER A 3 -0.33 -20.35 -15.87
C SER A 3 0.82 -19.35 -15.88
N HIS A 4 0.78 -18.42 -16.85
CA HIS A 4 1.78 -17.37 -16.98
C HIS A 4 1.45 -16.17 -16.09
N MET A 5 0.33 -16.25 -15.35
CA MET A 5 -0.13 -15.20 -14.45
C MET A 5 -0.36 -13.87 -15.20
N LYS A 6 -0.48 -13.94 -16.53
CA LYS A 6 -0.70 -12.75 -17.36
C LYS A 6 -2.17 -12.32 -17.37
N THR A 7 -3.00 -13.00 -16.57
CA THR A 7 -4.42 -12.71 -16.44
C THR A 7 -4.76 -11.32 -15.92
N CYS A 8 -5.94 -10.80 -16.28
CA CYS A 8 -6.38 -9.47 -15.87
C CYS A 8 -6.81 -9.42 -14.40
N VAL A 9 -6.94 -10.58 -13.75
CA VAL A 9 -7.30 -10.64 -12.35
C VAL A 9 -6.16 -10.16 -11.44
N VAL A 10 -6.51 -9.54 -10.31
CA VAL A 10 -5.52 -8.99 -9.37
C VAL A 10 -6.02 -9.14 -7.95
N GLU A 11 -5.06 -9.16 -7.01
CA GLU A 11 -5.33 -9.29 -5.58
C GLU A 11 -5.73 -7.94 -4.98
N LYS A 12 -6.43 -7.96 -3.83
CA LYS A 12 -6.78 -6.74 -3.12
C LYS A 12 -6.67 -6.90 -1.60
N ILE A 13 -6.26 -5.82 -0.95
CA ILE A 13 -6.10 -5.73 0.50
C ILE A 13 -6.48 -4.33 0.95
N LYS A 14 -6.98 -4.19 2.19
CA LYS A 14 -7.31 -2.91 2.78
C LYS A 14 -6.94 -2.92 4.25
N GLN A 15 -6.35 -1.82 4.73
CA GLN A 15 -5.93 -1.71 6.13
C GLN A 15 -5.86 -0.24 6.55
N TRP A 16 -6.15 0.01 7.83
CA TRP A 16 -6.14 1.34 8.41
C TRP A 16 -4.79 1.68 9.03
N ILE A 17 -4.44 2.96 8.98
CA ILE A 17 -3.25 3.49 9.64
C ILE A 17 -3.67 4.82 10.27
N PRO A 18 -3.15 5.16 11.46
CA PRO A 18 -3.48 6.39 12.14
C PRO A 18 -2.98 7.59 11.35
N THR A 19 -3.61 8.76 11.55
CA THR A 19 -3.26 9.97 10.81
C THR A 19 -1.82 10.45 10.96
N THR A 20 -1.14 10.00 12.02
CA THR A 20 0.27 10.29 12.24
C THR A 20 1.22 9.43 11.41
N GLU A 21 0.70 8.39 10.78
CA GLU A 21 1.48 7.49 9.93
C GLU A 21 1.20 7.73 8.45
N VAL A 22 0.18 8.54 8.13
CA VAL A 22 -0.11 8.89 6.74
C VAL A 22 1.03 9.72 6.17
N GLY A 23 1.69 10.52 7.03
CA GLY A 23 2.82 11.34 6.61
C GLY A 23 4.07 10.50 6.36
N LYS A 24 4.10 9.26 6.86
CA LYS A 24 5.20 8.34 6.63
C LYS A 24 5.08 7.63 5.29
N ILE A 25 4.05 7.97 4.50
CA ILE A 25 3.82 7.38 3.19
C ILE A 25 3.66 8.46 2.13
N LEU A 26 3.11 9.62 2.50
CA LEU A 26 2.78 10.69 1.58
C LEU A 26 3.54 11.99 1.89
N GLY A 27 4.46 11.95 2.86
CA GLY A 27 5.14 13.14 3.35
C GLY A 27 6.18 13.71 2.38
N ASN A 28 6.38 13.06 1.23
CA ASN A 28 7.38 13.49 0.24
C ASN A 28 6.92 13.14 -1.17
N ARG A 29 5.79 13.70 -1.61
CA ARG A 29 5.20 13.42 -2.91
C ARG A 29 4.96 11.93 -3.11
N ALA A 30 4.68 11.24 -2.01
CA ALA A 30 4.45 9.80 -1.97
C ALA A 30 5.61 8.98 -2.53
N ALA A 31 6.83 9.53 -2.52
CA ALA A 31 8.00 8.83 -3.02
C ALA A 31 8.29 7.55 -2.23
N VAL A 32 7.80 7.49 -0.98
CA VAL A 32 7.96 6.30 -0.15
C VAL A 32 7.01 5.21 -0.68
N LYS A 33 5.81 5.60 -1.08
CA LYS A 33 4.83 4.64 -1.58
C LYS A 33 5.30 4.06 -2.91
N LYS A 34 5.97 4.88 -3.72
CA LYS A 34 6.48 4.48 -5.02
C LYS A 34 7.65 3.50 -4.90
N HIS A 35 8.30 3.43 -3.73
CA HIS A 35 9.37 2.47 -3.52
C HIS A 35 8.81 1.08 -3.28
N ILE A 36 7.69 1.00 -2.56
CA ILE A 36 7.09 -0.29 -2.23
C ILE A 36 6.48 -0.93 -3.49
N GLU A 37 6.00 -0.09 -4.41
CA GLU A 37 5.42 -0.56 -5.67
C GLU A 37 6.49 -1.18 -6.57
N ARG A 38 7.75 -0.75 -6.40
CA ARG A 38 8.87 -1.30 -7.15
C ARG A 38 9.51 -2.46 -6.41
N GLN A 39 9.30 -2.52 -5.09
CA GLN A 39 9.84 -3.56 -4.23
C GLN A 39 9.03 -4.86 -4.35
N PHE A 40 7.74 -4.74 -4.67
CA PHE A 40 6.84 -5.88 -4.76
C PHE A 40 6.05 -6.00 -6.07
N ASN A 41 6.35 -5.13 -7.03
CA ASN A 41 5.63 -5.03 -8.29
C ASN A 41 4.12 -4.81 -8.06
N CYS A 42 3.77 -4.33 -6.87
CA CYS A 42 2.40 -4.06 -6.47
C CYS A 42 2.03 -2.61 -6.77
N VAL A 43 0.80 -2.22 -6.40
CA VAL A 43 0.31 -0.85 -6.49
C VAL A 43 -0.36 -0.54 -5.16
N ILE A 44 -0.21 0.70 -4.67
CA ILE A 44 -0.78 1.08 -3.39
C ILE A 44 -1.53 2.41 -3.51
N THR A 45 -2.61 2.55 -2.75
CA THR A 45 -3.45 3.74 -2.72
C THR A 45 -3.82 4.19 -1.32
N VAL A 46 -3.87 5.50 -1.10
CA VAL A 46 -4.28 6.07 0.19
C VAL A 46 -5.57 6.87 0.03
N HIS A 47 -6.38 6.89 1.10
CA HIS A 47 -7.70 7.48 1.09
C HIS A 47 -7.89 8.52 2.20
N THR A 48 -6.97 9.49 2.27
CA THR A 48 -7.00 10.54 3.28
C THR A 48 -8.24 11.45 3.26
N GLU A 49 -9.04 11.38 2.20
CA GLU A 49 -10.25 12.18 2.07
C GLU A 49 -11.35 11.70 3.01
N VAL A 50 -11.20 10.51 3.61
CA VAL A 50 -12.17 9.98 4.55
C VAL A 50 -11.96 10.45 5.99
N GLN A 51 -12.97 10.26 6.83
CA GLN A 51 -12.92 10.63 8.24
C GLN A 51 -13.75 9.63 9.04
N SER A 52 -13.19 8.42 9.24
CA SER A 52 -13.86 7.35 9.95
C SER A 52 -13.91 7.63 11.45
N SER A 53 -14.80 6.91 12.15
CA SER A 53 -14.92 7.02 13.60
C SER A 53 -13.71 6.38 14.29
N PHE A 54 -12.84 5.69 13.53
CA PHE A 54 -11.65 5.06 14.07
C PHE A 54 -10.54 6.10 14.23
N GLY A 55 -10.74 7.32 13.70
CA GLY A 55 -9.74 8.37 13.77
C GLY A 55 -8.52 8.02 12.92
N ALA A 56 -8.72 7.29 11.82
CA ALA A 56 -7.63 6.78 11.01
C ALA A 56 -7.99 6.81 9.52
N THR A 57 -6.98 6.67 8.67
CA THR A 57 -7.13 6.71 7.22
C THR A 57 -6.89 5.29 6.71
N PRO A 58 -7.78 4.78 5.85
CA PRO A 58 -7.62 3.47 5.23
C PRO A 58 -6.71 3.56 4.02
N VAL A 59 -6.09 2.43 3.67
CA VAL A 59 -5.24 2.28 2.49
C VAL A 59 -5.57 1.00 1.73
N GLU A 60 -5.24 0.97 0.43
CA GLU A 60 -5.55 -0.15 -0.43
C GLU A 60 -4.30 -0.62 -1.17
N ILE A 61 -4.26 -1.91 -1.52
CA ILE A 61 -3.11 -2.53 -2.19
C ILE A 61 -3.59 -3.47 -3.27
N VAL A 62 -2.83 -3.59 -4.35
CA VAL A 62 -3.11 -4.50 -5.46
C VAL A 62 -1.81 -5.14 -5.93
N ALA A 63 -1.87 -6.42 -6.31
CA ALA A 63 -0.72 -7.15 -6.80
C ALA A 63 -1.18 -8.34 -7.64
N GLN A 64 -0.23 -9.03 -8.28
CA GLN A 64 -0.55 -10.17 -9.13
C GLN A 64 -0.96 -11.39 -8.30
N ASN A 65 -0.60 -11.42 -7.02
CA ASN A 65 -0.84 -12.56 -6.16
C ASN A 65 -0.71 -12.18 -4.68
N LYS A 66 -1.14 -13.08 -3.78
CA LYS A 66 -1.02 -12.86 -2.34
C LYS A 66 0.43 -12.91 -1.87
N GLU A 67 1.29 -13.58 -2.64
CA GLU A 67 2.69 -13.76 -2.28
C GLU A 67 3.47 -12.44 -2.37
N GLN A 68 2.83 -11.37 -2.86
CA GLN A 68 3.45 -10.06 -2.96
C GLN A 68 2.53 -8.97 -2.40
N CYS A 69 1.22 -9.22 -2.33
CA CYS A 69 0.29 -8.23 -1.81
C CYS A 69 0.39 -8.18 -0.28
N GLN A 70 0.55 -9.35 0.36
CA GLN A 70 0.68 -9.43 1.81
C GLN A 70 2.03 -8.85 2.25
N GLU A 71 3.07 -9.07 1.44
CA GLU A 71 4.39 -8.56 1.75
C GLU A 71 4.41 -7.04 1.60
N ALA A 72 3.61 -6.51 0.68
CA ALA A 72 3.50 -5.08 0.47
C ALA A 72 2.64 -4.42 1.56
N ARG A 73 1.75 -5.21 2.19
CA ARG A 73 0.94 -4.72 3.30
C ARG A 73 1.77 -4.69 4.58
N ASN A 74 2.46 -5.80 4.86
CA ASN A 74 3.24 -5.95 6.06
C ASN A 74 4.51 -5.09 6.03
N ALA A 75 4.89 -4.62 4.85
CA ALA A 75 5.99 -3.66 4.69
C ALA A 75 5.55 -2.25 5.09
N VAL A 76 4.28 -2.07 5.45
CA VAL A 76 3.73 -0.78 5.86
C VAL A 76 3.20 -0.81 7.29
N MET A 77 3.19 -1.98 7.93
CA MET A 77 2.69 -2.10 9.30
C MET A 77 3.73 -1.72 10.35
N SER A 78 5.00 -1.59 9.97
CA SER A 78 6.04 -1.20 10.91
C SER A 78 7.28 -0.64 10.23
N LEU A 79 7.66 -1.18 9.07
CA LEU A 79 8.84 -0.72 8.36
C LEU A 79 8.54 0.54 7.57
N MET A 80 7.38 0.54 6.88
CA MET A 80 6.86 1.63 6.07
C MET A 80 7.79 2.09 4.95
N GLN A 81 9.00 1.49 4.84
CA GLN A 81 9.97 1.79 3.80
C GLN A 81 10.26 3.29 3.68
N SER A 82 10.03 4.05 4.76
CA SER A 82 10.14 5.50 4.78
C SER A 82 11.59 6.00 4.77
N HIS A 83 12.57 5.10 4.59
CA HIS A 83 13.98 5.45 4.52
C HIS A 83 14.28 6.32 3.31
N GLN A 84 15.42 7.02 3.35
CA GLN A 84 15.84 7.89 2.26
C GLN A 84 16.31 7.09 1.04
N ASP A 85 16.45 5.77 1.19
CA ASP A 85 16.84 4.87 0.11
C ASP A 85 15.69 4.64 -0.88
N LYS A 86 15.36 5.68 -1.65
CA LYS A 86 14.31 5.66 -2.65
C LYS A 86 14.66 4.69 -3.78
N SER A 1 -7.08 -0.50 -23.51
CA SER A 1 -7.21 -1.63 -24.45
C SER A 1 -7.06 -2.96 -23.70
N GLY A 2 -7.60 -4.04 -24.28
CA GLY A 2 -7.54 -5.36 -23.69
C GLY A 2 -8.27 -6.39 -24.55
N SER A 3 -8.27 -7.64 -24.10
CA SER A 3 -8.92 -8.74 -24.81
C SER A 3 -9.25 -9.88 -23.86
N HIS A 4 -10.22 -10.72 -24.24
CA HIS A 4 -10.63 -11.86 -23.43
C HIS A 4 -9.59 -12.98 -23.46
N MET A 5 -8.52 -12.82 -24.25
CA MET A 5 -7.46 -13.82 -24.35
C MET A 5 -6.55 -13.81 -23.12
N LYS A 6 -6.81 -12.91 -22.16
CA LYS A 6 -6.03 -12.81 -20.93
C LYS A 6 -6.89 -12.28 -19.79
N THR A 7 -6.59 -12.69 -18.56
CA THR A 7 -7.33 -12.27 -17.39
C THR A 7 -7.13 -10.80 -16.99
N CYS A 8 -8.04 -10.28 -16.17
CA CYS A 8 -7.98 -8.93 -15.63
C CYS A 8 -8.17 -8.91 -14.11
N VAL A 9 -8.22 -10.11 -13.50
CA VAL A 9 -8.39 -10.25 -12.07
C VAL A 9 -7.11 -9.90 -11.31
N VAL A 10 -7.26 -9.35 -10.10
CA VAL A 10 -6.15 -8.95 -9.25
C VAL A 10 -6.48 -9.18 -7.78
N GLU A 11 -5.45 -9.34 -6.95
CA GLU A 11 -5.60 -9.48 -5.51
C GLU A 11 -5.65 -8.11 -4.86
N LYS A 12 -6.31 -8.02 -3.70
CA LYS A 12 -6.43 -6.77 -2.96
C LYS A 12 -6.36 -6.99 -1.44
N ILE A 13 -5.95 -5.94 -0.74
CA ILE A 13 -5.88 -5.87 0.71
C ILE A 13 -6.28 -4.47 1.14
N LYS A 14 -6.82 -4.34 2.36
CA LYS A 14 -7.22 -3.05 2.90
C LYS A 14 -6.88 -2.99 4.39
N GLN A 15 -6.45 -1.82 4.86
CA GLN A 15 -6.11 -1.62 6.25
C GLN A 15 -6.14 -0.13 6.60
N TRP A 16 -6.34 0.20 7.87
CA TRP A 16 -6.33 1.57 8.36
C TRP A 16 -4.99 1.88 9.02
N ILE A 17 -4.55 3.14 8.91
CA ILE A 17 -3.36 3.62 9.58
C ILE A 17 -3.69 4.92 10.32
N PRO A 18 -3.10 5.15 11.48
CA PRO A 18 -3.36 6.34 12.29
C PRO A 18 -2.84 7.58 11.56
N THR A 19 -3.46 8.72 11.84
CA THR A 19 -3.09 9.98 11.19
C THR A 19 -1.66 10.45 11.46
N THR A 20 -1.02 9.85 12.46
CA THR A 20 0.36 10.14 12.81
C THR A 20 1.40 9.34 12.02
N GLU A 21 0.96 8.33 11.28
CA GLU A 21 1.85 7.49 10.49
C GLU A 21 1.60 7.62 8.99
N VAL A 22 0.43 8.11 8.58
CA VAL A 22 0.15 8.34 7.17
C VAL A 22 1.03 9.45 6.61
N GLY A 23 1.48 10.35 7.49
CA GLY A 23 2.36 11.44 7.12
C GLY A 23 3.77 10.95 6.80
N LYS A 24 4.11 9.71 7.18
CA LYS A 24 5.41 9.13 6.87
C LYS A 24 5.39 8.41 5.53
N ILE A 25 4.20 8.14 5.00
CA ILE A 25 4.04 7.44 3.74
C ILE A 25 3.78 8.42 2.60
N LEU A 26 3.15 9.55 2.90
CA LEU A 26 2.72 10.53 1.90
C LEU A 26 3.38 11.89 2.08
N GLY A 27 4.08 12.11 3.20
CA GLY A 27 4.68 13.40 3.51
C GLY A 27 5.94 13.70 2.70
N ASN A 28 6.41 12.71 1.94
CA ASN A 28 7.60 12.85 1.11
C ASN A 28 7.22 12.67 -0.36
N ARG A 29 6.18 13.39 -0.80
CA ARG A 29 5.64 13.29 -2.16
C ARG A 29 5.26 11.85 -2.50
N ALA A 30 4.91 11.08 -1.46
CA ALA A 30 4.60 9.66 -1.54
C ALA A 30 5.73 8.84 -2.15
N ALA A 31 6.95 9.37 -2.18
CA ALA A 31 8.09 8.66 -2.75
C ALA A 31 8.37 7.37 -1.96
N VAL A 32 7.93 7.32 -0.70
CA VAL A 32 8.07 6.14 0.13
C VAL A 32 7.08 5.07 -0.34
N LYS A 33 5.85 5.48 -0.68
CA LYS A 33 4.84 4.56 -1.18
C LYS A 33 5.24 4.05 -2.56
N LYS A 34 5.74 4.95 -3.40
CA LYS A 34 6.12 4.65 -4.78
C LYS A 34 7.33 3.72 -4.85
N HIS A 35 8.14 3.67 -3.79
CA HIS A 35 9.30 2.78 -3.78
C HIS A 35 8.88 1.35 -3.39
N ILE A 36 7.82 1.21 -2.60
CA ILE A 36 7.31 -0.11 -2.22
C ILE A 36 6.60 -0.75 -3.40
N GLU A 37 6.01 0.08 -4.27
CA GLU A 37 5.40 -0.42 -5.51
C GLU A 37 6.47 -0.95 -6.45
N ARG A 38 7.69 -0.42 -6.34
CA ARG A 38 8.84 -0.85 -7.12
C ARG A 38 9.55 -2.03 -6.46
N GLN A 39 9.30 -2.22 -5.15
CA GLN A 39 9.91 -3.29 -4.37
C GLN A 39 9.16 -4.61 -4.54
N PHE A 40 7.86 -4.53 -4.83
CA PHE A 40 6.99 -5.70 -4.96
C PHE A 40 6.18 -5.79 -6.25
N ASN A 41 6.43 -4.86 -7.17
CA ASN A 41 5.69 -4.73 -8.42
C ASN A 41 4.18 -4.55 -8.19
N CYS A 42 3.80 -4.21 -6.95
CA CYS A 42 2.43 -3.99 -6.55
C CYS A 42 2.05 -2.52 -6.75
N VAL A 43 0.81 -2.17 -6.37
CA VAL A 43 0.32 -0.80 -6.37
C VAL A 43 -0.34 -0.53 -5.04
N ILE A 44 -0.25 0.71 -4.54
CA ILE A 44 -0.82 1.09 -3.26
C ILE A 44 -1.61 2.38 -3.41
N THR A 45 -2.76 2.47 -2.73
CA THR A 45 -3.65 3.61 -2.81
C THR A 45 -4.25 4.02 -1.48
N VAL A 46 -3.79 5.15 -0.93
CA VAL A 46 -4.37 5.69 0.29
C VAL A 46 -5.65 6.44 -0.02
N HIS A 47 -6.74 6.05 0.65
CA HIS A 47 -8.07 6.59 0.41
C HIS A 47 -8.37 7.73 1.37
N THR A 48 -7.67 8.87 1.20
CA THR A 48 -7.80 10.03 2.06
C THR A 48 -9.16 10.74 2.03
N GLU A 49 -10.02 10.37 1.07
CA GLU A 49 -11.37 10.90 1.00
C GLU A 49 -12.26 10.25 2.05
N VAL A 50 -11.76 9.17 2.70
CA VAL A 50 -12.45 8.48 3.77
C VAL A 50 -11.93 8.94 5.13
N GLN A 51 -12.77 8.80 6.16
CA GLN A 51 -12.40 9.15 7.53
C GLN A 51 -13.10 8.21 8.51
N SER A 52 -12.31 7.51 9.33
CA SER A 52 -12.82 6.61 10.34
C SER A 52 -13.38 7.38 11.54
N SER A 53 -14.09 6.69 12.44
CA SER A 53 -14.64 7.28 13.64
C SER A 53 -13.54 7.77 14.59
N PHE A 54 -12.29 7.43 14.26
CA PHE A 54 -11.10 7.87 14.97
C PHE A 54 -10.11 8.70 14.16
N GLY A 55 -10.54 9.15 12.97
CA GLY A 55 -9.76 10.02 12.11
C GLY A 55 -8.72 9.30 11.26
N ALA A 56 -8.60 7.97 11.41
CA ALA A 56 -7.59 7.20 10.69
C ALA A 56 -7.90 7.12 9.20
N THR A 57 -6.85 6.94 8.40
CA THR A 57 -6.95 6.82 6.95
C THR A 57 -6.79 5.39 6.44
N PRO A 58 -7.74 4.88 5.64
CA PRO A 58 -7.64 3.57 5.03
C PRO A 58 -6.74 3.61 3.81
N VAL A 59 -6.19 2.44 3.45
CA VAL A 59 -5.32 2.30 2.29
C VAL A 59 -5.55 0.92 1.69
N GLU A 60 -5.43 0.82 0.37
CA GLU A 60 -5.57 -0.42 -0.38
C GLU A 60 -4.27 -0.80 -1.07
N ILE A 61 -4.14 -2.09 -1.39
CA ILE A 61 -2.98 -2.62 -2.09
C ILE A 61 -3.48 -3.52 -3.21
N VAL A 62 -2.72 -3.59 -4.32
CA VAL A 62 -3.07 -4.42 -5.46
C VAL A 62 -1.86 -5.13 -6.04
N ALA A 63 -2.02 -6.41 -6.40
CA ALA A 63 -0.96 -7.21 -6.97
C ALA A 63 -1.52 -8.40 -7.74
N GLN A 64 -0.67 -9.09 -8.49
CA GLN A 64 -1.08 -10.25 -9.27
C GLN A 64 -1.34 -11.46 -8.37
N ASN A 65 -0.82 -11.43 -7.13
CA ASN A 65 -0.98 -12.54 -6.18
C ASN A 65 -0.84 -12.06 -4.73
N LYS A 66 -1.29 -12.89 -3.78
CA LYS A 66 -1.15 -12.59 -2.36
C LYS A 66 0.31 -12.73 -1.91
N GLU A 67 1.13 -13.42 -2.71
CA GLU A 67 2.53 -13.64 -2.40
C GLU A 67 3.35 -12.35 -2.51
N GLN A 68 2.72 -11.27 -3.00
CA GLN A 68 3.36 -9.97 -3.11
C GLN A 68 2.48 -8.88 -2.52
N CYS A 69 1.16 -9.11 -2.41
CA CYS A 69 0.26 -8.12 -1.86
C CYS A 69 0.45 -8.07 -0.34
N GLN A 70 0.65 -9.22 0.30
CA GLN A 70 0.88 -9.29 1.74
C GLN A 70 2.24 -8.72 2.11
N GLU A 71 3.21 -8.85 1.20
CA GLU A 71 4.56 -8.36 1.48
C GLU A 71 4.57 -6.84 1.42
N ALA A 72 3.72 -6.26 0.58
CA ALA A 72 3.60 -4.81 0.47
C ALA A 72 2.78 -4.24 1.63
N ARG A 73 1.93 -5.06 2.26
CA ARG A 73 1.20 -4.66 3.44
C ARG A 73 2.15 -4.58 4.63
N ASN A 74 2.85 -5.68 4.89
CA ASN A 74 3.78 -5.78 6.00
C ASN A 74 4.97 -4.84 5.82
N ALA A 75 5.18 -4.34 4.61
CA ALA A 75 6.21 -3.35 4.33
C ALA A 75 5.76 -1.95 4.73
N VAL A 76 4.53 -1.79 5.23
CA VAL A 76 3.98 -0.50 5.63
C VAL A 76 3.39 -0.55 7.03
N MET A 77 3.06 -1.75 7.54
CA MET A 77 2.49 -1.88 8.87
C MET A 77 3.55 -1.95 9.96
N SER A 78 4.83 -1.99 9.60
CA SER A 78 5.90 -2.01 10.59
C SER A 78 7.23 -1.53 10.02
N LEU A 79 7.56 -1.90 8.77
CA LEU A 79 8.82 -1.52 8.17
C LEU A 79 8.76 -0.10 7.60
N MET A 80 7.62 0.26 7.00
CA MET A 80 7.39 1.56 6.38
C MET A 80 8.52 1.97 5.43
N GLN A 81 9.28 0.98 4.94
CA GLN A 81 10.46 1.17 4.11
C GLN A 81 11.43 2.19 4.74
N SER A 82 11.44 2.26 6.07
CA SER A 82 12.29 3.18 6.81
C SER A 82 13.77 2.84 6.64
N HIS A 83 14.08 1.59 6.24
CA HIS A 83 15.44 1.17 5.99
C HIS A 83 16.00 1.85 4.75
N GLN A 84 17.22 2.41 4.85
CA GLN A 84 17.83 3.14 3.76
C GLN A 84 18.60 2.21 2.81
N ASP A 85 18.84 0.97 3.22
CA ASP A 85 19.59 0.01 2.42
C ASP A 85 18.75 -0.85 1.47
N LYS A 86 17.45 -0.58 1.40
CA LYS A 86 16.53 -1.32 0.55
C LYS A 86 15.31 -0.45 0.20
N SER A 1 4.21 -15.69 -26.84
CA SER A 1 3.36 -16.58 -26.02
C SER A 1 2.15 -15.83 -25.48
N GLY A 2 1.16 -16.58 -24.98
CA GLY A 2 -0.06 -16.00 -24.44
C GLY A 2 -1.00 -15.52 -25.55
N SER A 3 -2.14 -14.97 -25.16
CA SER A 3 -3.15 -14.47 -26.08
C SER A 3 -4.03 -13.44 -25.38
N HIS A 4 -4.87 -12.75 -26.16
CA HIS A 4 -5.76 -11.73 -25.62
C HIS A 4 -6.86 -12.34 -24.75
N MET A 5 -6.96 -13.67 -24.73
CA MET A 5 -7.95 -14.38 -23.92
C MET A 5 -7.48 -14.51 -22.47
N LYS A 6 -6.25 -14.09 -22.18
CA LYS A 6 -5.69 -14.17 -20.84
C LYS A 6 -6.42 -13.22 -19.88
N THR A 7 -6.55 -13.64 -18.62
CA THR A 7 -7.20 -12.86 -17.57
C THR A 7 -6.43 -11.64 -17.10
N CYS A 8 -7.09 -10.76 -16.35
CA CYS A 8 -6.51 -9.54 -15.81
C CYS A 8 -6.83 -9.43 -14.32
N VAL A 9 -7.10 -10.57 -13.66
CA VAL A 9 -7.43 -10.62 -12.25
C VAL A 9 -6.22 -10.23 -11.39
N VAL A 10 -6.48 -9.55 -10.27
CA VAL A 10 -5.44 -9.09 -9.35
C VAL A 10 -5.95 -9.20 -7.92
N GLU A 11 -5.03 -9.32 -6.97
CA GLU A 11 -5.35 -9.41 -5.55
C GLU A 11 -5.60 -8.03 -4.96
N LYS A 12 -6.26 -8.01 -3.79
CA LYS A 12 -6.57 -6.78 -3.08
C LYS A 12 -6.50 -6.95 -1.57
N ILE A 13 -6.14 -5.86 -0.89
CA ILE A 13 -6.07 -5.77 0.56
C ILE A 13 -6.48 -4.35 0.97
N LYS A 14 -7.06 -4.20 2.16
CA LYS A 14 -7.43 -2.90 2.70
C LYS A 14 -7.25 -2.89 4.21
N GLN A 15 -6.67 -1.80 4.74
CA GLN A 15 -6.44 -1.66 6.17
C GLN A 15 -6.29 -0.18 6.54
N TRP A 16 -6.69 0.17 7.77
CA TRP A 16 -6.60 1.52 8.29
C TRP A 16 -5.26 1.75 9.00
N ILE A 17 -4.78 3.00 8.95
CA ILE A 17 -3.63 3.45 9.72
C ILE A 17 -3.99 4.81 10.31
N PRO A 18 -3.54 5.11 11.54
CA PRO A 18 -3.83 6.35 12.21
C PRO A 18 -3.25 7.52 11.44
N THR A 19 -3.93 8.67 11.44
CA THR A 19 -3.50 9.85 10.71
C THR A 19 -2.14 10.41 11.12
N THR A 20 -1.60 9.92 12.24
CA THR A 20 -0.30 10.31 12.75
C THR A 20 0.90 9.72 12.00
N GLU A 21 0.65 8.79 11.09
CA GLU A 21 1.70 8.17 10.30
C GLU A 21 1.37 8.09 8.81
N VAL A 22 0.23 8.66 8.39
CA VAL A 22 -0.10 8.72 6.97
C VAL A 22 0.93 9.57 6.25
N GLY A 23 1.55 10.51 6.97
CA GLY A 23 2.56 11.39 6.41
C GLY A 23 3.86 10.67 6.08
N LYS A 24 4.04 9.44 6.60
CA LYS A 24 5.22 8.65 6.30
C LYS A 24 5.10 7.96 4.95
N ILE A 25 3.86 7.70 4.50
CA ILE A 25 3.61 7.06 3.22
C ILE A 25 3.58 8.11 2.11
N LEU A 26 2.93 9.24 2.38
CA LEU A 26 2.71 10.28 1.39
C LEU A 26 3.78 11.37 1.44
N GLY A 27 4.75 11.23 2.34
CA GLY A 27 5.83 12.21 2.48
C GLY A 27 6.71 12.25 1.24
N ASN A 28 7.32 13.41 0.97
CA ASN A 28 8.19 13.63 -0.17
C ASN A 28 7.55 13.12 -1.46
N ARG A 29 6.42 13.73 -1.86
CA ARG A 29 5.73 13.39 -3.10
C ARG A 29 5.35 11.91 -3.14
N ALA A 30 5.03 11.33 -1.98
CA ALA A 30 4.70 9.92 -1.82
C ALA A 30 5.79 8.99 -2.36
N ALA A 31 7.04 9.46 -2.40
CA ALA A 31 8.15 8.66 -2.89
C ALA A 31 8.34 7.39 -2.05
N VAL A 32 7.88 7.41 -0.80
CA VAL A 32 7.97 6.25 0.08
C VAL A 32 6.96 5.19 -0.37
N LYS A 33 5.77 5.62 -0.82
CA LYS A 33 4.76 4.70 -1.30
C LYS A 33 5.21 4.09 -2.63
N LYS A 34 5.82 4.94 -3.48
CA LYS A 34 6.31 4.53 -4.79
C LYS A 34 7.49 3.57 -4.68
N HIS A 35 8.22 3.61 -3.57
CA HIS A 35 9.34 2.70 -3.34
C HIS A 35 8.83 1.28 -3.08
N ILE A 36 7.68 1.16 -2.41
CA ILE A 36 7.11 -0.14 -2.10
C ILE A 36 6.49 -0.76 -3.36
N GLU A 37 6.00 0.08 -4.28
CA GLU A 37 5.39 -0.40 -5.52
C GLU A 37 6.42 -1.02 -6.45
N ARG A 38 7.67 -0.54 -6.42
CA ARG A 38 8.74 -1.11 -7.23
C ARG A 38 9.45 -2.24 -6.49
N GLN A 39 9.22 -2.32 -5.17
CA GLN A 39 9.83 -3.35 -4.33
C GLN A 39 9.04 -4.67 -4.44
N PHE A 40 7.73 -4.58 -4.70
CA PHE A 40 6.86 -5.73 -4.80
C PHE A 40 6.03 -5.83 -6.08
N ASN A 41 6.30 -4.95 -7.05
CA ASN A 41 5.56 -4.84 -8.29
C ASN A 41 4.07 -4.58 -8.05
N CYS A 42 3.70 -4.18 -6.83
CA CYS A 42 2.33 -3.91 -6.43
C CYS A 42 1.99 -2.45 -6.69
N VAL A 43 0.75 -2.06 -6.33
CA VAL A 43 0.28 -0.69 -6.37
C VAL A 43 -0.41 -0.41 -5.04
N ILE A 44 -0.28 0.82 -4.53
CA ILE A 44 -0.85 1.19 -3.25
C ILE A 44 -1.61 2.51 -3.38
N THR A 45 -2.73 2.63 -2.68
CA THR A 45 -3.57 3.81 -2.71
C THR A 45 -4.12 4.26 -1.37
N VAL A 46 -3.64 5.42 -0.89
CA VAL A 46 -4.15 6.01 0.34
C VAL A 46 -5.43 6.78 0.01
N HIS A 47 -6.38 6.81 0.95
CA HIS A 47 -7.68 7.44 0.76
C HIS A 47 -7.97 8.43 1.89
N THR A 48 -7.17 9.50 1.97
CA THR A 48 -7.38 10.57 2.94
C THR A 48 -8.72 11.29 2.81
N GLU A 49 -9.43 11.02 1.70
CA GLU A 49 -10.79 11.48 1.47
C GLU A 49 -11.77 10.73 2.38
N VAL A 50 -11.25 9.82 3.21
CA VAL A 50 -12.02 9.05 4.18
C VAL A 50 -11.40 9.11 5.56
N GLN A 51 -12.24 9.14 6.60
CA GLN A 51 -11.79 9.13 7.97
C GLN A 51 -12.89 8.62 8.89
N SER A 52 -12.63 7.51 9.57
CA SER A 52 -13.56 6.94 10.54
C SER A 52 -13.37 7.59 11.90
N SER A 53 -14.30 7.32 12.83
CA SER A 53 -14.21 7.83 14.20
C SER A 53 -12.98 7.27 14.91
N PHE A 54 -12.32 6.27 14.31
CA PHE A 54 -11.10 5.69 14.84
C PHE A 54 -9.90 6.64 14.79
N GLY A 55 -10.02 7.74 14.04
CA GLY A 55 -8.94 8.69 13.88
C GLY A 55 -7.90 8.16 12.89
N ALA A 56 -8.35 7.41 11.88
CA ALA A 56 -7.47 6.75 10.93
C ALA A 56 -7.94 6.91 9.49
N THR A 57 -7.03 6.67 8.55
CA THR A 57 -7.27 6.81 7.12
C THR A 57 -7.05 5.41 6.54
N PRO A 58 -7.95 4.94 5.67
CA PRO A 58 -7.84 3.64 5.02
C PRO A 58 -6.85 3.67 3.87
N VAL A 59 -6.28 2.50 3.54
CA VAL A 59 -5.33 2.33 2.45
C VAL A 59 -5.64 1.04 1.69
N GLU A 60 -5.40 1.03 0.39
CA GLU A 60 -5.65 -0.12 -0.47
C GLU A 60 -4.36 -0.60 -1.13
N ILE A 61 -4.31 -1.88 -1.49
CA ILE A 61 -3.16 -2.49 -2.14
C ILE A 61 -3.64 -3.40 -3.28
N VAL A 62 -2.85 -3.48 -4.35
CA VAL A 62 -3.14 -4.33 -5.50
C VAL A 62 -1.85 -4.99 -5.97
N ALA A 63 -1.92 -6.29 -6.34
CA ALA A 63 -0.76 -7.02 -6.82
C ALA A 63 -1.18 -8.22 -7.65
N GLN A 64 -0.21 -8.83 -8.35
CA GLN A 64 -0.48 -9.95 -9.23
C GLN A 64 -0.81 -11.22 -8.44
N ASN A 65 -0.39 -11.29 -7.17
CA ASN A 65 -0.57 -12.49 -6.36
C ASN A 65 -0.47 -12.17 -4.86
N LYS A 66 -0.87 -13.11 -4.01
CA LYS A 66 -0.84 -12.92 -2.57
C LYS A 66 0.59 -12.93 -2.03
N GLU A 67 1.50 -13.59 -2.74
CA GLU A 67 2.91 -13.67 -2.36
C GLU A 67 3.62 -12.33 -2.51
N GLN A 68 2.92 -11.29 -2.98
CA GLN A 68 3.46 -9.95 -3.10
C GLN A 68 2.52 -8.91 -2.52
N CYS A 69 1.21 -9.20 -2.47
CA CYS A 69 0.24 -8.26 -1.92
C CYS A 69 0.38 -8.23 -0.40
N GLN A 70 0.65 -9.39 0.21
CA GLN A 70 0.82 -9.48 1.66
C GLN A 70 2.15 -8.89 2.10
N GLU A 71 3.16 -8.95 1.24
CA GLU A 71 4.47 -8.42 1.58
C GLU A 71 4.43 -6.89 1.55
N ALA A 72 3.60 -6.31 0.67
CA ALA A 72 3.43 -4.88 0.61
C ALA A 72 2.55 -4.38 1.74
N ARG A 73 1.72 -5.26 2.30
CA ARG A 73 0.87 -4.97 3.45
C ARG A 73 1.70 -4.92 4.73
N ASN A 74 2.49 -5.97 4.97
CA ASN A 74 3.33 -6.06 6.15
C ASN A 74 4.49 -5.07 6.10
N ALA A 75 4.76 -4.50 4.93
CA ALA A 75 5.81 -3.50 4.75
C ALA A 75 5.32 -2.10 5.11
N VAL A 76 4.03 -1.94 5.48
CA VAL A 76 3.45 -0.65 5.81
C VAL A 76 2.87 -0.62 7.23
N MET A 77 2.72 -1.80 7.86
CA MET A 77 2.16 -1.88 9.20
C MET A 77 3.22 -1.81 10.29
N SER A 78 4.49 -1.70 9.93
CA SER A 78 5.56 -1.59 10.92
C SER A 78 6.83 -0.95 10.34
N LEU A 79 7.19 -1.31 9.10
CA LEU A 79 8.42 -0.79 8.48
C LEU A 79 8.17 0.53 7.77
N MET A 80 7.04 0.63 7.07
CA MET A 80 6.61 1.78 6.27
C MET A 80 7.61 2.21 5.21
N GLN A 81 8.78 1.57 5.13
CA GLN A 81 9.84 1.86 4.19
C GLN A 81 10.22 3.36 4.14
N SER A 82 9.89 4.10 5.20
CA SER A 82 10.15 5.53 5.28
C SER A 82 11.63 5.83 5.57
N HIS A 83 12.48 4.80 5.56
CA HIS A 83 13.90 4.92 5.82
C HIS A 83 14.66 5.59 4.68
N GLN A 84 13.95 6.26 3.77
CA GLN A 84 14.56 6.92 2.61
C GLN A 84 15.36 8.15 3.04
N ASP A 85 15.18 8.60 4.29
CA ASP A 85 15.88 9.75 4.85
C ASP A 85 15.71 11.07 4.11
N LYS A 86 14.75 11.13 3.18
CA LYS A 86 14.46 12.33 2.39
C LYS A 86 12.96 12.45 2.15
N SER A 1 -3.39 -2.40 -28.98
CA SER A 1 -2.07 -2.68 -28.40
C SER A 1 -2.21 -3.10 -26.93
N GLY A 2 -1.13 -3.60 -26.32
CA GLY A 2 -1.12 -4.01 -24.93
C GLY A 2 -1.78 -5.37 -24.72
N SER A 3 -2.15 -6.06 -25.81
CA SER A 3 -2.79 -7.36 -25.74
C SER A 3 -1.83 -8.40 -25.16
N HIS A 4 -2.38 -9.38 -24.43
CA HIS A 4 -1.60 -10.44 -23.81
C HIS A 4 -2.49 -11.64 -23.52
N MET A 5 -1.89 -12.84 -23.48
CA MET A 5 -2.62 -14.07 -23.21
C MET A 5 -2.67 -14.40 -21.71
N LYS A 6 -1.90 -13.66 -20.90
CA LYS A 6 -1.86 -13.87 -19.46
C LYS A 6 -3.13 -13.34 -18.80
N THR A 7 -3.33 -13.72 -17.54
CA THR A 7 -4.49 -13.30 -16.75
C THR A 7 -4.58 -11.81 -16.48
N CYS A 8 -5.80 -11.35 -16.14
CA CYS A 8 -6.06 -9.97 -15.80
C CYS A 8 -6.57 -9.83 -14.37
N VAL A 9 -6.75 -10.95 -13.67
CA VAL A 9 -7.19 -10.95 -12.28
C VAL A 9 -6.10 -10.44 -11.34
N VAL A 10 -6.50 -9.77 -10.26
CA VAL A 10 -5.59 -9.21 -9.28
C VAL A 10 -6.13 -9.35 -7.87
N GLU A 11 -5.22 -9.40 -6.91
CA GLU A 11 -5.54 -9.49 -5.49
C GLU A 11 -5.74 -8.11 -4.87
N LYS A 12 -6.39 -8.05 -3.71
CA LYS A 12 -6.65 -6.81 -2.99
C LYS A 12 -6.57 -6.99 -1.48
N ILE A 13 -6.17 -5.92 -0.81
CA ILE A 13 -6.07 -5.83 0.65
C ILE A 13 -6.46 -4.41 1.06
N LYS A 14 -7.02 -4.26 2.26
CA LYS A 14 -7.38 -2.96 2.80
C LYS A 14 -7.06 -2.92 4.30
N GLN A 15 -6.52 -1.80 4.78
CA GLN A 15 -6.19 -1.64 6.18
C GLN A 15 -6.05 -0.16 6.54
N TRP A 16 -6.37 0.18 7.79
CA TRP A 16 -6.30 1.53 8.32
C TRP A 16 -4.94 1.78 8.98
N ILE A 17 -4.45 3.02 8.87
CA ILE A 17 -3.26 3.46 9.59
C ILE A 17 -3.60 4.81 10.22
N PRO A 18 -3.05 5.11 11.40
CA PRO A 18 -3.31 6.35 12.11
C PRO A 18 -2.84 7.54 11.26
N THR A 19 -3.64 8.61 11.25
CA THR A 19 -3.35 9.78 10.43
C THR A 19 -2.02 10.49 10.72
N THR A 20 -1.41 10.17 11.86
CA THR A 20 -0.11 10.70 12.24
C THR A 20 1.07 10.04 11.55
N GLU A 21 0.83 8.89 10.90
CA GLU A 21 1.87 8.16 10.17
C GLU A 21 1.69 8.30 8.67
N VAL A 22 0.55 8.83 8.22
CA VAL A 22 0.29 9.04 6.80
C VAL A 22 1.29 10.03 6.23
N GLY A 23 1.85 10.90 7.08
CA GLY A 23 2.82 11.89 6.65
C GLY A 23 4.13 11.24 6.21
N LYS A 24 4.36 9.97 6.54
CA LYS A 24 5.55 9.24 6.11
C LYS A 24 5.33 8.57 4.76
N ILE A 25 4.06 8.31 4.40
CA ILE A 25 3.74 7.65 3.14
C ILE A 25 3.60 8.68 2.02
N LEU A 26 3.13 9.89 2.33
CA LEU A 26 2.79 10.90 1.32
C LEU A 26 3.55 12.22 1.51
N GLY A 27 4.17 12.43 2.67
CA GLY A 27 4.82 13.69 3.02
C GLY A 27 6.19 13.85 2.38
N ASN A 28 6.54 12.99 1.41
CA ASN A 28 7.84 12.97 0.76
C ASN A 28 7.68 12.72 -0.73
N ARG A 29 6.73 13.42 -1.37
CA ARG A 29 6.36 13.18 -2.76
C ARG A 29 5.96 11.72 -2.98
N ALA A 30 5.45 11.10 -1.90
CA ALA A 30 5.05 9.71 -1.87
C ALA A 30 6.18 8.75 -2.23
N ALA A 31 7.44 9.16 -2.02
CA ALA A 31 8.59 8.34 -2.35
C ALA A 31 8.59 7.01 -1.58
N VAL A 32 7.96 6.97 -0.40
CA VAL A 32 7.88 5.76 0.40
C VAL A 32 6.86 4.83 -0.26
N LYS A 33 5.76 5.36 -0.79
CA LYS A 33 4.74 4.53 -1.43
C LYS A 33 5.26 4.01 -2.77
N LYS A 34 5.95 4.88 -3.51
CA LYS A 34 6.48 4.55 -4.83
C LYS A 34 7.61 3.54 -4.76
N HIS A 35 8.35 3.49 -3.64
CA HIS A 35 9.43 2.52 -3.48
C HIS A 35 8.87 1.11 -3.26
N ILE A 36 7.84 0.99 -2.43
CA ILE A 36 7.27 -0.31 -2.10
C ILE A 36 6.55 -0.91 -3.32
N GLU A 37 6.04 -0.07 -4.21
CA GLU A 37 5.41 -0.53 -5.44
C GLU A 37 6.43 -1.14 -6.39
N ARG A 38 7.69 -0.70 -6.32
CA ARG A 38 8.77 -1.25 -7.15
C ARG A 38 9.44 -2.43 -6.44
N GLN A 39 9.25 -2.54 -5.12
CA GLN A 39 9.83 -3.60 -4.31
C GLN A 39 9.04 -4.90 -4.46
N PHE A 40 7.74 -4.79 -4.77
CA PHE A 40 6.85 -5.95 -4.89
C PHE A 40 6.02 -5.99 -6.17
N ASN A 41 6.30 -5.04 -7.09
CA ASN A 41 5.56 -4.88 -8.34
C ASN A 41 4.07 -4.67 -8.08
N CYS A 42 3.71 -4.29 -6.85
CA CYS A 42 2.33 -4.04 -6.45
C CYS A 42 1.97 -2.58 -6.69
N VAL A 43 0.74 -2.21 -6.31
CA VAL A 43 0.25 -0.83 -6.36
C VAL A 43 -0.41 -0.53 -5.03
N ILE A 44 -0.29 0.71 -4.55
CA ILE A 44 -0.85 1.12 -3.27
C ILE A 44 -1.59 2.43 -3.42
N THR A 45 -2.72 2.57 -2.70
CA THR A 45 -3.54 3.77 -2.74
C THR A 45 -4.05 4.24 -1.38
N VAL A 46 -3.60 5.42 -0.94
CA VAL A 46 -4.07 6.02 0.31
C VAL A 46 -5.38 6.76 0.05
N HIS A 47 -6.25 6.82 1.06
CA HIS A 47 -7.57 7.43 0.95
C HIS A 47 -7.85 8.39 2.11
N THR A 48 -7.03 9.43 2.23
CA THR A 48 -7.22 10.47 3.23
C THR A 48 -8.56 11.20 3.13
N GLU A 49 -9.27 11.00 2.02
CA GLU A 49 -10.59 11.57 1.78
C GLU A 49 -11.65 10.91 2.67
N VAL A 50 -11.33 9.75 3.25
CA VAL A 50 -12.22 9.03 4.15
C VAL A 50 -12.02 9.49 5.59
N GLN A 51 -13.09 9.41 6.38
CA GLN A 51 -13.07 9.69 7.79
C GLN A 51 -14.00 8.73 8.52
N SER A 52 -13.49 8.09 9.57
CA SER A 52 -14.26 7.16 10.38
C SER A 52 -13.90 7.30 11.85
N SER A 53 -14.70 6.71 12.74
CA SER A 53 -14.49 6.77 14.17
C SER A 53 -13.21 6.04 14.58
N PHE A 54 -12.54 5.39 13.63
CA PHE A 54 -11.25 4.74 13.88
C PHE A 54 -10.15 5.75 14.15
N GLY A 55 -10.35 7.02 13.78
CA GLY A 55 -9.34 8.04 13.95
C GLY A 55 -8.15 7.77 13.04
N ALA A 56 -8.42 7.12 11.89
CA ALA A 56 -7.38 6.64 10.99
C ALA A 56 -7.79 6.81 9.52
N THR A 57 -6.81 6.65 8.63
CA THR A 57 -7.01 6.78 7.18
C THR A 57 -6.83 5.37 6.62
N PRO A 58 -7.76 4.91 5.77
CA PRO A 58 -7.68 3.62 5.12
C PRO A 58 -6.72 3.63 3.95
N VAL A 59 -6.18 2.46 3.61
CA VAL A 59 -5.25 2.27 2.49
C VAL A 59 -5.59 0.99 1.74
N GLU A 60 -5.35 0.97 0.43
CA GLU A 60 -5.64 -0.16 -0.44
C GLU A 60 -4.37 -0.64 -1.13
N ILE A 61 -4.34 -1.93 -1.50
CA ILE A 61 -3.20 -2.55 -2.16
C ILE A 61 -3.69 -3.47 -3.28
N VAL A 62 -2.91 -3.57 -4.36
CA VAL A 62 -3.19 -4.44 -5.49
C VAL A 62 -1.93 -5.14 -5.97
N ALA A 63 -2.04 -6.42 -6.33
CA ALA A 63 -0.91 -7.20 -6.82
C ALA A 63 -1.40 -8.39 -7.65
N GLN A 64 -0.49 -9.04 -8.38
CA GLN A 64 -0.84 -10.18 -9.22
C GLN A 64 -1.18 -11.41 -8.36
N ASN A 65 -0.70 -11.45 -7.11
CA ASN A 65 -0.95 -12.56 -6.20
C ASN A 65 -0.82 -12.11 -4.75
N LYS A 66 -1.30 -12.94 -3.81
CA LYS A 66 -1.23 -12.64 -2.39
C LYS A 66 0.21 -12.67 -1.88
N GLU A 67 1.10 -13.32 -2.64
CA GLU A 67 2.51 -13.43 -2.30
C GLU A 67 3.24 -12.10 -2.47
N GLN A 68 2.55 -11.08 -2.99
CA GLN A 68 3.10 -9.74 -3.15
C GLN A 68 2.21 -8.69 -2.51
N CYS A 69 0.91 -8.99 -2.36
CA CYS A 69 -0.03 -8.05 -1.77
C CYS A 69 0.18 -7.99 -0.25
N GLN A 70 0.43 -9.16 0.37
CA GLN A 70 0.64 -9.22 1.81
C GLN A 70 2.02 -8.69 2.19
N GLU A 71 3.00 -8.86 1.30
CA GLU A 71 4.36 -8.37 1.57
C GLU A 71 4.39 -6.85 1.47
N ALA A 72 3.54 -6.28 0.62
CA ALA A 72 3.41 -4.84 0.50
C ALA A 72 2.58 -4.25 1.65
N ARG A 73 1.71 -5.06 2.26
CA ARG A 73 0.95 -4.65 3.44
C ARG A 73 1.89 -4.56 4.63
N ASN A 74 2.60 -5.65 4.90
CA ASN A 74 3.52 -5.74 6.02
C ASN A 74 4.71 -4.77 5.87
N ALA A 75 4.89 -4.23 4.66
CA ALA A 75 5.91 -3.22 4.40
C ALA A 75 5.43 -1.81 4.81
N VAL A 76 4.16 -1.68 5.20
CA VAL A 76 3.58 -0.40 5.59
C VAL A 76 2.94 -0.47 6.98
N MET A 77 2.76 -1.67 7.52
CA MET A 77 2.18 -1.85 8.85
C MET A 77 3.24 -1.86 9.95
N SER A 78 4.53 -1.76 9.59
CA SER A 78 5.59 -1.75 10.57
C SER A 78 6.88 -1.12 10.04
N LEU A 79 7.24 -1.40 8.78
CA LEU A 79 8.49 -0.91 8.21
C LEU A 79 8.32 0.49 7.63
N MET A 80 7.23 0.72 6.89
CA MET A 80 6.92 1.99 6.26
C MET A 80 8.09 2.56 5.45
N GLN A 81 9.00 1.67 5.00
CA GLN A 81 10.23 2.02 4.29
C GLN A 81 11.12 2.98 5.09
N SER A 82 10.80 3.17 6.38
CA SER A 82 11.55 4.06 7.26
C SER A 82 12.85 3.40 7.73
N HIS A 83 13.00 2.09 7.50
CA HIS A 83 14.20 1.35 7.87
C HIS A 83 15.40 1.75 7.02
N GLN A 84 16.60 1.33 7.44
CA GLN A 84 17.85 1.59 6.74
C GLN A 84 18.10 3.09 6.53
N ASP A 85 17.46 3.95 7.32
CA ASP A 85 17.62 5.40 7.21
C ASP A 85 18.98 5.92 7.67
N LYS A 86 19.76 5.05 8.31
CA LYS A 86 21.08 5.38 8.85
C LYS A 86 22.03 4.20 8.69
N SER A 1 -11.12 -14.96 -21.35
CA SER A 1 -10.21 -15.02 -22.52
C SER A 1 -10.07 -13.65 -23.14
N GLY A 2 -8.97 -13.39 -23.84
CA GLY A 2 -8.70 -12.12 -24.50
C GLY A 2 -7.39 -12.16 -25.27
N SER A 3 -7.11 -11.08 -26.01
CA SER A 3 -5.90 -10.96 -26.82
C SER A 3 -4.67 -10.67 -25.97
N HIS A 4 -4.87 -10.37 -24.68
CA HIS A 4 -3.77 -10.07 -23.76
C HIS A 4 -2.99 -11.34 -23.42
N MET A 5 -1.71 -11.16 -23.09
CA MET A 5 -0.82 -12.27 -22.72
C MET A 5 -1.04 -12.70 -21.27
N LYS A 6 -1.87 -11.96 -20.52
CA LYS A 6 -2.18 -12.26 -19.13
C LYS A 6 -3.55 -11.68 -18.77
N THR A 7 -4.23 -12.30 -17.80
CA THR A 7 -5.55 -11.88 -17.36
C THR A 7 -5.59 -10.53 -16.66
N CYS A 8 -6.77 -9.90 -16.66
CA CYS A 8 -7.00 -8.64 -15.97
C CYS A 8 -7.28 -8.85 -14.48
N VAL A 9 -7.25 -10.09 -14.00
CA VAL A 9 -7.51 -10.40 -12.61
C VAL A 9 -6.38 -9.95 -11.70
N VAL A 10 -6.72 -9.44 -10.52
CA VAL A 10 -5.75 -8.95 -9.54
C VAL A 10 -6.21 -9.24 -8.12
N GLU A 11 -5.25 -9.34 -7.20
CA GLU A 11 -5.50 -9.48 -5.77
C GLU A 11 -5.68 -8.10 -5.14
N LYS A 12 -6.30 -8.06 -3.96
CA LYS A 12 -6.56 -6.81 -3.25
C LYS A 12 -6.47 -6.98 -1.74
N ILE A 13 -6.09 -5.89 -1.07
CA ILE A 13 -5.99 -5.80 0.38
C ILE A 13 -6.42 -4.39 0.79
N LYS A 14 -7.02 -4.26 1.98
CA LYS A 14 -7.45 -2.98 2.51
C LYS A 14 -7.08 -2.92 4.00
N GLN A 15 -6.52 -1.80 4.43
CA GLN A 15 -6.08 -1.64 5.81
C GLN A 15 -6.02 -0.17 6.20
N TRP A 16 -6.19 0.11 7.50
CA TRP A 16 -6.18 1.45 8.05
C TRP A 16 -4.81 1.76 8.67
N ILE A 17 -4.46 3.05 8.68
CA ILE A 17 -3.29 3.57 9.37
C ILE A 17 -3.70 4.86 10.05
N PRO A 18 -3.17 5.17 11.24
CA PRO A 18 -3.52 6.38 11.96
C PRO A 18 -3.08 7.60 11.16
N THR A 19 -3.93 8.63 11.13
CA THR A 19 -3.65 9.84 10.37
C THR A 19 -2.40 10.60 10.79
N THR A 20 -1.88 10.27 11.98
CA THR A 20 -0.64 10.84 12.49
C THR A 20 0.63 10.20 11.95
N GLU A 21 0.49 9.10 11.21
CA GLU A 21 1.61 8.37 10.63
C GLU A 21 1.52 8.32 9.10
N VAL A 22 0.44 8.84 8.51
CA VAL A 22 0.29 8.88 7.06
C VAL A 22 1.42 9.73 6.46
N GLY A 23 1.98 10.64 7.26
CA GLY A 23 3.05 11.53 6.81
C GLY A 23 4.35 10.77 6.56
N LYS A 24 4.47 9.53 7.05
CA LYS A 24 5.65 8.71 6.79
C LYS A 24 5.55 7.99 5.45
N ILE A 25 4.41 8.12 4.76
CA ILE A 25 4.19 7.43 3.50
C ILE A 25 3.95 8.44 2.37
N LEU A 26 3.31 9.57 2.67
CA LEU A 26 2.91 10.56 1.69
C LEU A 26 3.54 11.94 1.93
N GLY A 27 4.42 12.05 2.93
CA GLY A 27 5.01 13.32 3.33
C GLY A 27 6.10 13.81 2.39
N ASN A 28 6.38 13.08 1.31
CA ASN A 28 7.43 13.42 0.37
C ASN A 28 7.06 13.00 -1.06
N ARG A 29 5.97 13.57 -1.58
CA ARG A 29 5.44 13.24 -2.91
C ARG A 29 5.18 11.74 -3.05
N ALA A 30 4.86 11.09 -1.92
CA ALA A 30 4.59 9.67 -1.84
C ALA A 30 5.74 8.82 -2.38
N ALA A 31 6.98 9.33 -2.36
CA ALA A 31 8.13 8.60 -2.84
C ALA A 31 8.36 7.32 -2.04
N VAL A 32 7.89 7.29 -0.78
CA VAL A 32 8.00 6.11 0.05
C VAL A 32 7.01 5.04 -0.42
N LYS A 33 5.80 5.46 -0.83
CA LYS A 33 4.80 4.52 -1.32
C LYS A 33 5.24 3.94 -2.66
N LYS A 34 5.82 4.78 -3.51
CA LYS A 34 6.27 4.37 -4.84
C LYS A 34 7.45 3.41 -4.77
N HIS A 35 8.19 3.42 -3.64
CA HIS A 35 9.32 2.51 -3.45
C HIS A 35 8.83 1.10 -3.15
N ILE A 36 7.68 0.96 -2.49
CA ILE A 36 7.12 -0.34 -2.17
C ILE A 36 6.53 -0.97 -3.43
N GLU A 37 6.03 -0.14 -4.34
CA GLU A 37 5.44 -0.61 -5.59
C GLU A 37 6.49 -1.26 -6.50
N ARG A 38 7.74 -0.82 -6.41
CA ARG A 38 8.83 -1.38 -7.20
C ARG A 38 9.60 -2.46 -6.44
N GLN A 39 9.25 -2.65 -5.15
CA GLN A 39 9.88 -3.66 -4.31
C GLN A 39 9.13 -4.99 -4.41
N PHE A 40 7.83 -4.92 -4.70
CA PHE A 40 6.98 -6.10 -4.77
C PHE A 40 6.12 -6.13 -6.04
N ASN A 41 6.38 -5.23 -6.99
CA ASN A 41 5.62 -5.09 -8.22
C ASN A 41 4.13 -4.82 -7.95
N CYS A 42 3.79 -4.41 -6.73
CA CYS A 42 2.43 -4.12 -6.33
C CYS A 42 2.07 -2.67 -6.65
N VAL A 43 0.83 -2.27 -6.35
CA VAL A 43 0.37 -0.90 -6.47
C VAL A 43 -0.34 -0.54 -5.18
N ILE A 44 -0.23 0.71 -4.73
CA ILE A 44 -0.80 1.15 -3.47
C ILE A 44 -1.50 2.50 -3.65
N THR A 45 -2.65 2.67 -2.99
CA THR A 45 -3.42 3.91 -3.06
C THR A 45 -4.02 4.37 -1.73
N VAL A 46 -3.86 5.65 -1.41
CA VAL A 46 -4.46 6.23 -0.22
C VAL A 46 -5.89 6.71 -0.47
N HIS A 47 -6.68 6.82 0.59
CA HIS A 47 -8.04 7.35 0.52
C HIS A 47 -8.27 8.32 1.68
N THR A 48 -7.46 9.38 1.74
CA THR A 48 -7.59 10.42 2.76
C THR A 48 -8.93 11.15 2.76
N GLU A 49 -9.74 10.91 1.72
CA GLU A 49 -11.11 11.41 1.64
C GLU A 49 -12.00 10.71 2.68
N VAL A 50 -11.46 9.66 3.32
CA VAL A 50 -12.14 8.90 4.37
C VAL A 50 -11.52 9.16 5.73
N GLN A 51 -12.33 9.11 6.79
CA GLN A 51 -11.86 9.23 8.16
C GLN A 51 -12.67 8.27 9.04
N SER A 52 -11.97 7.39 9.75
CA SER A 52 -12.61 6.43 10.63
C SER A 52 -13.08 7.07 11.92
N SER A 53 -13.81 6.31 12.74
CA SER A 53 -14.24 6.73 14.06
C SER A 53 -13.09 6.63 15.06
N PHE A 54 -11.89 6.29 14.57
CA PHE A 54 -10.70 6.11 15.38
C PHE A 54 -9.47 6.93 15.00
N GLY A 55 -9.63 7.93 14.12
CA GLY A 55 -8.54 8.81 13.74
C GLY A 55 -7.58 8.16 12.76
N ALA A 56 -8.10 7.38 11.80
CA ALA A 56 -7.27 6.68 10.83
C ALA A 56 -7.78 6.88 9.41
N THR A 57 -6.93 6.56 8.43
CA THR A 57 -7.21 6.72 7.01
C THR A 57 -6.97 5.34 6.40
N PRO A 58 -7.90 4.85 5.57
CA PRO A 58 -7.78 3.55 4.91
C PRO A 58 -6.90 3.64 3.66
N VAL A 59 -6.34 2.51 3.26
CA VAL A 59 -5.53 2.38 2.05
C VAL A 59 -5.85 1.12 1.26
N GLU A 60 -5.52 1.12 -0.03
CA GLU A 60 -5.74 0.00 -0.93
C GLU A 60 -4.40 -0.54 -1.43
N ILE A 61 -4.33 -1.84 -1.71
CA ILE A 61 -3.16 -2.48 -2.28
C ILE A 61 -3.62 -3.43 -3.39
N VAL A 62 -2.82 -3.55 -4.45
CA VAL A 62 -3.14 -4.42 -5.58
C VAL A 62 -1.88 -5.16 -6.04
N ALA A 63 -2.04 -6.41 -6.47
CA ALA A 63 -0.93 -7.24 -6.92
C ALA A 63 -1.43 -8.38 -7.80
N GLN A 64 -0.50 -9.08 -8.47
CA GLN A 64 -0.85 -10.23 -9.29
C GLN A 64 -1.14 -11.46 -8.41
N ASN A 65 -0.66 -11.47 -7.16
CA ASN A 65 -0.86 -12.58 -6.26
C ASN A 65 -0.73 -12.15 -4.80
N LYS A 66 -1.21 -12.98 -3.86
CA LYS A 66 -1.16 -12.67 -2.44
C LYS A 66 0.25 -12.80 -1.88
N GLU A 67 1.10 -13.59 -2.53
CA GLU A 67 2.48 -13.80 -2.11
C GLU A 67 3.32 -12.53 -2.25
N GLN A 68 2.74 -11.47 -2.83
CA GLN A 68 3.39 -10.18 -2.94
C GLN A 68 2.51 -9.07 -2.36
N CYS A 69 1.18 -9.24 -2.38
CA CYS A 69 0.28 -8.22 -1.87
C CYS A 69 0.42 -8.13 -0.36
N GLN A 70 0.63 -9.28 0.31
CA GLN A 70 0.81 -9.31 1.76
C GLN A 70 2.15 -8.69 2.16
N GLU A 71 3.17 -8.82 1.31
CA GLU A 71 4.48 -8.27 1.60
C GLU A 71 4.43 -6.75 1.47
N ALA A 72 3.60 -6.25 0.56
CA ALA A 72 3.43 -4.81 0.37
C ALA A 72 2.52 -4.22 1.46
N ARG A 73 1.74 -5.05 2.14
CA ARG A 73 0.89 -4.61 3.25
C ARG A 73 1.71 -4.54 4.53
N ASN A 74 2.43 -5.62 4.84
CA ASN A 74 3.14 -5.74 6.10
C ASN A 74 4.40 -4.87 6.14
N ALA A 75 4.84 -4.38 4.98
CA ALA A 75 5.92 -3.42 4.90
C ALA A 75 5.44 -2.02 5.32
N VAL A 76 4.14 -1.87 5.58
CA VAL A 76 3.52 -0.60 5.93
C VAL A 76 2.95 -0.60 7.36
N MET A 77 2.88 -1.78 8.01
CA MET A 77 2.28 -1.88 9.33
C MET A 77 3.20 -1.45 10.47
N SER A 78 4.53 -1.50 10.24
CA SER A 78 5.49 -1.11 11.27
C SER A 78 6.79 -0.56 10.69
N LEU A 79 7.20 -1.06 9.53
CA LEU A 79 8.41 -0.56 8.87
C LEU A 79 8.11 0.74 8.14
N MET A 80 6.91 0.83 7.56
CA MET A 80 6.43 1.98 6.81
C MET A 80 7.42 2.41 5.73
N GLN A 81 8.30 1.50 5.33
CA GLN A 81 9.36 1.72 4.36
C GLN A 81 10.18 2.97 4.71
N SER A 82 10.31 3.26 6.01
CA SER A 82 11.08 4.40 6.47
C SER A 82 12.57 4.26 6.12
N HIS A 83 13.00 3.02 5.83
CA HIS A 83 14.36 2.71 5.42
C HIS A 83 14.38 1.41 4.62
N GLN A 84 15.21 1.36 3.58
CA GLN A 84 15.29 0.23 2.67
C GLN A 84 16.30 -0.82 3.14
N ASP A 85 16.84 -0.66 4.35
CA ASP A 85 17.83 -1.55 4.92
C ASP A 85 19.14 -1.72 4.13
N LYS A 86 19.42 -0.77 3.23
CA LYS A 86 20.61 -0.77 2.36
C LYS A 86 21.13 0.64 2.18
N SER A 1 4.78 -11.69 -22.37
CA SER A 1 4.84 -12.06 -20.94
C SER A 1 3.48 -11.93 -20.29
N GLY A 2 3.29 -12.57 -19.13
CA GLY A 2 2.04 -12.52 -18.40
C GLY A 2 2.03 -13.46 -17.20
N SER A 3 0.92 -13.47 -16.47
CA SER A 3 0.72 -14.33 -15.32
C SER A 3 -0.77 -14.56 -15.09
N HIS A 4 -1.11 -15.64 -14.38
CA HIS A 4 -2.50 -16.01 -14.07
C HIS A 4 -3.41 -15.91 -15.29
N MET A 5 -2.94 -16.44 -16.43
CA MET A 5 -3.67 -16.46 -17.69
C MET A 5 -4.05 -15.06 -18.20
N LYS A 6 -3.32 -14.03 -17.76
CA LYS A 6 -3.51 -12.65 -18.19
C LYS A 6 -4.95 -12.16 -17.99
N THR A 7 -5.68 -12.75 -17.04
CA THR A 7 -7.04 -12.35 -16.73
C THR A 7 -6.98 -10.95 -16.14
N CYS A 8 -8.12 -10.25 -16.17
CA CYS A 8 -8.21 -8.88 -15.66
C CYS A 8 -8.31 -8.83 -14.14
N VAL A 9 -8.48 -9.97 -13.48
CA VAL A 9 -8.58 -10.04 -12.02
C VAL A 9 -7.22 -9.85 -11.35
N VAL A 10 -7.24 -9.27 -10.14
CA VAL A 10 -6.05 -8.99 -9.35
C VAL A 10 -6.37 -9.14 -7.87
N GLU A 11 -5.35 -9.33 -7.05
CA GLU A 11 -5.51 -9.46 -5.61
C GLU A 11 -5.68 -8.10 -4.95
N LYS A 12 -6.27 -8.07 -3.76
CA LYS A 12 -6.53 -6.84 -3.02
C LYS A 12 -6.44 -7.02 -1.51
N ILE A 13 -6.01 -5.95 -0.83
CA ILE A 13 -5.94 -5.85 0.62
C ILE A 13 -6.30 -4.43 1.02
N LYS A 14 -6.83 -4.25 2.24
CA LYS A 14 -7.19 -2.93 2.76
C LYS A 14 -6.84 -2.85 4.24
N GLN A 15 -6.33 -1.71 4.69
CA GLN A 15 -5.96 -1.51 6.08
C GLN A 15 -5.91 -0.03 6.44
N TRP A 16 -6.19 0.28 7.71
CA TRP A 16 -6.20 1.64 8.22
C TRP A 16 -4.86 1.96 8.90
N ILE A 17 -4.50 3.25 8.91
CA ILE A 17 -3.34 3.75 9.62
C ILE A 17 -3.72 5.03 10.35
N PRO A 18 -3.26 5.23 11.59
CA PRO A 18 -3.54 6.41 12.35
C PRO A 18 -2.85 7.61 11.69
N THR A 19 -3.43 8.81 11.83
CA THR A 19 -2.93 9.99 11.14
C THR A 19 -1.46 10.35 11.37
N THR A 20 -0.88 9.86 12.46
CA THR A 20 0.52 10.10 12.78
C THR A 20 1.50 9.29 11.93
N GLU A 21 1.00 8.27 11.21
CA GLU A 21 1.81 7.43 10.35
C GLU A 21 1.59 7.78 8.88
N VAL A 22 0.43 8.39 8.56
CA VAL A 22 0.12 8.76 7.19
C VAL A 22 1.08 9.85 6.69
N GLY A 23 1.54 10.70 7.61
CA GLY A 23 2.43 11.79 7.29
C GLY A 23 3.84 11.31 6.94
N LYS A 24 4.13 10.02 7.14
CA LYS A 24 5.43 9.45 6.80
C LYS A 24 5.39 8.79 5.43
N ILE A 25 4.21 8.33 5.00
CA ILE A 25 4.05 7.64 3.73
C ILE A 25 3.76 8.65 2.62
N LEU A 26 3.05 9.73 2.95
CA LEU A 26 2.56 10.71 1.97
C LEU A 26 3.08 12.12 2.27
N GLY A 27 4.04 12.26 3.19
CA GLY A 27 4.57 13.56 3.59
C GLY A 27 5.50 14.16 2.54
N ASN A 28 5.90 13.35 1.56
CA ASN A 28 6.78 13.76 0.48
C ASN A 28 6.07 13.44 -0.84
N ARG A 29 6.84 13.23 -1.91
CA ARG A 29 6.31 12.80 -3.21
C ARG A 29 5.84 11.35 -3.17
N ALA A 30 5.44 10.87 -1.98
CA ALA A 30 5.05 9.49 -1.72
C ALA A 30 6.14 8.50 -2.12
N ALA A 31 7.41 8.92 -2.03
CA ALA A 31 8.54 8.07 -2.40
C ALA A 31 8.60 6.82 -1.52
N VAL A 32 8.03 6.88 -0.31
CA VAL A 32 7.99 5.73 0.60
C VAL A 32 7.04 4.71 0.01
N LYS A 33 5.89 5.17 -0.51
CA LYS A 33 4.89 4.29 -1.08
C LYS A 33 5.37 3.74 -2.42
N LYS A 34 5.98 4.60 -3.24
CA LYS A 34 6.46 4.23 -4.56
C LYS A 34 7.63 3.27 -4.52
N HIS A 35 8.43 3.29 -3.43
CA HIS A 35 9.55 2.36 -3.30
C HIS A 35 9.04 0.95 -3.02
N ILE A 36 7.98 0.84 -2.21
CA ILE A 36 7.41 -0.46 -1.87
C ILE A 36 6.67 -1.05 -3.07
N GLU A 37 6.13 -0.20 -3.95
CA GLU A 37 5.49 -0.66 -5.17
C GLU A 37 6.50 -1.30 -6.12
N ARG A 38 7.74 -0.80 -6.13
CA ARG A 38 8.80 -1.35 -6.98
C ARG A 38 9.49 -2.53 -6.31
N GLN A 39 9.32 -2.68 -4.99
CA GLN A 39 9.93 -3.76 -4.23
C GLN A 39 9.16 -5.07 -4.40
N PHE A 40 7.86 -4.98 -4.67
CA PHE A 40 7.00 -6.15 -4.79
C PHE A 40 6.16 -6.14 -6.07
N ASN A 41 6.45 -5.19 -6.98
CA ASN A 41 5.72 -5.02 -8.23
C ASN A 41 4.22 -4.81 -8.00
N CYS A 42 3.85 -4.42 -6.77
CA CYS A 42 2.47 -4.14 -6.40
C CYS A 42 2.14 -2.66 -6.63
N VAL A 43 0.90 -2.28 -6.32
CA VAL A 43 0.44 -0.90 -6.39
C VAL A 43 -0.29 -0.57 -5.08
N ILE A 44 -0.19 0.67 -4.61
CA ILE A 44 -0.81 1.07 -3.36
C ILE A 44 -1.58 2.38 -3.55
N THR A 45 -2.73 2.49 -2.88
CA THR A 45 -3.61 3.65 -3.01
C THR A 45 -4.16 4.18 -1.69
N VAL A 46 -4.14 5.51 -1.53
CA VAL A 46 -4.73 6.16 -0.36
C VAL A 46 -6.19 6.56 -0.60
N HIS A 47 -6.96 6.69 0.48
CA HIS A 47 -8.35 7.10 0.45
C HIS A 47 -8.62 8.15 1.52
N THR A 48 -7.91 9.28 1.44
CA THR A 48 -8.02 10.37 2.41
C THR A 48 -9.39 11.02 2.49
N GLU A 49 -10.29 10.72 1.55
CA GLU A 49 -11.65 11.21 1.59
C GLU A 49 -12.47 10.45 2.63
N VAL A 50 -11.91 9.39 3.20
CA VAL A 50 -12.54 8.59 4.25
C VAL A 50 -12.00 8.95 5.62
N GLN A 51 -12.84 8.82 6.64
CA GLN A 51 -12.46 9.03 8.04
C GLN A 51 -13.17 7.98 8.90
N SER A 52 -12.38 7.23 9.68
CA SER A 52 -12.93 6.21 10.57
C SER A 52 -13.54 6.87 11.80
N SER A 53 -14.04 6.05 12.73
CA SER A 53 -14.61 6.53 13.99
C SER A 53 -13.52 7.18 14.86
N PHE A 54 -12.26 7.06 14.43
CA PHE A 54 -11.10 7.63 15.11
C PHE A 54 -10.18 8.53 14.28
N GLY A 55 -10.66 8.92 13.08
CA GLY A 55 -9.96 9.85 12.20
C GLY A 55 -8.83 9.20 11.40
N ALA A 56 -8.66 7.88 11.49
CA ALA A 56 -7.61 7.18 10.77
C ALA A 56 -7.91 7.14 9.28
N THR A 57 -6.87 6.93 8.46
CA THR A 57 -6.98 6.86 7.02
C THR A 57 -6.79 5.45 6.44
N PRO A 58 -7.75 4.96 5.65
CA PRO A 58 -7.66 3.65 5.01
C PRO A 58 -6.79 3.71 3.77
N VAL A 59 -6.15 2.58 3.45
CA VAL A 59 -5.35 2.39 2.25
C VAL A 59 -5.63 1.04 1.59
N GLU A 60 -5.34 0.94 0.30
CA GLU A 60 -5.58 -0.27 -0.49
C GLU A 60 -4.31 -0.70 -1.20
N ILE A 61 -4.24 -1.99 -1.54
CA ILE A 61 -3.09 -2.59 -2.21
C ILE A 61 -3.59 -3.48 -3.34
N VAL A 62 -2.80 -3.60 -4.41
CA VAL A 62 -3.13 -4.43 -5.56
C VAL A 62 -1.86 -5.13 -6.06
N ALA A 63 -1.98 -6.40 -6.45
CA ALA A 63 -0.86 -7.15 -6.99
C ALA A 63 -1.35 -8.34 -7.82
N GLN A 64 -0.44 -8.93 -8.60
CA GLN A 64 -0.75 -10.07 -9.44
C GLN A 64 -0.85 -11.35 -8.63
N ASN A 65 -0.39 -11.33 -7.38
CA ASN A 65 -0.31 -12.51 -6.52
C ASN A 65 -0.45 -12.11 -5.06
N LYS A 66 -0.94 -13.03 -4.22
CA LYS A 66 -1.03 -12.80 -2.79
C LYS A 66 0.37 -12.78 -2.18
N GLU A 67 1.33 -13.43 -2.85
CA GLU A 67 2.71 -13.47 -2.42
C GLU A 67 3.42 -12.13 -2.66
N GLN A 68 2.70 -11.17 -3.26
CA GLN A 68 3.23 -9.83 -3.51
C GLN A 68 2.35 -8.76 -2.87
N CYS A 69 1.07 -9.06 -2.64
CA CYS A 69 0.16 -8.11 -2.03
C CYS A 69 0.37 -8.08 -0.52
N GLN A 70 0.59 -9.25 0.09
CA GLN A 70 0.77 -9.35 1.53
C GLN A 70 2.12 -8.81 1.97
N GLU A 71 3.12 -8.83 1.09
CA GLU A 71 4.44 -8.34 1.44
C GLU A 71 4.43 -6.83 1.57
N ALA A 72 3.58 -6.15 0.79
CA ALA A 72 3.41 -4.70 0.89
C ALA A 72 2.53 -4.36 2.10
N ARG A 73 1.56 -5.24 2.40
CA ARG A 73 0.65 -5.03 3.53
C ARG A 73 1.40 -5.07 4.85
N ASN A 74 2.43 -5.91 4.94
CA ASN A 74 3.22 -6.03 6.15
C ASN A 74 4.42 -5.08 6.14
N ALA A 75 4.79 -4.53 4.99
CA ALA A 75 5.90 -3.60 4.91
C ALA A 75 5.47 -2.17 5.25
N VAL A 76 4.24 -1.78 4.91
CA VAL A 76 3.78 -0.42 5.16
C VAL A 76 3.41 -0.28 6.63
N MET A 77 3.16 -1.40 7.31
CA MET A 77 2.70 -1.39 8.69
C MET A 77 3.83 -1.50 9.70
N SER A 78 5.09 -1.58 9.26
CA SER A 78 6.21 -1.70 10.17
C SER A 78 7.53 -1.20 9.59
N LEU A 79 7.76 -1.40 8.29
CA LEU A 79 9.02 -0.98 7.67
C LEU A 79 8.96 0.47 7.23
N MET A 80 7.84 0.87 6.61
CA MET A 80 7.61 2.24 6.16
C MET A 80 8.78 2.80 5.35
N GLN A 81 9.59 1.91 4.74
CA GLN A 81 10.77 2.27 3.96
C GLN A 81 11.75 3.15 4.74
N SER A 82 11.67 3.15 6.07
CA SER A 82 12.51 4.00 6.91
C SER A 82 12.95 3.32 8.20
N HIS A 83 12.36 2.16 8.53
CA HIS A 83 12.74 1.41 9.73
C HIS A 83 14.14 0.84 9.58
N GLN A 84 14.79 0.50 10.71
CA GLN A 84 16.14 -0.05 10.71
C GLN A 84 16.35 -1.03 11.86
N ASP A 85 15.56 -0.93 12.93
CA ASP A 85 15.65 -1.82 14.07
C ASP A 85 14.99 -3.17 13.80
N LYS A 86 15.56 -3.92 12.84
CA LYS A 86 15.05 -5.24 12.47
C LYS A 86 15.33 -6.25 13.58
N SER A 1 -8.02 -20.11 -24.46
CA SER A 1 -7.78 -19.55 -23.12
C SER A 1 -8.74 -18.41 -22.81
N GLY A 2 -8.66 -17.31 -23.57
CA GLY A 2 -9.54 -16.16 -23.40
C GLY A 2 -9.18 -15.05 -24.38
N SER A 3 -9.91 -13.94 -24.31
CA SER A 3 -9.68 -12.78 -25.17
C SER A 3 -8.38 -12.04 -24.84
N HIS A 4 -7.74 -12.41 -23.72
CA HIS A 4 -6.51 -11.78 -23.26
C HIS A 4 -5.60 -12.83 -22.62
N MET A 5 -4.29 -12.52 -22.55
CA MET A 5 -3.32 -13.41 -21.95
C MET A 5 -3.48 -13.47 -20.43
N LYS A 6 -4.19 -12.50 -19.85
CA LYS A 6 -4.44 -12.41 -18.42
C LYS A 6 -5.76 -11.70 -18.15
N THR A 7 -6.53 -12.21 -17.19
CA THR A 7 -7.79 -11.63 -16.76
C THR A 7 -7.67 -10.31 -16.00
N CYS A 8 -8.73 -9.49 -16.03
CA CYS A 8 -8.73 -8.19 -15.36
C CYS A 8 -8.73 -8.29 -13.84
N VAL A 9 -8.92 -9.50 -13.30
CA VAL A 9 -8.93 -9.71 -11.85
C VAL A 9 -7.53 -9.57 -11.24
N VAL A 10 -7.48 -9.07 -10.00
CA VAL A 10 -6.24 -8.84 -9.26
C VAL A 10 -6.52 -9.04 -7.77
N GLU A 11 -5.45 -9.32 -7.02
CA GLU A 11 -5.56 -9.45 -5.57
C GLU A 11 -5.59 -8.08 -4.92
N LYS A 12 -6.22 -7.98 -3.75
CA LYS A 12 -6.33 -6.73 -3.01
C LYS A 12 -6.26 -6.93 -1.51
N ILE A 13 -5.85 -5.88 -0.81
CA ILE A 13 -5.80 -5.80 0.65
C ILE A 13 -6.17 -4.38 1.05
N LYS A 14 -6.76 -4.23 2.23
CA LYS A 14 -7.11 -2.92 2.77
C LYS A 14 -6.94 -2.92 4.29
N GLN A 15 -6.41 -1.82 4.82
CA GLN A 15 -6.21 -1.66 6.25
C GLN A 15 -6.15 -0.18 6.62
N TRP A 16 -6.53 0.14 7.86
CA TRP A 16 -6.52 1.50 8.36
C TRP A 16 -5.21 1.81 9.08
N ILE A 17 -4.76 3.07 8.97
CA ILE A 17 -3.61 3.57 9.70
C ILE A 17 -4.03 4.92 10.29
N PRO A 18 -3.54 5.27 11.49
CA PRO A 18 -3.89 6.52 12.14
C PRO A 18 -3.35 7.69 11.32
N THR A 19 -4.02 8.85 11.39
CA THR A 19 -3.63 10.01 10.61
C THR A 19 -2.20 10.51 10.82
N THR A 20 -1.60 10.16 11.95
CA THR A 20 -0.21 10.49 12.24
C THR A 20 0.80 9.63 11.48
N GLU A 21 0.33 8.52 10.88
CA GLU A 21 1.18 7.63 10.10
C GLU A 21 0.98 7.84 8.60
N VAL A 22 -0.02 8.63 8.20
CA VAL A 22 -0.23 8.93 6.78
C VAL A 22 0.94 9.75 6.25
N GLY A 23 1.61 10.50 7.12
CA GLY A 23 2.79 11.27 6.75
C GLY A 23 3.99 10.37 6.50
N LYS A 24 3.92 9.10 6.92
CA LYS A 24 4.97 8.14 6.70
C LYS A 24 4.85 7.49 5.31
N ILE A 25 3.82 7.87 4.55
CA ILE A 25 3.57 7.33 3.22
C ILE A 25 3.44 8.43 2.18
N LEU A 26 2.87 9.58 2.58
CA LEU A 26 2.59 10.69 1.68
C LEU A 26 3.34 11.96 2.07
N GLY A 27 4.31 11.85 2.99
CA GLY A 27 5.01 13.01 3.55
C GLY A 27 5.96 13.68 2.56
N ASN A 28 6.22 13.07 1.40
CA ASN A 28 7.11 13.64 0.40
C ASN A 28 6.76 13.10 -0.98
N ARG A 29 5.78 13.73 -1.65
CA ARG A 29 5.37 13.38 -3.01
C ARG A 29 5.04 11.89 -3.15
N ALA A 30 4.68 11.25 -2.03
CA ALA A 30 4.42 9.82 -1.97
C ALA A 30 5.59 8.98 -2.50
N ALA A 31 6.80 9.54 -2.52
CA ALA A 31 7.98 8.85 -3.00
C ALA A 31 8.29 7.63 -2.15
N VAL A 32 7.84 7.63 -0.90
CA VAL A 32 8.01 6.48 0.00
C VAL A 32 7.08 5.35 -0.42
N LYS A 33 5.87 5.69 -0.85
CA LYS A 33 4.89 4.70 -1.30
C LYS A 33 5.36 4.09 -2.62
N LYS A 34 5.89 4.93 -3.51
CA LYS A 34 6.36 4.52 -4.83
C LYS A 34 7.57 3.60 -4.76
N HIS A 35 8.31 3.61 -3.65
CA HIS A 35 9.44 2.71 -3.47
C HIS A 35 8.98 1.30 -3.13
N ILE A 36 7.90 1.18 -2.34
CA ILE A 36 7.38 -0.12 -1.94
C ILE A 36 6.73 -0.80 -3.15
N GLU A 37 6.21 -0.01 -4.09
CA GLU A 37 5.61 -0.54 -5.31
C GLU A 37 6.67 -1.15 -6.22
N ARG A 38 7.91 -0.65 -6.14
CA ARG A 38 9.02 -1.19 -6.92
C ARG A 38 9.74 -2.32 -6.17
N GLN A 39 9.47 -2.44 -4.87
CA GLN A 39 10.07 -3.48 -4.04
C GLN A 39 9.33 -4.81 -4.22
N PHE A 40 8.03 -4.75 -4.52
CA PHE A 40 7.20 -5.93 -4.66
C PHE A 40 6.38 -5.98 -5.94
N ASN A 41 6.65 -5.06 -6.87
CA ASN A 41 5.93 -4.92 -8.13
C ASN A 41 4.43 -4.72 -7.93
N CYS A 42 4.02 -4.38 -6.71
CA CYS A 42 2.63 -4.14 -6.35
C CYS A 42 2.27 -2.67 -6.60
N VAL A 43 1.04 -2.30 -6.25
CA VAL A 43 0.56 -0.93 -6.30
C VAL A 43 -0.12 -0.61 -4.97
N ILE A 44 -0.04 0.64 -4.51
CA ILE A 44 -0.63 1.06 -3.25
C ILE A 44 -1.43 2.35 -3.45
N THR A 45 -2.58 2.45 -2.78
CA THR A 45 -3.46 3.61 -2.90
C THR A 45 -4.05 4.07 -1.58
N VAL A 46 -3.53 5.17 -1.04
CA VAL A 46 -4.07 5.79 0.16
C VAL A 46 -5.36 6.54 -0.16
N HIS A 47 -6.30 6.56 0.79
CA HIS A 47 -7.60 7.20 0.60
C HIS A 47 -7.89 8.20 1.70
N THR A 48 -7.09 9.26 1.78
CA THR A 48 -7.29 10.34 2.75
C THR A 48 -8.62 11.08 2.60
N GLU A 49 -9.34 10.79 1.51
CA GLU A 49 -10.69 11.29 1.28
C GLU A 49 -11.67 10.61 2.24
N VAL A 50 -11.21 9.59 2.98
CA VAL A 50 -11.98 8.89 3.99
C VAL A 50 -11.44 9.21 5.39
N GLN A 51 -12.33 9.22 6.38
CA GLN A 51 -11.97 9.44 7.77
C GLN A 51 -12.84 8.56 8.65
N SER A 52 -12.21 7.70 9.46
CA SER A 52 -12.91 6.80 10.36
C SER A 52 -13.41 7.56 11.59
N SER A 53 -14.23 6.88 12.40
CA SER A 53 -14.70 7.40 13.68
C SER A 53 -13.62 7.28 14.74
N PHE A 54 -12.41 6.88 14.34
CA PHE A 54 -11.28 6.67 15.25
C PHE A 54 -9.98 7.41 14.91
N GLY A 55 -10.05 8.35 13.97
CA GLY A 55 -8.89 9.17 13.62
C GLY A 55 -7.90 8.42 12.74
N ALA A 56 -8.39 7.66 11.77
CA ALA A 56 -7.56 6.89 10.86
C ALA A 56 -8.00 7.06 9.40
N THR A 57 -7.13 6.62 8.49
CA THR A 57 -7.33 6.72 7.05
C THR A 57 -6.97 5.35 6.48
N PRO A 58 -7.81 4.81 5.58
CA PRO A 58 -7.60 3.52 4.95
C PRO A 58 -6.61 3.62 3.78
N VAL A 59 -6.05 2.48 3.38
CA VAL A 59 -5.16 2.38 2.24
C VAL A 59 -5.34 1.01 1.61
N GLU A 60 -5.29 0.97 0.27
CA GLU A 60 -5.43 -0.25 -0.51
C GLU A 60 -4.10 -0.71 -1.08
N ILE A 61 -4.02 -2.00 -1.42
CA ILE A 61 -2.86 -2.60 -2.06
C ILE A 61 -3.35 -3.51 -3.18
N VAL A 62 -2.58 -3.60 -4.27
CA VAL A 62 -2.95 -4.41 -5.43
C VAL A 62 -1.75 -5.14 -6.02
N ALA A 63 -1.94 -6.38 -6.44
CA ALA A 63 -0.90 -7.19 -7.05
C ALA A 63 -1.52 -8.34 -7.84
N GLN A 64 -0.69 -9.02 -8.66
CA GLN A 64 -1.13 -10.15 -9.46
C GLN A 64 -1.38 -11.39 -8.58
N ASN A 65 -0.84 -11.40 -7.37
CA ASN A 65 -0.98 -12.54 -6.45
C ASN A 65 -0.82 -12.10 -5.00
N LYS A 66 -1.25 -12.96 -4.07
CA LYS A 66 -1.10 -12.69 -2.64
C LYS A 66 0.36 -12.83 -2.19
N GLU A 67 1.19 -13.49 -3.00
CA GLU A 67 2.60 -13.71 -2.70
C GLU A 67 3.40 -12.40 -2.79
N GLN A 68 2.76 -11.32 -3.24
CA GLN A 68 3.40 -10.01 -3.33
C GLN A 68 2.52 -8.92 -2.70
N CYS A 69 1.21 -9.16 -2.59
CA CYS A 69 0.32 -8.19 -1.98
C CYS A 69 0.51 -8.20 -0.46
N GLN A 70 0.74 -9.37 0.11
CA GLN A 70 0.96 -9.52 1.54
C GLN A 70 2.32 -8.96 1.96
N GLU A 71 3.30 -8.99 1.05
CA GLU A 71 4.63 -8.50 1.37
C GLU A 71 4.62 -6.98 1.46
N ALA A 72 3.76 -6.32 0.67
CA ALA A 72 3.61 -4.88 0.72
C ALA A 72 2.74 -4.46 1.90
N ARG A 73 1.85 -5.35 2.35
CA ARG A 73 1.00 -5.10 3.51
C ARG A 73 1.82 -5.10 4.79
N ASN A 74 2.59 -6.17 4.99
CA ASN A 74 3.41 -6.33 6.19
C ASN A 74 4.56 -5.33 6.24
N ALA A 75 4.86 -4.66 5.13
CA ALA A 75 5.92 -3.67 5.09
C ALA A 75 5.45 -2.34 5.68
N VAL A 76 4.19 -1.96 5.42
CA VAL A 76 3.63 -0.69 5.87
C VAL A 76 3.15 -0.79 7.33
N MET A 77 3.21 -1.99 7.91
CA MET A 77 2.74 -2.21 9.26
C MET A 77 3.88 -2.24 10.28
N SER A 78 5.13 -2.11 9.82
CA SER A 78 6.28 -2.11 10.72
C SER A 78 7.46 -1.30 10.20
N LEU A 79 7.58 -1.11 8.88
CA LEU A 79 8.72 -0.41 8.30
C LEU A 79 8.31 0.89 7.62
N MET A 80 7.20 0.87 6.87
CA MET A 80 6.67 2.00 6.13
C MET A 80 7.70 2.66 5.21
N GLN A 81 8.87 2.03 5.03
CA GLN A 81 9.99 2.59 4.30
C GLN A 81 10.40 3.96 4.86
N SER A 82 9.90 4.30 6.06
CA SER A 82 10.13 5.60 6.67
C SER A 82 9.97 5.53 8.20
N HIS A 83 10.23 4.35 8.79
CA HIS A 83 10.08 4.15 10.22
C HIS A 83 10.98 5.10 11.00
N GLN A 84 10.49 5.58 12.15
CA GLN A 84 11.25 6.47 13.02
C GLN A 84 10.74 6.41 14.47
N ASP A 85 9.44 6.13 14.66
CA ASP A 85 8.85 6.07 16.00
C ASP A 85 7.67 5.11 16.15
N LYS A 86 7.33 4.36 15.11
CA LYS A 86 6.20 3.45 15.12
C LYS A 86 6.49 2.21 15.95
N SER A 1 -11.82 3.00 -25.27
CA SER A 1 -12.70 2.01 -25.93
C SER A 1 -11.99 0.69 -26.11
N GLY A 2 -12.77 -0.39 -26.32
CA GLY A 2 -12.23 -1.72 -26.50
C GLY A 2 -11.79 -2.34 -25.17
N SER A 3 -11.27 -3.57 -25.24
CA SER A 3 -10.79 -4.30 -24.08
C SER A 3 -9.77 -5.36 -24.50
N HIS A 4 -9.14 -6.01 -23.52
CA HIS A 4 -8.15 -7.06 -23.79
C HIS A 4 -8.81 -8.37 -24.20
N MET A 5 -10.15 -8.41 -24.24
CA MET A 5 -10.93 -9.60 -24.58
C MET A 5 -10.58 -10.81 -23.73
N LYS A 6 -9.99 -10.58 -22.55
CA LYS A 6 -9.58 -11.63 -21.63
C LYS A 6 -9.56 -11.11 -20.20
N THR A 7 -9.79 -12.00 -19.24
CA THR A 7 -9.79 -11.67 -17.82
C THR A 7 -8.48 -11.11 -17.28
N CYS A 8 -8.54 -10.35 -16.19
CA CYS A 8 -7.38 -9.72 -15.58
C CYS A 8 -7.61 -9.57 -14.07
N VAL A 9 -7.81 -10.70 -13.39
CA VAL A 9 -8.03 -10.73 -11.95
C VAL A 9 -6.77 -10.34 -11.19
N VAL A 10 -6.96 -9.68 -10.03
CA VAL A 10 -5.86 -9.22 -9.18
C VAL A 10 -6.24 -9.36 -7.71
N GLU A 11 -5.23 -9.40 -6.84
CA GLU A 11 -5.42 -9.48 -5.40
C GLU A 11 -5.75 -8.10 -4.83
N LYS A 12 -6.46 -8.06 -3.70
CA LYS A 12 -6.78 -6.82 -3.02
C LYS A 12 -6.68 -6.94 -1.51
N ILE A 13 -6.24 -5.86 -0.87
CA ILE A 13 -6.12 -5.73 0.58
C ILE A 13 -6.52 -4.32 0.98
N LYS A 14 -7.06 -4.16 2.19
CA LYS A 14 -7.40 -2.85 2.74
C LYS A 14 -7.16 -2.85 4.24
N GLN A 15 -6.59 -1.76 4.75
CA GLN A 15 -6.29 -1.61 6.16
C GLN A 15 -6.22 -0.14 6.54
N TRP A 16 -6.50 0.17 7.81
CA TRP A 16 -6.48 1.53 8.33
C TRP A 16 -5.15 1.83 9.02
N ILE A 17 -4.73 3.10 8.97
CA ILE A 17 -3.56 3.59 9.68
C ILE A 17 -3.93 4.90 10.38
N PRO A 18 -3.47 5.11 11.61
CA PRO A 18 -3.72 6.35 12.33
C PRO A 18 -3.01 7.50 11.64
N THR A 19 -3.56 8.72 11.80
CA THR A 19 -3.06 9.89 11.08
C THR A 19 -1.59 10.24 11.28
N THR A 20 -0.99 9.75 12.36
CA THR A 20 0.43 9.96 12.64
C THR A 20 1.37 9.13 11.78
N GLU A 21 0.83 8.12 11.08
CA GLU A 21 1.62 7.26 10.22
C GLU A 21 1.43 7.63 8.75
N VAL A 22 0.35 8.33 8.41
CA VAL A 22 0.08 8.72 7.03
C VAL A 22 1.11 9.72 6.53
N GLY A 23 1.66 10.53 7.44
CA GLY A 23 2.65 11.53 7.10
C GLY A 23 3.99 10.93 6.72
N LYS A 24 4.18 9.63 6.98
CA LYS A 24 5.42 8.93 6.64
C LYS A 24 5.30 8.30 5.25
N ILE A 25 4.08 8.11 4.76
CA ILE A 25 3.84 7.46 3.48
C ILE A 25 3.66 8.48 2.37
N LEU A 26 3.08 9.65 2.70
CA LEU A 26 2.73 10.67 1.70
C LEU A 26 3.43 12.00 1.97
N GLY A 27 4.18 12.12 3.06
CA GLY A 27 4.81 13.37 3.48
C GLY A 27 6.05 13.73 2.66
N ASN A 28 6.34 12.99 1.59
CA ASN A 28 7.52 13.20 0.77
C ASN A 28 7.21 12.92 -0.71
N ARG A 29 6.13 13.53 -1.21
CA ARG A 29 5.64 13.29 -2.57
C ARG A 29 5.34 11.81 -2.78
N ALA A 30 4.97 11.12 -1.70
CA ALA A 30 4.67 9.70 -1.67
C ALA A 30 5.82 8.84 -2.18
N ALA A 31 7.06 9.32 -2.05
CA ALA A 31 8.23 8.60 -2.51
C ALA A 31 8.38 7.26 -1.79
N VAL A 32 7.85 7.14 -0.57
CA VAL A 32 7.91 5.90 0.20
C VAL A 32 6.91 4.91 -0.40
N LYS A 33 5.74 5.39 -0.81
CA LYS A 33 4.72 4.52 -1.40
C LYS A 33 5.19 4.05 -2.78
N LYS A 34 5.79 4.98 -3.54
CA LYS A 34 6.28 4.71 -4.88
C LYS A 34 7.46 3.75 -4.91
N HIS A 35 8.21 3.65 -3.80
CA HIS A 35 9.33 2.73 -3.74
C HIS A 35 8.85 1.31 -3.45
N ILE A 36 7.82 1.16 -2.61
CA ILE A 36 7.30 -0.15 -2.25
C ILE A 36 6.59 -0.78 -3.45
N GLU A 37 6.04 0.06 -4.35
CA GLU A 37 5.42 -0.43 -5.58
C GLU A 37 6.46 -1.01 -6.52
N ARG A 38 7.73 -0.60 -6.38
CA ARG A 38 8.82 -1.12 -7.19
C ARG A 38 9.57 -2.23 -6.47
N GLN A 39 9.37 -2.35 -5.16
CA GLN A 39 9.98 -3.38 -4.34
C GLN A 39 9.23 -4.70 -4.47
N PHE A 40 7.92 -4.63 -4.76
CA PHE A 40 7.07 -5.79 -4.87
C PHE A 40 6.22 -5.86 -6.15
N ASN A 41 6.48 -4.95 -7.08
CA ASN A 41 5.73 -4.82 -8.33
C ASN A 41 4.23 -4.61 -8.08
N CYS A 42 3.87 -4.23 -6.85
CA CYS A 42 2.48 -4.02 -6.45
C CYS A 42 2.06 -2.58 -6.75
N VAL A 43 0.82 -2.24 -6.38
CA VAL A 43 0.29 -0.90 -6.47
C VAL A 43 -0.39 -0.58 -5.15
N ILE A 44 -0.28 0.68 -4.69
CA ILE A 44 -0.85 1.09 -3.42
C ILE A 44 -1.63 2.39 -3.59
N THR A 45 -2.78 2.49 -2.92
CA THR A 45 -3.64 3.67 -2.98
C THR A 45 -4.19 4.12 -1.64
N VAL A 46 -3.68 5.23 -1.13
CA VAL A 46 -4.19 5.82 0.10
C VAL A 46 -5.47 6.61 -0.16
N HIS A 47 -6.38 6.66 0.83
CA HIS A 47 -7.68 7.28 0.68
C HIS A 47 -7.93 8.29 1.81
N THR A 48 -7.10 9.33 1.86
CA THR A 48 -7.19 10.36 2.90
C THR A 48 -8.51 11.13 2.94
N GLU A 49 -9.33 11.01 1.90
CA GLU A 49 -10.64 11.63 1.86
C GLU A 49 -11.62 10.89 2.78
N VAL A 50 -11.26 9.70 3.24
CA VAL A 50 -12.06 8.92 4.19
C VAL A 50 -11.63 9.20 5.62
N GLN A 51 -12.54 8.99 6.57
CA GLN A 51 -12.22 9.08 7.99
C GLN A 51 -13.03 8.04 8.75
N SER A 52 -12.35 7.26 9.58
CA SER A 52 -12.98 6.25 10.41
C SER A 52 -13.64 6.89 11.63
N SER A 53 -14.18 6.07 12.53
CA SER A 53 -14.78 6.54 13.77
C SER A 53 -13.72 7.14 14.70
N PHE A 54 -12.44 6.98 14.32
CA PHE A 54 -11.30 7.51 15.05
C PHE A 54 -10.35 8.41 14.26
N GLY A 55 -10.79 8.83 13.06
CA GLY A 55 -10.05 9.77 12.22
C GLY A 55 -8.94 9.11 11.40
N ALA A 56 -8.79 7.79 11.47
CA ALA A 56 -7.75 7.08 10.73
C ALA A 56 -8.06 7.09 9.23
N THR A 57 -7.03 6.81 8.42
CA THR A 57 -7.14 6.83 6.97
C THR A 57 -6.88 5.41 6.48
N PRO A 58 -7.73 4.88 5.60
CA PRO A 58 -7.56 3.57 4.98
C PRO A 58 -6.62 3.65 3.79
N VAL A 59 -6.08 2.49 3.38
CA VAL A 59 -5.22 2.36 2.22
C VAL A 59 -5.49 1.01 1.57
N GLU A 60 -5.36 0.96 0.25
CA GLU A 60 -5.61 -0.24 -0.55
C GLU A 60 -4.34 -0.70 -1.25
N ILE A 61 -4.25 -2.00 -1.57
CA ILE A 61 -3.08 -2.59 -2.21
C ILE A 61 -3.54 -3.59 -3.27
N VAL A 62 -2.75 -3.71 -4.35
CA VAL A 62 -3.03 -4.63 -5.44
C VAL A 62 -1.75 -5.28 -5.95
N ALA A 63 -1.83 -6.56 -6.30
CA ALA A 63 -0.72 -7.31 -6.89
C ALA A 63 -1.29 -8.55 -7.61
N GLN A 64 -0.43 -9.26 -8.33
CA GLN A 64 -0.85 -10.44 -9.08
C GLN A 64 -1.28 -11.59 -8.15
N ASN A 65 -0.76 -11.60 -6.92
CA ASN A 65 -1.07 -12.66 -5.95
C ASN A 65 -0.80 -12.20 -4.52
N LYS A 66 -1.20 -13.02 -3.54
CA LYS A 66 -0.96 -12.73 -2.13
C LYS A 66 0.52 -12.78 -1.79
N GLU A 67 1.33 -13.44 -2.63
CA GLU A 67 2.76 -13.55 -2.43
C GLU A 67 3.48 -12.22 -2.68
N GLN A 68 2.73 -11.19 -3.11
CA GLN A 68 3.26 -9.86 -3.35
C GLN A 68 2.40 -8.80 -2.66
N CYS A 69 1.10 -9.06 -2.51
CA CYS A 69 0.19 -8.08 -1.93
C CYS A 69 0.39 -8.01 -0.41
N GLN A 70 0.60 -9.16 0.25
CA GLN A 70 0.84 -9.20 1.69
C GLN A 70 2.21 -8.67 2.03
N GLU A 71 3.20 -8.86 1.15
CA GLU A 71 4.54 -8.40 1.40
C GLU A 71 4.58 -6.87 1.34
N ALA A 72 3.74 -6.28 0.49
CA ALA A 72 3.66 -4.83 0.38
C ALA A 72 2.80 -4.24 1.50
N ARG A 73 1.89 -5.04 2.08
CA ARG A 73 1.07 -4.60 3.19
C ARG A 73 1.90 -4.52 4.45
N ASN A 74 2.64 -5.59 4.73
CA ASN A 74 3.48 -5.69 5.92
C ASN A 74 4.69 -4.75 5.81
N ALA A 75 4.97 -4.25 4.60
CA ALA A 75 6.03 -3.28 4.38
C ALA A 75 5.57 -1.87 4.76
N VAL A 76 4.33 -1.70 5.22
CA VAL A 76 3.78 -0.40 5.60
C VAL A 76 3.17 -0.43 7.00
N MET A 77 2.88 -1.63 7.52
CA MET A 77 2.30 -1.76 8.86
C MET A 77 3.35 -1.78 9.96
N SER A 78 4.64 -1.81 9.60
CA SER A 78 5.71 -1.80 10.60
C SER A 78 7.04 -1.32 10.02
N LEU A 79 7.36 -1.70 8.79
CA LEU A 79 8.63 -1.32 8.18
C LEU A 79 8.59 0.08 7.60
N MET A 80 7.48 0.42 6.93
CA MET A 80 7.24 1.72 6.32
C MET A 80 8.41 2.16 5.42
N GLN A 81 9.19 1.20 4.93
CA GLN A 81 10.42 1.43 4.17
C GLN A 81 11.41 2.32 4.94
N SER A 82 11.17 2.55 6.23
CA SER A 82 12.04 3.33 7.09
C SER A 82 13.00 2.43 7.85
N HIS A 83 12.61 1.15 8.03
CA HIS A 83 13.41 0.14 8.71
C HIS A 83 14.46 -0.47 7.77
N GLN A 84 14.65 0.13 6.59
CA GLN A 84 15.52 -0.41 5.55
C GLN A 84 17.01 -0.37 5.93
N ASP A 85 17.35 0.23 7.08
CA ASP A 85 18.74 0.28 7.53
C ASP A 85 18.96 0.01 9.01
N LYS A 86 17.89 -0.32 9.74
CA LYS A 86 17.98 -0.70 11.15
C LYS A 86 18.20 -2.20 11.29
N SER A 1 0.71 -22.39 -26.93
CA SER A 1 -0.63 -22.02 -26.48
C SER A 1 -0.58 -21.29 -25.15
N GLY A 2 -1.68 -20.61 -24.79
CA GLY A 2 -1.78 -19.88 -23.53
C GLY A 2 -1.97 -20.83 -22.35
N SER A 3 -2.10 -20.25 -21.15
CA SER A 3 -2.30 -21.03 -19.93
C SER A 3 -3.12 -20.23 -18.89
N HIS A 4 -3.66 -19.08 -19.29
CA HIS A 4 -4.43 -18.20 -18.41
C HIS A 4 -5.59 -17.58 -19.16
N MET A 5 -6.65 -17.21 -18.43
CA MET A 5 -7.85 -16.62 -19.01
C MET A 5 -7.69 -15.13 -19.28
N LYS A 6 -6.51 -14.56 -18.97
CA LYS A 6 -6.19 -13.16 -19.21
C LYS A 6 -7.18 -12.18 -18.57
N THR A 7 -7.83 -12.59 -17.48
CA THR A 7 -8.80 -11.76 -16.77
C THR A 7 -8.23 -10.48 -16.16
N CYS A 8 -9.11 -9.50 -15.93
CA CYS A 8 -8.74 -8.22 -15.33
C CYS A 8 -8.69 -8.34 -13.80
N VAL A 9 -8.99 -9.54 -13.26
CA VAL A 9 -9.02 -9.76 -11.83
C VAL A 9 -7.63 -9.63 -11.21
N VAL A 10 -7.56 -9.08 -9.99
CA VAL A 10 -6.32 -8.87 -9.27
C VAL A 10 -6.59 -9.03 -7.78
N GLU A 11 -5.52 -9.32 -7.01
CA GLU A 11 -5.62 -9.42 -5.56
C GLU A 11 -5.65 -8.03 -4.93
N LYS A 12 -6.32 -7.92 -3.79
CA LYS A 12 -6.41 -6.66 -3.05
C LYS A 12 -6.33 -6.87 -1.55
N ILE A 13 -5.91 -5.81 -0.86
CA ILE A 13 -5.81 -5.72 0.58
C ILE A 13 -6.24 -4.32 1.00
N LYS A 14 -6.75 -4.17 2.23
CA LYS A 14 -7.17 -2.88 2.74
C LYS A 14 -6.84 -2.79 4.22
N GLN A 15 -6.25 -1.67 4.65
CA GLN A 15 -5.86 -1.49 6.03
C GLN A 15 -5.85 0.00 6.41
N TRP A 16 -6.16 0.29 7.68
CA TRP A 16 -6.20 1.64 8.21
C TRP A 16 -4.87 2.01 8.86
N ILE A 17 -4.55 3.30 8.86
CA ILE A 17 -3.39 3.84 9.55
C ILE A 17 -3.81 5.16 10.21
N PRO A 18 -3.43 5.39 11.47
CA PRO A 18 -3.75 6.61 12.17
C PRO A 18 -3.03 7.79 11.53
N THR A 19 -3.56 9.00 11.68
CA THR A 19 -3.03 10.17 11.00
C THR A 19 -1.57 10.51 11.27
N THR A 20 -1.03 10.03 12.39
CA THR A 20 0.37 10.22 12.74
C THR A 20 1.35 9.33 11.99
N GLU A 21 0.82 8.33 11.26
CA GLU A 21 1.61 7.39 10.49
C GLU A 21 1.46 7.64 8.98
N VAL A 22 0.44 8.41 8.58
CA VAL A 22 0.24 8.71 7.16
C VAL A 22 1.37 9.60 6.64
N GLY A 23 1.95 10.43 7.52
CA GLY A 23 3.00 11.36 7.15
C GLY A 23 4.31 10.63 6.86
N LYS A 24 4.44 9.36 7.27
CA LYS A 24 5.63 8.58 7.00
C LYS A 24 5.55 7.87 5.65
N ILE A 25 4.44 8.05 4.93
CA ILE A 25 4.24 7.37 3.65
C ILE A 25 3.91 8.37 2.54
N LEU A 26 3.19 9.45 2.87
CA LEU A 26 2.75 10.44 1.90
C LEU A 26 3.34 11.84 2.17
N GLY A 27 4.17 11.95 3.20
CA GLY A 27 4.73 13.23 3.64
C GLY A 27 5.90 13.71 2.76
N ASN A 28 6.24 12.97 1.71
CA ASN A 28 7.35 13.32 0.84
C ASN A 28 7.03 12.91 -0.61
N ARG A 29 6.04 13.58 -1.21
CA ARG A 29 5.60 13.31 -2.58
C ARG A 29 5.25 11.84 -2.78
N ALA A 30 4.88 11.14 -1.70
CA ALA A 30 4.58 9.72 -1.69
C ALA A 30 5.71 8.88 -2.28
N ALA A 31 6.94 9.39 -2.26
CA ALA A 31 8.08 8.66 -2.78
C ALA A 31 8.34 7.38 -1.98
N VAL A 32 7.87 7.34 -0.73
CA VAL A 32 8.00 6.16 0.11
C VAL A 32 7.02 5.09 -0.36
N LYS A 33 5.82 5.51 -0.80
CA LYS A 33 4.82 4.58 -1.30
C LYS A 33 5.27 4.01 -2.63
N LYS A 34 5.83 4.88 -3.49
CA LYS A 34 6.28 4.48 -4.82
C LYS A 34 7.55 3.63 -4.77
N HIS A 35 8.23 3.56 -3.63
CA HIS A 35 9.38 2.66 -3.47
C HIS A 35 8.90 1.24 -3.16
N ILE A 36 7.80 1.10 -2.43
CA ILE A 36 7.25 -0.21 -2.10
C ILE A 36 6.62 -0.84 -3.34
N GLU A 37 6.09 -0.01 -4.25
CA GLU A 37 5.52 -0.50 -5.50
C GLU A 37 6.59 -1.09 -6.41
N ARG A 38 7.84 -0.65 -6.25
CA ARG A 38 8.96 -1.16 -7.03
C ARG A 38 9.68 -2.29 -6.30
N GLN A 39 9.44 -2.41 -4.99
CA GLN A 39 10.02 -3.46 -4.16
C GLN A 39 9.26 -4.79 -4.34
N PHE A 40 7.97 -4.70 -4.64
CA PHE A 40 7.12 -5.87 -4.78
C PHE A 40 6.32 -5.94 -6.09
N ASN A 41 6.61 -5.02 -7.02
CA ASN A 41 5.90 -4.90 -8.28
C ASN A 41 4.39 -4.70 -8.10
N CYS A 42 3.98 -4.32 -6.88
CA CYS A 42 2.59 -4.10 -6.53
C CYS A 42 2.22 -2.64 -6.79
N VAL A 43 0.97 -2.28 -6.45
CA VAL A 43 0.49 -0.91 -6.53
C VAL A 43 -0.22 -0.57 -5.23
N ILE A 44 -0.15 0.68 -4.79
CA ILE A 44 -0.76 1.10 -3.53
C ILE A 44 -1.55 2.40 -3.74
N THR A 45 -2.72 2.48 -3.10
CA THR A 45 -3.62 3.62 -3.26
C THR A 45 -4.21 4.15 -1.96
N VAL A 46 -4.03 5.44 -1.71
CA VAL A 46 -4.61 6.10 -0.55
C VAL A 46 -6.08 6.43 -0.76
N HIS A 47 -6.83 6.55 0.35
CA HIS A 47 -8.23 6.91 0.34
C HIS A 47 -8.53 7.93 1.42
N THR A 48 -7.82 9.07 1.39
CA THR A 48 -7.96 10.14 2.37
C THR A 48 -9.34 10.78 2.43
N GLU A 49 -10.20 10.51 1.44
CA GLU A 49 -11.57 11.02 1.44
C GLU A 49 -12.43 10.27 2.47
N VAL A 50 -11.92 9.15 2.98
CA VAL A 50 -12.59 8.35 4.01
C VAL A 50 -12.17 8.81 5.40
N GLN A 51 -13.03 8.58 6.40
CA GLN A 51 -12.72 8.90 7.78
C GLN A 51 -13.38 7.89 8.73
N SER A 52 -12.58 7.21 9.53
CA SER A 52 -13.06 6.24 10.50
C SER A 52 -13.59 6.94 11.75
N SER A 53 -14.07 6.15 12.72
CA SER A 53 -14.56 6.66 13.99
C SER A 53 -13.40 7.17 14.86
N PHE A 54 -12.17 7.07 14.35
CA PHE A 54 -10.96 7.53 15.01
C PHE A 54 -10.04 8.44 14.19
N GLY A 55 -10.53 8.91 13.05
CA GLY A 55 -9.83 9.87 12.20
C GLY A 55 -8.76 9.23 11.30
N ALA A 56 -8.60 7.91 11.36
CA ALA A 56 -7.60 7.22 10.55
C ALA A 56 -7.99 7.22 9.07
N THR A 57 -7.01 6.94 8.20
CA THR A 57 -7.22 6.92 6.76
C THR A 57 -6.92 5.49 6.30
N PRO A 58 -7.81 4.89 5.50
CA PRO A 58 -7.61 3.58 4.91
C PRO A 58 -6.71 3.65 3.69
N VAL A 59 -6.07 2.53 3.35
CA VAL A 59 -5.19 2.40 2.19
C VAL A 59 -5.42 1.04 1.54
N GLU A 60 -5.26 0.96 0.22
CA GLU A 60 -5.43 -0.27 -0.53
C GLU A 60 -4.15 -0.69 -1.24
N ILE A 61 -4.03 -1.98 -1.54
CA ILE A 61 -2.87 -2.56 -2.18
C ILE A 61 -3.35 -3.48 -3.29
N VAL A 62 -2.58 -3.60 -4.38
CA VAL A 62 -2.95 -4.42 -5.54
C VAL A 62 -1.76 -5.18 -6.10
N ALA A 63 -1.98 -6.44 -6.48
CA ALA A 63 -0.95 -7.28 -7.07
C ALA A 63 -1.59 -8.45 -7.83
N GLN A 64 -0.78 -9.18 -8.60
CA GLN A 64 -1.27 -10.33 -9.35
C GLN A 64 -1.51 -11.53 -8.44
N ASN A 65 -0.99 -11.49 -7.21
CA ASN A 65 -1.07 -12.59 -6.28
C ASN A 65 -0.92 -12.11 -4.83
N LYS A 66 -1.31 -12.95 -3.87
CA LYS A 66 -1.18 -12.61 -2.46
C LYS A 66 0.28 -12.71 -1.99
N GLU A 67 1.13 -13.40 -2.78
CA GLU A 67 2.53 -13.60 -2.44
C GLU A 67 3.33 -12.32 -2.55
N GLN A 68 2.73 -11.24 -3.08
CA GLN A 68 3.37 -9.95 -3.19
C GLN A 68 2.49 -8.84 -2.59
N CYS A 69 1.18 -9.09 -2.46
CA CYS A 69 0.28 -8.09 -1.89
C CYS A 69 0.45 -8.08 -0.38
N GLN A 70 0.63 -9.25 0.24
CA GLN A 70 0.82 -9.35 1.69
C GLN A 70 2.17 -8.77 2.10
N GLU A 71 3.19 -8.95 1.26
CA GLU A 71 4.52 -8.46 1.56
C GLU A 71 4.54 -6.93 1.49
N ALA A 72 3.69 -6.35 0.63
CA ALA A 72 3.59 -4.91 0.50
C ALA A 72 2.76 -4.31 1.64
N ARG A 73 1.90 -5.12 2.29
CA ARG A 73 1.12 -4.66 3.42
C ARG A 73 1.98 -4.68 4.69
N ASN A 74 2.68 -5.80 4.91
CA ASN A 74 3.46 -5.99 6.11
C ASN A 74 4.73 -5.13 6.11
N ALA A 75 5.09 -4.59 4.94
CA ALA A 75 6.18 -3.64 4.82
C ALA A 75 5.75 -2.24 5.24
N VAL A 76 4.46 -2.05 5.56
CA VAL A 76 3.90 -0.76 5.94
C VAL A 76 3.42 -0.78 7.40
N MET A 77 3.34 -1.97 8.01
CA MET A 77 2.86 -2.09 9.37
C MET A 77 3.95 -1.81 10.42
N SER A 78 5.22 -1.73 10.01
CA SER A 78 6.30 -1.48 10.95
C SER A 78 7.55 -0.92 10.28
N LEU A 79 7.88 -1.39 9.07
CA LEU A 79 9.06 -0.92 8.37
C LEU A 79 8.79 0.43 7.72
N MET A 80 7.62 0.55 7.09
CA MET A 80 7.10 1.74 6.43
C MET A 80 8.01 2.30 5.32
N GLN A 81 9.21 1.74 5.14
CA GLN A 81 10.18 2.18 4.15
C GLN A 81 10.47 3.69 4.20
N SER A 82 10.16 4.33 5.33
CA SER A 82 10.35 5.76 5.52
C SER A 82 11.82 6.13 5.69
N HIS A 83 12.69 5.12 5.83
CA HIS A 83 14.12 5.30 5.99
C HIS A 83 14.89 4.18 5.28
N GLN A 84 16.15 4.44 4.94
CA GLN A 84 17.01 3.49 4.26
C GLN A 84 18.44 3.53 4.79
N ASP A 85 18.70 4.38 5.80
CA ASP A 85 20.01 4.54 6.40
C ASP A 85 20.30 3.57 7.55
N LYS A 86 19.45 2.55 7.70
CA LYS A 86 19.55 1.59 8.80
C LYS A 86 19.31 0.17 8.27
N SER A 1 0.98 -11.30 -28.84
CA SER A 1 -0.44 -11.52 -29.16
C SER A 1 -1.28 -11.52 -27.89
N GLY A 2 -2.61 -11.47 -28.05
CA GLY A 2 -3.53 -11.48 -26.93
C GLY A 2 -4.97 -11.41 -27.40
N SER A 3 -5.92 -11.42 -26.46
CA SER A 3 -7.34 -11.37 -26.75
C SER A 3 -8.11 -10.81 -25.56
N HIS A 4 -9.29 -10.25 -25.81
CA HIS A 4 -10.15 -9.69 -24.77
C HIS A 4 -10.72 -10.78 -23.87
N MET A 5 -10.55 -12.05 -24.25
CA MET A 5 -11.00 -13.19 -23.47
C MET A 5 -10.08 -13.40 -22.25
N LYS A 6 -8.88 -12.82 -22.27
CA LYS A 6 -7.93 -12.94 -21.18
C LYS A 6 -8.44 -12.20 -19.95
N THR A 7 -8.11 -12.73 -18.77
CA THR A 7 -8.53 -12.14 -17.49
C THR A 7 -7.90 -10.79 -17.16
N CYS A 8 -8.47 -10.11 -16.17
CA CYS A 8 -7.98 -8.82 -15.69
C CYS A 8 -8.07 -8.80 -14.15
N VAL A 9 -8.35 -9.95 -13.55
CA VAL A 9 -8.49 -10.08 -12.10
C VAL A 9 -7.15 -9.88 -11.39
N VAL A 10 -7.21 -9.33 -10.18
CA VAL A 10 -6.03 -9.03 -9.37
C VAL A 10 -6.39 -9.16 -7.89
N GLU A 11 -5.37 -9.36 -7.05
CA GLU A 11 -5.57 -9.45 -5.61
C GLU A 11 -5.72 -8.06 -5.00
N LYS A 12 -6.37 -7.99 -3.83
CA LYS A 12 -6.61 -6.74 -3.12
C LYS A 12 -6.50 -6.92 -1.61
N ILE A 13 -6.09 -5.83 -0.96
CA ILE A 13 -5.96 -5.75 0.49
C ILE A 13 -6.35 -4.33 0.91
N LYS A 14 -6.86 -4.19 2.14
CA LYS A 14 -7.23 -2.90 2.70
C LYS A 14 -6.91 -2.87 4.18
N GLN A 15 -6.35 -1.76 4.67
CA GLN A 15 -5.99 -1.60 6.07
C GLN A 15 -5.96 -0.14 6.47
N TRP A 16 -6.29 0.15 7.74
CA TRP A 16 -6.31 1.50 8.28
C TRP A 16 -4.99 1.82 8.97
N ILE A 17 -4.59 3.09 8.94
CA ILE A 17 -3.42 3.59 9.65
C ILE A 17 -3.81 4.93 10.30
N PRO A 18 -3.26 5.24 11.47
CA PRO A 18 -3.54 6.46 12.18
C PRO A 18 -3.04 7.67 11.40
N THR A 19 -3.61 8.84 11.65
CA THR A 19 -3.27 10.06 10.92
C THR A 19 -1.81 10.47 10.96
N THR A 20 -1.10 10.06 12.01
CA THR A 20 0.33 10.34 12.16
C THR A 20 1.22 9.47 11.29
N GLU A 21 0.67 8.41 10.71
CA GLU A 21 1.39 7.49 9.86
C GLU A 21 1.09 7.76 8.38
N VAL A 22 0.08 8.57 8.08
CA VAL A 22 -0.21 8.95 6.70
C VAL A 22 0.92 9.82 6.17
N GLY A 23 1.55 10.62 7.04
CA GLY A 23 2.64 11.49 6.64
C GLY A 23 3.92 10.69 6.38
N LYS A 24 3.99 9.46 6.88
CA LYS A 24 5.15 8.61 6.66
C LYS A 24 5.10 7.94 5.28
N ILE A 25 3.94 7.99 4.61
CA ILE A 25 3.77 7.40 3.29
C ILE A 25 3.71 8.47 2.22
N LEU A 26 3.07 9.61 2.52
CA LEU A 26 2.81 10.66 1.52
C LEU A 26 3.65 11.91 1.75
N GLY A 27 4.35 12.00 2.87
CA GLY A 27 5.09 13.21 3.23
C GLY A 27 6.33 13.43 2.36
N ASN A 28 6.85 12.36 1.76
CA ASN A 28 8.00 12.44 0.85
C ASN A 28 7.53 12.57 -0.60
N ARG A 29 6.44 13.32 -0.83
CA ARG A 29 5.82 13.40 -2.15
C ARG A 29 5.44 12.01 -2.64
N ALA A 30 5.04 11.16 -1.69
CA ALA A 30 4.70 9.76 -1.90
C ALA A 30 5.84 8.93 -2.51
N ALA A 31 7.08 9.40 -2.41
CA ALA A 31 8.23 8.64 -2.89
C ALA A 31 8.38 7.36 -2.06
N VAL A 32 7.85 7.34 -0.84
CA VAL A 32 7.90 6.16 0.02
C VAL A 32 6.90 5.13 -0.53
N LYS A 33 5.74 5.59 -1.00
CA LYS A 33 4.73 4.70 -1.53
C LYS A 33 5.23 4.07 -2.84
N LYS A 34 5.88 4.88 -3.68
CA LYS A 34 6.41 4.44 -4.96
C LYS A 34 7.67 3.57 -4.80
N HIS A 35 8.27 3.56 -3.60
CA HIS A 35 9.43 2.72 -3.33
C HIS A 35 9.00 1.28 -3.03
N ILE A 36 7.79 1.10 -2.47
CA ILE A 36 7.27 -0.21 -2.16
C ILE A 36 6.64 -0.85 -3.40
N GLU A 37 6.10 -0.02 -4.30
CA GLU A 37 5.49 -0.52 -5.53
C GLU A 37 6.53 -1.14 -6.45
N ARG A 38 7.77 -0.64 -6.43
CA ARG A 38 8.86 -1.19 -7.24
C ARG A 38 9.59 -2.31 -6.50
N GLN A 39 9.35 -2.44 -5.19
CA GLN A 39 9.96 -3.48 -4.37
C GLN A 39 9.21 -4.80 -4.51
N PHE A 40 7.91 -4.74 -4.80
CA PHE A 40 7.06 -5.91 -4.89
C PHE A 40 6.22 -5.98 -6.16
N ASN A 41 6.44 -5.06 -7.10
CA ASN A 41 5.67 -4.93 -8.33
C ASN A 41 4.18 -4.72 -8.07
N CYS A 42 3.83 -4.34 -6.84
CA CYS A 42 2.46 -4.08 -6.43
C CYS A 42 2.09 -2.62 -6.67
N VAL A 43 0.84 -2.26 -6.36
CA VAL A 43 0.36 -0.88 -6.42
C VAL A 43 -0.32 -0.56 -5.10
N ILE A 44 -0.20 0.70 -4.63
CA ILE A 44 -0.77 1.10 -3.35
C ILE A 44 -1.53 2.41 -3.51
N THR A 45 -2.64 2.56 -2.77
CA THR A 45 -3.47 3.75 -2.81
C THR A 45 -4.00 4.21 -1.45
N VAL A 46 -3.51 5.36 -0.98
CA VAL A 46 -4.03 5.97 0.24
C VAL A 46 -5.31 6.72 -0.06
N HIS A 47 -6.25 6.73 0.90
CA HIS A 47 -7.56 7.36 0.71
C HIS A 47 -7.89 8.31 1.87
N THR A 48 -7.17 9.44 1.92
CA THR A 48 -7.39 10.46 2.93
C THR A 48 -8.76 11.15 2.89
N GLU A 49 -9.56 10.86 1.86
CA GLU A 49 -10.91 11.38 1.75
C GLU A 49 -11.82 10.72 2.78
N VAL A 50 -11.40 9.56 3.28
CA VAL A 50 -12.15 8.75 4.22
C VAL A 50 -11.75 9.04 5.66
N GLN A 51 -12.66 8.78 6.60
CA GLN A 51 -12.40 8.96 8.01
C GLN A 51 -13.17 7.92 8.82
N SER A 52 -12.44 7.10 9.58
CA SER A 52 -13.02 6.07 10.43
C SER A 52 -13.62 6.67 11.70
N SER A 53 -14.18 5.81 12.55
CA SER A 53 -14.74 6.24 13.83
C SER A 53 -13.65 6.64 14.82
N PHE A 54 -12.38 6.58 14.38
CA PHE A 54 -11.22 6.96 15.15
C PHE A 54 -10.24 7.91 14.47
N GLY A 55 -10.66 8.50 13.36
CA GLY A 55 -9.89 9.50 12.64
C GLY A 55 -8.83 8.93 11.70
N ALA A 56 -8.70 7.59 11.64
CA ALA A 56 -7.70 6.95 10.82
C ALA A 56 -8.04 7.03 9.33
N THR A 57 -7.04 6.78 8.49
CA THR A 57 -7.18 6.85 7.04
C THR A 57 -6.91 5.42 6.52
N PRO A 58 -7.75 4.91 5.64
CA PRO A 58 -7.58 3.59 5.03
C PRO A 58 -6.60 3.65 3.86
N VAL A 59 -6.05 2.49 3.52
CA VAL A 59 -5.13 2.32 2.41
C VAL A 59 -5.45 1.02 1.67
N GLU A 60 -5.28 1.02 0.34
CA GLU A 60 -5.54 -0.15 -0.49
C GLU A 60 -4.28 -0.62 -1.18
N ILE A 61 -4.23 -1.91 -1.54
CA ILE A 61 -3.09 -2.52 -2.21
C ILE A 61 -3.60 -3.43 -3.32
N VAL A 62 -2.84 -3.54 -4.41
CA VAL A 62 -3.19 -4.39 -5.54
C VAL A 62 -1.94 -5.13 -6.02
N ALA A 63 -2.12 -6.38 -6.44
CA ALA A 63 -1.02 -7.21 -6.91
C ALA A 63 -1.53 -8.35 -7.78
N GLN A 64 -0.61 -9.03 -8.48
CA GLN A 64 -0.95 -10.17 -9.31
C GLN A 64 -1.32 -11.39 -8.45
N ASN A 65 -0.77 -11.46 -7.24
CA ASN A 65 -0.97 -12.59 -6.34
C ASN A 65 -0.66 -12.19 -4.90
N LYS A 66 -1.16 -12.97 -3.93
CA LYS A 66 -1.05 -12.63 -2.51
C LYS A 66 0.36 -12.79 -1.94
N GLU A 67 1.21 -13.58 -2.59
CA GLU A 67 2.59 -13.77 -2.14
C GLU A 67 3.40 -12.49 -2.29
N GLN A 68 2.80 -11.43 -2.83
CA GLN A 68 3.44 -10.13 -2.98
C GLN A 68 2.55 -9.03 -2.41
N CYS A 69 1.22 -9.24 -2.38
CA CYS A 69 0.31 -8.23 -1.86
C CYS A 69 0.46 -8.15 -0.34
N GLN A 70 0.69 -9.30 0.31
CA GLN A 70 0.88 -9.34 1.76
C GLN A 70 2.22 -8.73 2.13
N GLU A 71 3.24 -8.89 1.28
CA GLU A 71 4.55 -8.35 1.56
C GLU A 71 4.52 -6.83 1.43
N ALA A 72 3.67 -6.30 0.54
CA ALA A 72 3.51 -4.87 0.38
C ALA A 72 2.65 -4.28 1.49
N ARG A 73 1.82 -5.10 2.16
CA ARG A 73 1.00 -4.65 3.28
C ARG A 73 1.83 -4.60 4.56
N ASN A 74 2.53 -5.69 4.85
CA ASN A 74 3.27 -5.84 6.09
C ASN A 74 4.54 -4.96 6.10
N ALA A 75 4.95 -4.46 4.93
CA ALA A 75 6.04 -3.51 4.82
C ALA A 75 5.58 -2.11 5.23
N VAL A 76 4.28 -1.95 5.52
CA VAL A 76 3.69 -0.67 5.90
C VAL A 76 3.10 -0.72 7.31
N MET A 77 3.12 -1.88 7.97
CA MET A 77 2.57 -2.02 9.31
C MET A 77 3.55 -1.62 10.40
N SER A 78 4.83 -1.42 10.06
CA SER A 78 5.82 -1.02 11.06
C SER A 78 7.07 -0.39 10.43
N LEU A 79 7.52 -0.93 9.30
CA LEU A 79 8.72 -0.43 8.64
C LEU A 79 8.41 0.83 7.84
N MET A 80 7.28 0.79 7.11
CA MET A 80 6.75 1.87 6.30
C MET A 80 7.72 2.40 5.23
N GLN A 81 8.95 1.89 5.16
CA GLN A 81 9.94 2.31 4.18
C GLN A 81 10.10 3.83 4.11
N SER A 82 9.87 4.52 5.24
CA SER A 82 9.89 5.98 5.33
C SER A 82 11.31 6.55 5.16
N HIS A 83 12.30 5.67 4.95
CA HIS A 83 13.70 6.05 4.77
C HIS A 83 14.32 5.19 3.68
N GLN A 84 15.46 5.63 3.14
CA GLN A 84 16.16 4.93 2.06
C GLN A 84 15.26 4.68 0.86
N ASP A 85 14.29 5.57 0.63
CA ASP A 85 13.34 5.47 -0.46
C ASP A 85 13.92 5.72 -1.85
N LYS A 86 15.22 6.03 -1.92
CA LYS A 86 15.93 6.31 -3.15
C LYS A 86 17.41 5.96 -3.00
N SER A 1 0.07 -18.38 -24.62
CA SER A 1 -0.34 -17.14 -23.94
C SER A 1 -1.78 -17.24 -23.46
N GLY A 2 -2.22 -16.29 -22.63
CA GLY A 2 -3.58 -16.25 -22.10
C GLY A 2 -3.81 -17.26 -20.98
N SER A 3 -2.73 -17.87 -20.47
CA SER A 3 -2.83 -18.85 -19.39
C SER A 3 -3.29 -18.19 -18.09
N HIS A 4 -3.78 -19.02 -17.16
CA HIS A 4 -4.30 -18.58 -15.87
C HIS A 4 -3.23 -17.87 -15.03
N MET A 5 -1.96 -17.98 -15.42
CA MET A 5 -0.86 -17.33 -14.70
C MET A 5 -0.67 -15.87 -15.14
N LYS A 6 -1.46 -15.42 -16.13
CA LYS A 6 -1.32 -14.07 -16.68
C LYS A 6 -2.68 -13.38 -16.84
N THR A 7 -3.71 -13.87 -16.15
CA THR A 7 -5.03 -13.27 -16.18
C THR A 7 -5.10 -11.82 -15.71
N CYS A 8 -6.07 -11.06 -16.21
CA CYS A 8 -6.26 -9.67 -15.84
C CYS A 8 -6.77 -9.49 -14.41
N VAL A 9 -7.10 -10.59 -13.74
CA VAL A 9 -7.53 -10.55 -12.35
C VAL A 9 -6.37 -10.18 -11.44
N VAL A 10 -6.66 -9.45 -10.35
CA VAL A 10 -5.66 -9.00 -9.40
C VAL A 10 -6.19 -9.11 -7.98
N GLU A 11 -5.27 -9.27 -7.03
CA GLU A 11 -5.59 -9.38 -5.61
C GLU A 11 -5.70 -8.00 -4.97
N LYS A 12 -6.37 -7.94 -3.82
CA LYS A 12 -6.57 -6.70 -3.08
C LYS A 12 -6.49 -6.91 -1.57
N ILE A 13 -6.07 -5.85 -0.87
CA ILE A 13 -5.99 -5.78 0.57
C ILE A 13 -6.37 -4.36 0.99
N LYS A 14 -6.98 -4.21 2.17
CA LYS A 14 -7.36 -2.91 2.70
C LYS A 14 -7.17 -2.90 4.21
N GLN A 15 -6.53 -1.86 4.73
CA GLN A 15 -6.29 -1.72 6.16
C GLN A 15 -6.12 -0.25 6.54
N TRP A 16 -6.52 0.09 7.76
CA TRP A 16 -6.46 1.45 8.28
C TRP A 16 -5.13 1.71 8.98
N ILE A 17 -4.69 2.97 8.94
CA ILE A 17 -3.56 3.46 9.72
C ILE A 17 -4.01 4.80 10.30
N PRO A 18 -3.59 5.14 11.53
CA PRO A 18 -3.96 6.39 12.17
C PRO A 18 -3.38 7.56 11.38
N THR A 19 -4.12 8.67 11.32
CA THR A 19 -3.69 9.83 10.56
C THR A 19 -2.40 10.48 11.05
N THR A 20 -1.91 10.06 12.22
CA THR A 20 -0.65 10.53 12.78
C THR A 20 0.59 9.97 12.07
N GLU A 21 0.40 9.00 11.16
CA GLU A 21 1.52 8.42 10.43
C GLU A 21 1.23 8.28 8.94
N VAL A 22 0.13 8.83 8.45
CA VAL A 22 -0.12 8.88 7.01
C VAL A 22 0.97 9.74 6.37
N GLY A 23 1.58 10.64 7.16
CA GLY A 23 2.64 11.52 6.71
C GLY A 23 3.93 10.76 6.42
N LYS A 24 4.02 9.48 6.81
CA LYS A 24 5.17 8.65 6.48
C LYS A 24 5.06 8.15 5.04
N ILE A 25 3.83 7.97 4.55
CA ILE A 25 3.59 7.45 3.21
C ILE A 25 3.48 8.59 2.19
N LEU A 26 2.93 9.73 2.63
CA LEU A 26 2.65 10.88 1.77
C LEU A 26 3.44 12.12 2.19
N GLY A 27 4.56 11.93 2.88
CA GLY A 27 5.38 13.03 3.39
C GLY A 27 6.16 13.75 2.29
N ASN A 28 5.97 13.34 1.04
CA ASN A 28 6.66 13.90 -0.12
C ASN A 28 5.76 13.62 -1.34
N ARG A 29 6.34 13.56 -2.53
CA ARG A 29 5.64 13.18 -3.75
C ARG A 29 5.29 11.68 -3.73
N ALA A 30 4.94 11.16 -2.55
CA ALA A 30 4.65 9.76 -2.30
C ALA A 30 5.80 8.85 -2.73
N ALA A 31 7.04 9.37 -2.75
CA ALA A 31 8.20 8.61 -3.16
C ALA A 31 8.43 7.43 -2.22
N VAL A 32 7.95 7.52 -0.98
CA VAL A 32 8.07 6.43 -0.02
C VAL A 32 7.10 5.31 -0.39
N LYS A 33 5.91 5.67 -0.88
CA LYS A 33 4.92 4.70 -1.28
C LYS A 33 5.37 4.01 -2.57
N LYS A 34 5.93 4.80 -3.50
CA LYS A 34 6.40 4.33 -4.79
C LYS A 34 7.61 3.40 -4.65
N HIS A 35 8.35 3.50 -3.54
CA HIS A 35 9.48 2.62 -3.30
C HIS A 35 8.99 1.23 -2.93
N ILE A 36 7.89 1.14 -2.18
CA ILE A 36 7.33 -0.14 -1.78
C ILE A 36 6.67 -0.82 -2.98
N GLU A 37 6.19 -0.04 -3.95
CA GLU A 37 5.57 -0.57 -5.15
C GLU A 37 6.59 -1.25 -6.06
N ARG A 38 7.79 -0.69 -6.19
CA ARG A 38 8.84 -1.29 -7.02
C ARG A 38 9.58 -2.36 -6.24
N GLN A 39 9.39 -2.42 -4.91
CA GLN A 39 10.00 -3.41 -4.05
C GLN A 39 9.26 -4.75 -4.12
N PHE A 40 7.94 -4.69 -4.40
CA PHE A 40 7.10 -5.86 -4.47
C PHE A 40 6.30 -6.03 -5.76
N ASN A 41 6.57 -5.19 -6.75
CA ASN A 41 5.85 -5.15 -8.02
C ASN A 41 4.35 -4.90 -7.85
N CYS A 42 3.95 -4.43 -6.66
CA CYS A 42 2.56 -4.14 -6.34
C CYS A 42 2.23 -2.67 -6.59
N VAL A 43 1.02 -2.26 -6.22
CA VAL A 43 0.57 -0.88 -6.28
C VAL A 43 -0.13 -0.57 -4.96
N ILE A 44 -0.04 0.69 -4.49
CA ILE A 44 -0.64 1.09 -3.23
C ILE A 44 -1.40 2.40 -3.40
N THR A 45 -2.53 2.53 -2.72
CA THR A 45 -3.36 3.72 -2.77
C THR A 45 -3.89 4.20 -1.42
N VAL A 46 -3.52 5.41 -1.03
CA VAL A 46 -4.02 6.03 0.20
C VAL A 46 -5.34 6.77 -0.07
N HIS A 47 -6.20 6.86 0.93
CA HIS A 47 -7.52 7.45 0.81
C HIS A 47 -7.81 8.43 1.93
N THR A 48 -6.99 9.48 2.04
CA THR A 48 -7.13 10.49 3.08
C THR A 48 -8.43 11.29 3.06
N GLU A 49 -9.22 11.16 1.98
CA GLU A 49 -10.53 11.79 1.88
C GLU A 49 -11.54 11.05 2.78
N VAL A 50 -11.15 9.88 3.29
CA VAL A 50 -11.95 9.10 4.22
C VAL A 50 -11.50 9.37 5.66
N GLN A 51 -12.40 9.21 6.62
CA GLN A 51 -12.08 9.37 8.03
C GLN A 51 -12.95 8.43 8.86
N SER A 52 -12.30 7.57 9.64
CA SER A 52 -12.98 6.61 10.52
C SER A 52 -13.46 7.30 11.80
N SER A 53 -14.21 6.55 12.62
CA SER A 53 -14.67 7.02 13.92
C SER A 53 -13.53 7.00 14.94
N PHE A 54 -12.32 6.66 14.49
CA PHE A 54 -11.14 6.56 15.33
C PHE A 54 -9.93 7.40 14.91
N GLY A 55 -10.12 8.31 13.94
CA GLY A 55 -9.06 9.22 13.52
C GLY A 55 -8.05 8.55 12.59
N ALA A 56 -8.48 7.57 11.81
CA ALA A 56 -7.59 6.84 10.91
C ALA A 56 -8.00 7.03 9.45
N THR A 57 -7.10 6.62 8.54
CA THR A 57 -7.28 6.74 7.11
C THR A 57 -7.00 5.34 6.55
N PRO A 58 -7.85 4.84 5.64
CA PRO A 58 -7.70 3.54 5.03
C PRO A 58 -6.68 3.57 3.89
N VAL A 59 -6.11 2.41 3.58
CA VAL A 59 -5.14 2.23 2.50
C VAL A 59 -5.42 0.95 1.73
N GLU A 60 -5.19 0.95 0.43
CA GLU A 60 -5.43 -0.18 -0.44
C GLU A 60 -4.15 -0.66 -1.12
N ILE A 61 -4.10 -1.94 -1.47
CA ILE A 61 -2.96 -2.55 -2.13
C ILE A 61 -3.44 -3.46 -3.25
N VAL A 62 -2.67 -3.55 -4.34
CA VAL A 62 -3.00 -4.37 -5.49
C VAL A 62 -1.77 -5.10 -6.02
N ALA A 63 -1.95 -6.37 -6.43
CA ALA A 63 -0.88 -7.18 -6.97
C ALA A 63 -1.46 -8.33 -7.80
N GLN A 64 -0.62 -9.00 -8.59
CA GLN A 64 -1.05 -10.10 -9.44
C GLN A 64 -1.45 -11.33 -8.59
N ASN A 65 -0.92 -11.42 -7.36
CA ASN A 65 -1.21 -12.53 -6.47
C ASN A 65 -0.96 -12.14 -5.01
N LYS A 66 -1.44 -12.96 -4.07
CA LYS A 66 -1.25 -12.71 -2.65
C LYS A 66 0.20 -12.87 -2.23
N GLU A 67 1.00 -13.55 -3.05
CA GLU A 67 2.41 -13.78 -2.79
C GLU A 67 3.22 -12.48 -2.88
N GLN A 68 2.59 -11.40 -3.38
CA GLN A 68 3.23 -10.10 -3.50
C GLN A 68 2.38 -9.02 -2.83
N CYS A 69 1.07 -9.24 -2.66
CA CYS A 69 0.21 -8.25 -2.03
C CYS A 69 0.44 -8.25 -0.52
N GLN A 70 0.65 -9.43 0.07
CA GLN A 70 0.85 -9.55 1.51
C GLN A 70 2.21 -9.03 1.94
N GLU A 71 3.20 -9.07 1.05
CA GLU A 71 4.54 -8.61 1.38
C GLU A 71 4.56 -7.09 1.51
N ALA A 72 3.75 -6.40 0.70
CA ALA A 72 3.64 -4.95 0.76
C ALA A 72 2.75 -4.53 1.93
N ARG A 73 1.79 -5.38 2.32
CA ARG A 73 0.91 -5.11 3.45
C ARG A 73 1.71 -5.13 4.74
N ASN A 74 2.48 -6.20 4.96
CA ASN A 74 3.27 -6.35 6.15
C ASN A 74 4.44 -5.37 6.21
N ALA A 75 4.75 -4.71 5.09
CA ALA A 75 5.81 -3.71 5.06
C ALA A 75 5.31 -2.35 5.53
N VAL A 76 4.06 -2.00 5.21
CA VAL A 76 3.50 -0.70 5.58
C VAL A 76 3.01 -0.73 7.03
N MET A 77 3.02 -1.91 7.65
CA MET A 77 2.53 -2.08 9.01
C MET A 77 3.64 -2.10 10.05
N SER A 78 4.91 -1.97 9.62
CA SER A 78 6.02 -1.98 10.55
C SER A 78 7.26 -1.27 10.00
N LEU A 79 7.45 -1.25 8.68
CA LEU A 79 8.63 -0.66 8.07
C LEU A 79 8.33 0.72 7.49
N MET A 80 7.24 0.83 6.74
CA MET A 80 6.79 2.05 6.08
C MET A 80 7.91 2.70 5.28
N GLN A 81 8.95 1.94 4.93
CA GLN A 81 10.15 2.40 4.26
C GLN A 81 10.87 3.52 5.04
N SER A 82 10.38 3.85 6.23
CA SER A 82 10.96 4.87 7.09
C SER A 82 12.01 4.26 8.01
N HIS A 83 12.02 2.93 8.14
CA HIS A 83 12.97 2.21 8.98
C HIS A 83 14.23 1.84 8.21
N GLN A 84 15.32 1.61 8.95
CA GLN A 84 16.60 1.22 8.37
C GLN A 84 17.43 0.41 9.39
N ASP A 85 16.79 -0.07 10.46
CA ASP A 85 17.47 -0.80 11.53
C ASP A 85 16.50 -1.82 12.11
N LYS A 86 15.70 -2.45 11.23
CA LYS A 86 14.71 -3.46 11.62
C LYS A 86 15.39 -4.68 12.24
N SER A 1 -7.22 -25.60 -8.17
CA SER A 1 -5.94 -25.12 -8.73
C SER A 1 -6.16 -24.42 -10.06
N GLY A 2 -5.21 -23.57 -10.48
CA GLY A 2 -5.30 -22.81 -11.71
C GLY A 2 -4.09 -21.91 -11.90
N SER A 3 -4.06 -21.18 -13.01
CA SER A 3 -2.96 -20.28 -13.37
C SER A 3 -3.49 -19.06 -14.10
N HIS A 4 -2.68 -18.00 -14.17
CA HIS A 4 -3.04 -16.76 -14.85
C HIS A 4 -3.11 -16.95 -16.36
N MET A 5 -3.84 -16.06 -17.02
CA MET A 5 -4.02 -16.07 -18.47
C MET A 5 -4.22 -14.63 -18.95
N LYS A 6 -3.37 -13.73 -18.46
CA LYS A 6 -3.45 -12.29 -18.74
C LYS A 6 -4.80 -11.70 -18.35
N THR A 7 -5.51 -12.37 -17.44
CA THR A 7 -6.81 -11.95 -16.94
C THR A 7 -6.83 -10.60 -16.22
N CYS A 8 -7.97 -9.91 -16.26
CA CYS A 8 -8.13 -8.62 -15.62
C CYS A 8 -8.23 -8.71 -14.09
N VAL A 9 -8.31 -9.93 -13.56
CA VAL A 9 -8.40 -10.17 -12.12
C VAL A 9 -7.09 -9.86 -11.42
N VAL A 10 -7.17 -9.32 -10.20
CA VAL A 10 -6.01 -8.95 -9.39
C VAL A 10 -6.30 -9.17 -7.91
N GLU A 11 -5.25 -9.28 -7.09
CA GLU A 11 -5.38 -9.43 -5.66
C GLU A 11 -5.71 -8.10 -5.00
N LYS A 12 -6.36 -8.12 -3.84
CA LYS A 12 -6.68 -6.91 -3.10
C LYS A 12 -6.57 -7.09 -1.59
N ILE A 13 -6.13 -6.03 -0.92
CA ILE A 13 -6.01 -5.95 0.53
C ILE A 13 -6.39 -4.53 0.97
N LYS A 14 -6.91 -4.39 2.19
CA LYS A 14 -7.30 -3.10 2.75
C LYS A 14 -6.97 -3.06 4.23
N GLN A 15 -6.43 -1.92 4.71
CA GLN A 15 -6.10 -1.76 6.11
C GLN A 15 -6.04 -0.28 6.50
N TRP A 16 -6.37 0.01 7.76
CA TRP A 16 -6.38 1.35 8.31
C TRP A 16 -5.05 1.68 9.00
N ILE A 17 -4.67 2.95 8.97
CA ILE A 17 -3.54 3.47 9.72
C ILE A 17 -3.98 4.82 10.31
N PRO A 18 -3.48 5.18 11.49
CA PRO A 18 -3.84 6.43 12.15
C PRO A 18 -3.38 7.61 11.32
N THR A 19 -4.16 8.69 11.31
CA THR A 19 -3.86 9.86 10.49
C THR A 19 -2.54 10.56 10.79
N THR A 20 -1.96 10.28 11.96
CA THR A 20 -0.65 10.82 12.34
C THR A 20 0.52 10.09 11.69
N GLU A 21 0.25 8.93 11.08
CA GLU A 21 1.28 8.15 10.41
C GLU A 21 1.16 8.24 8.89
N VAL A 22 0.09 8.84 8.38
CA VAL A 22 -0.09 9.00 6.94
C VAL A 22 0.99 9.93 6.38
N GLY A 23 1.54 10.79 7.23
CA GLY A 23 2.58 11.73 6.83
C GLY A 23 3.90 11.02 6.52
N LYS A 24 4.06 9.76 6.93
CA LYS A 24 5.25 8.99 6.62
C LYS A 24 5.16 8.36 5.23
N ILE A 25 3.93 8.14 4.74
CA ILE A 25 3.73 7.50 3.45
C ILE A 25 3.61 8.55 2.33
N LEU A 26 3.03 9.71 2.62
CA LEU A 26 2.71 10.72 1.62
C LEU A 26 3.42 12.05 1.85
N GLY A 27 4.22 12.17 2.91
CA GLY A 27 4.84 13.43 3.30
C GLY A 27 6.02 13.84 2.42
N ASN A 28 6.31 13.07 1.37
CA ASN A 28 7.44 13.30 0.48
C ASN A 28 7.11 12.94 -0.96
N ARG A 29 6.00 13.48 -1.47
CA ARG A 29 5.49 13.17 -2.80
C ARG A 29 5.27 11.66 -2.96
N ALA A 30 4.92 11.00 -1.86
CA ALA A 30 4.68 9.57 -1.78
C ALA A 30 5.86 8.74 -2.27
N ALA A 31 7.09 9.25 -2.09
CA ALA A 31 8.29 8.57 -2.53
C ALA A 31 8.40 7.19 -1.88
N VAL A 32 7.95 7.06 -0.63
CA VAL A 32 8.03 5.79 0.08
C VAL A 32 7.03 4.76 -0.43
N LYS A 33 5.85 5.22 -0.84
CA LYS A 33 4.82 4.33 -1.37
C LYS A 33 5.26 3.80 -2.72
N LYS A 34 5.81 4.69 -3.56
CA LYS A 34 6.29 4.31 -4.89
C LYS A 34 7.51 3.41 -4.82
N HIS A 35 8.26 3.47 -3.71
CA HIS A 35 9.39 2.59 -3.50
C HIS A 35 8.91 1.17 -3.22
N ILE A 36 7.83 1.02 -2.45
CA ILE A 36 7.30 -0.31 -2.13
C ILE A 36 6.67 -0.93 -3.37
N GLU A 37 6.14 -0.11 -4.28
CA GLU A 37 5.51 -0.59 -5.50
C GLU A 37 6.53 -1.19 -6.46
N ARG A 38 7.77 -0.69 -6.49
CA ARG A 38 8.81 -1.24 -7.35
C ARG A 38 9.59 -2.34 -6.61
N GLN A 39 9.41 -2.43 -5.29
CA GLN A 39 10.05 -3.45 -4.47
C GLN A 39 9.30 -4.79 -4.57
N PHE A 40 7.99 -4.73 -4.82
CA PHE A 40 7.15 -5.90 -4.92
C PHE A 40 6.31 -5.99 -6.20
N ASN A 41 6.53 -5.06 -7.13
CA ASN A 41 5.78 -4.94 -8.37
C ASN A 41 4.27 -4.76 -8.12
N CYS A 42 3.90 -4.40 -6.89
CA CYS A 42 2.52 -4.18 -6.50
C CYS A 42 2.14 -2.72 -6.75
N VAL A 43 0.90 -2.36 -6.37
CA VAL A 43 0.40 -1.00 -6.43
C VAL A 43 -0.28 -0.70 -5.10
N ILE A 44 -0.16 0.53 -4.62
CA ILE A 44 -0.74 0.94 -3.33
C ILE A 44 -1.49 2.25 -3.49
N THR A 45 -2.59 2.39 -2.75
CA THR A 45 -3.42 3.58 -2.76
C THR A 45 -3.85 4.04 -1.37
N VAL A 46 -3.81 5.35 -1.14
CA VAL A 46 -4.27 5.93 0.12
C VAL A 46 -5.57 6.71 -0.10
N HIS A 47 -6.43 6.73 0.92
CA HIS A 47 -7.77 7.30 0.82
C HIS A 47 -8.02 8.31 1.94
N THR A 48 -7.18 9.34 2.01
CA THR A 48 -7.31 10.40 3.01
C THR A 48 -8.59 11.22 2.95
N GLU A 49 -9.36 11.08 1.87
CA GLU A 49 -10.64 11.76 1.73
C GLU A 49 -11.69 11.12 2.65
N VAL A 50 -11.39 9.93 3.19
CA VAL A 50 -12.26 9.26 4.15
C VAL A 50 -12.05 9.85 5.53
N GLN A 51 -13.05 9.71 6.40
CA GLN A 51 -12.92 10.12 7.79
C GLN A 51 -13.75 9.19 8.66
N SER A 52 -13.15 8.72 9.75
CA SER A 52 -13.80 7.90 10.75
C SER A 52 -13.52 8.42 12.16
N SER A 53 -14.40 8.08 13.11
CA SER A 53 -14.31 8.59 14.47
C SER A 53 -13.08 8.07 15.21
N PHE A 54 -12.46 7.00 14.71
CA PHE A 54 -11.25 6.45 15.29
C PHE A 54 -9.93 7.13 14.93
N GLY A 55 -10.00 8.19 14.12
CA GLY A 55 -8.82 8.98 13.79
C GLY A 55 -7.84 8.25 12.87
N ALA A 56 -8.36 7.57 11.85
CA ALA A 56 -7.54 6.79 10.94
C ALA A 56 -7.98 6.98 9.49
N THR A 57 -7.12 6.55 8.56
CA THR A 57 -7.33 6.66 7.12
C THR A 57 -7.04 5.27 6.56
N PRO A 58 -7.92 4.76 5.70
CA PRO A 58 -7.75 3.45 5.08
C PRO A 58 -6.78 3.51 3.89
N VAL A 59 -6.19 2.35 3.58
CA VAL A 59 -5.32 2.16 2.44
C VAL A 59 -5.61 0.86 1.70
N GLU A 60 -5.23 0.78 0.42
CA GLU A 60 -5.50 -0.36 -0.43
C GLU A 60 -4.23 -0.82 -1.16
N ILE A 61 -4.18 -2.10 -1.52
CA ILE A 61 -3.03 -2.70 -2.20
C ILE A 61 -3.52 -3.64 -3.29
N VAL A 62 -2.75 -3.76 -4.38
CA VAL A 62 -3.06 -4.63 -5.50
C VAL A 62 -1.78 -5.26 -6.04
N ALA A 63 -1.86 -6.52 -6.46
CA ALA A 63 -0.74 -7.24 -7.06
C ALA A 63 -1.26 -8.44 -7.86
N GLN A 64 -0.38 -9.06 -8.66
CA GLN A 64 -0.74 -10.21 -9.46
C GLN A 64 -0.84 -11.48 -8.62
N ASN A 65 -0.25 -11.49 -7.42
CA ASN A 65 -0.21 -12.66 -6.55
C ASN A 65 -0.23 -12.25 -5.09
N LYS A 66 -0.70 -13.14 -4.21
CA LYS A 66 -0.67 -12.93 -2.77
C LYS A 66 0.78 -12.96 -2.28
N GLU A 67 1.66 -13.61 -3.04
CA GLU A 67 3.08 -13.69 -2.72
C GLU A 67 3.77 -12.34 -2.90
N GLN A 68 3.04 -11.33 -3.39
CA GLN A 68 3.56 -9.99 -3.56
C GLN A 68 2.69 -8.97 -2.85
N CYS A 69 1.38 -9.24 -2.73
CA CYS A 69 0.46 -8.30 -2.11
C CYS A 69 0.64 -8.33 -0.60
N GLN A 70 0.88 -9.51 -0.01
CA GLN A 70 1.07 -9.65 1.42
C GLN A 70 2.42 -9.08 1.86
N GLU A 71 3.41 -9.11 0.98
CA GLU A 71 4.74 -8.62 1.35
C GLU A 71 4.72 -7.09 1.42
N ALA A 72 3.90 -6.46 0.58
CA ALA A 72 3.74 -5.01 0.58
C ALA A 72 2.80 -4.58 1.73
N ARG A 73 1.88 -5.47 2.10
CA ARG A 73 0.94 -5.24 3.20
C ARG A 73 1.66 -5.27 4.54
N ASN A 74 2.55 -6.24 4.72
CA ASN A 74 3.28 -6.40 5.99
C ASN A 74 4.42 -5.39 6.13
N ALA A 75 4.84 -4.74 5.04
CA ALA A 75 5.89 -3.75 5.11
C ALA A 75 5.38 -2.41 5.67
N VAL A 76 4.11 -2.08 5.42
CA VAL A 76 3.54 -0.80 5.83
C VAL A 76 3.10 -0.84 7.30
N MET A 77 3.08 -2.04 7.90
CA MET A 77 2.61 -2.19 9.26
C MET A 77 3.73 -2.01 10.30
N SER A 78 4.99 -1.98 9.88
CA SER A 78 6.10 -1.85 10.83
C SER A 78 7.34 -1.20 10.25
N LEU A 79 7.52 -1.15 8.93
CA LEU A 79 8.69 -0.53 8.32
C LEU A 79 8.34 0.82 7.70
N MET A 80 7.16 0.90 7.04
CA MET A 80 6.66 2.10 6.39
C MET A 80 7.69 2.74 5.46
N GLN A 81 8.73 1.99 5.07
CA GLN A 81 9.81 2.47 4.22
C GLN A 81 10.44 3.76 4.76
N SER A 82 10.31 4.01 6.07
CA SER A 82 10.82 5.23 6.68
C SER A 82 11.30 5.03 8.12
N HIS A 83 11.03 3.88 8.73
CA HIS A 83 11.49 3.61 10.09
C HIS A 83 12.97 3.23 10.10
N GLN A 84 13.66 3.51 11.21
CA GLN A 84 15.08 3.28 11.34
C GLN A 84 15.43 1.80 11.58
N ASP A 85 14.44 0.98 11.89
CA ASP A 85 14.65 -0.45 12.13
C ASP A 85 14.61 -1.32 10.87
N LYS A 86 14.42 -0.68 9.71
CA LYS A 86 14.38 -1.35 8.42
C LYS A 86 15.75 -1.86 8.01
N SER A 1 -3.82 -2.49 -24.48
CA SER A 1 -5.21 -2.24 -24.84
C SER A 1 -5.79 -3.37 -25.67
N GLY A 2 -7.12 -3.46 -25.74
CA GLY A 2 -7.82 -4.50 -26.48
C GLY A 2 -7.91 -5.80 -25.67
N SER A 3 -8.85 -6.67 -26.04
CA SER A 3 -9.09 -7.93 -25.35
C SER A 3 -7.93 -8.91 -25.56
N HIS A 4 -7.71 -9.79 -24.59
CA HIS A 4 -6.67 -10.81 -24.63
C HIS A 4 -7.18 -12.11 -24.01
N MET A 5 -6.57 -13.24 -24.38
CA MET A 5 -6.95 -14.54 -23.86
C MET A 5 -6.48 -14.73 -22.42
N LYS A 6 -5.46 -13.97 -22.00
CA LYS A 6 -4.94 -14.03 -20.65
C LYS A 6 -5.89 -13.35 -19.67
N THR A 7 -5.76 -13.70 -18.39
CA THR A 7 -6.57 -13.15 -17.32
C THR A 7 -6.30 -11.66 -17.03
N CYS A 8 -7.25 -11.04 -16.32
CA CYS A 8 -7.15 -9.65 -15.88
C CYS A 8 -7.41 -9.52 -14.39
N VAL A 9 -7.55 -10.65 -13.68
CA VAL A 9 -7.80 -10.67 -12.25
C VAL A 9 -6.56 -10.27 -11.45
N VAL A 10 -6.78 -9.67 -10.28
CA VAL A 10 -5.71 -9.21 -9.39
C VAL A 10 -6.12 -9.38 -7.93
N GLU A 11 -5.14 -9.47 -7.05
CA GLU A 11 -5.37 -9.58 -5.61
C GLU A 11 -5.59 -8.19 -5.01
N LYS A 12 -6.23 -8.15 -3.84
CA LYS A 12 -6.52 -6.91 -3.14
C LYS A 12 -6.45 -7.07 -1.63
N ILE A 13 -6.07 -5.99 -0.95
CA ILE A 13 -6.01 -5.90 0.51
C ILE A 13 -6.42 -4.48 0.91
N LYS A 14 -7.00 -4.34 2.10
CA LYS A 14 -7.38 -3.05 2.66
C LYS A 14 -7.14 -3.05 4.17
N GLN A 15 -6.58 -1.96 4.69
CA GLN A 15 -6.32 -1.83 6.11
C GLN A 15 -6.20 -0.35 6.51
N TRP A 16 -6.58 -0.05 7.75
CA TRP A 16 -6.53 1.29 8.30
C TRP A 16 -5.19 1.56 8.98
N ILE A 17 -4.74 2.81 8.93
CA ILE A 17 -3.55 3.28 9.64
C ILE A 17 -3.92 4.61 10.28
N PRO A 18 -3.36 4.94 11.45
CA PRO A 18 -3.64 6.18 12.15
C PRO A 18 -3.18 7.37 11.31
N THR A 19 -3.95 8.46 11.32
CA THR A 19 -3.64 9.64 10.52
C THR A 19 -2.30 10.30 10.81
N THR A 20 -1.72 9.99 11.98
CA THR A 20 -0.41 10.50 12.35
C THR A 20 0.76 9.80 11.64
N GLU A 21 0.49 8.66 11.00
CA GLU A 21 1.50 7.90 10.27
C GLU A 21 1.28 7.99 8.76
N VAL A 22 0.18 8.60 8.32
CA VAL A 22 -0.06 8.78 6.89
C VAL A 22 1.01 9.70 6.30
N GLY A 23 1.59 10.55 7.15
CA GLY A 23 2.65 11.46 6.75
C GLY A 23 3.95 10.73 6.45
N LYS A 24 4.04 9.44 6.78
CA LYS A 24 5.22 8.65 6.49
C LYS A 24 5.11 8.06 5.09
N ILE A 25 3.88 7.84 4.60
CA ILE A 25 3.63 7.26 3.29
C ILE A 25 3.56 8.36 2.24
N LEU A 26 3.05 9.53 2.61
CA LEU A 26 2.77 10.63 1.70
C LEU A 26 3.57 11.88 2.04
N GLY A 27 4.62 11.75 2.86
CA GLY A 27 5.38 12.89 3.37
C GLY A 27 6.14 13.66 2.30
N ASN A 28 6.36 13.06 1.12
CA ASN A 28 7.05 13.71 0.03
C ASN A 28 6.70 13.05 -1.30
N ARG A 29 5.75 13.63 -2.04
CA ARG A 29 5.33 13.16 -3.35
C ARG A 29 5.00 11.67 -3.37
N ALA A 30 4.64 11.12 -2.21
CA ALA A 30 4.38 9.70 -2.02
C ALA A 30 5.55 8.83 -2.50
N ALA A 31 6.77 9.37 -2.53
CA ALA A 31 7.94 8.65 -2.99
C ALA A 31 8.23 7.42 -2.12
N VAL A 32 7.78 7.43 -0.86
CA VAL A 32 7.96 6.30 0.03
C VAL A 32 7.01 5.18 -0.39
N LYS A 33 5.80 5.52 -0.81
CA LYS A 33 4.83 4.54 -1.28
C LYS A 33 5.28 3.94 -2.59
N LYS A 34 5.81 4.79 -3.48
CA LYS A 34 6.27 4.38 -4.80
C LYS A 34 7.49 3.47 -4.73
N HIS A 35 8.26 3.54 -3.64
CA HIS A 35 9.42 2.67 -3.47
C HIS A 35 8.98 1.25 -3.14
N ILE A 36 7.88 1.10 -2.39
CA ILE A 36 7.35 -0.21 -2.05
C ILE A 36 6.73 -0.87 -3.28
N GLU A 37 6.19 -0.06 -4.20
CA GLU A 37 5.61 -0.56 -5.43
C GLU A 37 6.69 -1.13 -6.35
N ARG A 38 7.91 -0.60 -6.27
CA ARG A 38 9.04 -1.10 -7.05
C ARG A 38 9.74 -2.26 -6.34
N GLN A 39 9.48 -2.43 -5.04
CA GLN A 39 10.08 -3.50 -4.24
C GLN A 39 9.34 -4.82 -4.44
N PHE A 40 8.05 -4.76 -4.74
CA PHE A 40 7.21 -5.95 -4.88
C PHE A 40 6.39 -5.97 -6.17
N ASN A 41 6.64 -5.02 -7.08
CA ASN A 41 5.92 -4.86 -8.33
C ASN A 41 4.40 -4.67 -8.11
N CYS A 42 4.01 -4.37 -6.87
CA CYS A 42 2.62 -4.14 -6.51
C CYS A 42 2.24 -2.68 -6.73
N VAL A 43 1.00 -2.32 -6.36
CA VAL A 43 0.51 -0.96 -6.39
C VAL A 43 -0.18 -0.68 -5.06
N ILE A 44 -0.07 0.56 -4.57
CA ILE A 44 -0.66 0.94 -3.28
C ILE A 44 -1.41 2.26 -3.43
N THR A 45 -2.51 2.39 -2.69
CA THR A 45 -3.33 3.59 -2.70
C THR A 45 -3.75 4.07 -1.32
N VAL A 46 -3.75 5.38 -1.11
CA VAL A 46 -4.19 5.98 0.14
C VAL A 46 -5.47 6.77 -0.05
N HIS A 47 -6.32 6.78 0.97
CA HIS A 47 -7.65 7.35 0.90
C HIS A 47 -7.90 8.35 2.04
N THR A 48 -7.04 9.37 2.13
CA THR A 48 -7.16 10.41 3.14
C THR A 48 -8.44 11.25 3.09
N GLU A 49 -9.21 11.12 2.00
CA GLU A 49 -10.48 11.81 1.87
C GLU A 49 -11.54 11.17 2.77
N VAL A 50 -11.26 9.99 3.31
CA VAL A 50 -12.13 9.32 4.26
C VAL A 50 -11.92 9.89 5.66
N GLN A 51 -12.94 9.76 6.51
CA GLN A 51 -12.85 10.21 7.89
C GLN A 51 -13.67 9.30 8.79
N SER A 52 -13.03 8.79 9.84
CA SER A 52 -13.67 7.95 10.84
C SER A 52 -13.36 8.45 12.25
N SER A 53 -14.22 8.12 13.21
CA SER A 53 -14.13 8.61 14.57
C SER A 53 -12.90 8.06 15.30
N PHE A 54 -12.30 6.98 14.77
CA PHE A 54 -11.10 6.39 15.36
C PHE A 54 -9.77 7.04 15.00
N GLY A 55 -9.80 8.12 14.19
CA GLY A 55 -8.61 8.89 13.87
C GLY A 55 -7.67 8.12 12.93
N ALA A 56 -8.22 7.50 11.88
CA ALA A 56 -7.42 6.72 10.95
C ALA A 56 -7.87 6.95 9.51
N THR A 57 -7.05 6.47 8.56
CA THR A 57 -7.28 6.60 7.13
C THR A 57 -7.01 5.20 6.56
N PRO A 58 -7.90 4.71 5.69
CA PRO A 58 -7.74 3.41 5.06
C PRO A 58 -6.78 3.47 3.87
N VAL A 59 -6.15 2.33 3.57
CA VAL A 59 -5.27 2.17 2.42
C VAL A 59 -5.57 0.87 1.67
N GLU A 60 -5.17 0.81 0.39
CA GLU A 60 -5.45 -0.33 -0.47
C GLU A 60 -4.19 -0.79 -1.18
N ILE A 61 -4.15 -2.06 -1.57
CA ILE A 61 -3.00 -2.67 -2.24
C ILE A 61 -3.48 -3.57 -3.37
N VAL A 62 -2.69 -3.67 -4.44
CA VAL A 62 -3.01 -4.50 -5.60
C VAL A 62 -1.75 -5.19 -6.12
N ALA A 63 -1.88 -6.45 -6.52
CA ALA A 63 -0.78 -7.23 -7.08
C ALA A 63 -1.33 -8.41 -7.88
N GLN A 64 -0.48 -9.07 -8.66
CA GLN A 64 -0.90 -10.21 -9.46
C GLN A 64 -1.13 -11.45 -8.59
N ASN A 65 -0.60 -11.45 -7.37
CA ASN A 65 -0.69 -12.59 -6.48
C ASN A 65 -0.51 -12.17 -5.02
N LYS A 66 -0.86 -13.07 -4.08
CA LYS A 66 -0.71 -12.79 -2.66
C LYS A 66 0.76 -12.82 -2.25
N GLU A 67 1.63 -13.39 -3.09
CA GLU A 67 3.06 -13.48 -2.83
C GLU A 67 3.73 -12.10 -2.95
N GLN A 68 2.96 -11.08 -3.34
CA GLN A 68 3.45 -9.71 -3.43
C GLN A 68 2.51 -8.73 -2.73
N CYS A 69 1.22 -9.08 -2.63
CA CYS A 69 0.25 -8.20 -1.99
C CYS A 69 0.45 -8.23 -0.47
N GLN A 70 0.75 -9.42 0.08
CA GLN A 70 0.98 -9.56 1.51
C GLN A 70 2.33 -8.97 1.91
N GLU A 71 3.31 -9.00 1.01
CA GLU A 71 4.63 -8.47 1.31
C GLU A 71 4.57 -6.94 1.34
N ALA A 72 3.70 -6.35 0.52
CA ALA A 72 3.50 -4.92 0.50
C ALA A 72 2.63 -4.46 1.66
N ARG A 73 1.80 -5.36 2.20
CA ARG A 73 0.97 -5.09 3.37
C ARG A 73 1.83 -5.04 4.62
N ASN A 74 2.61 -6.08 4.84
CA ASN A 74 3.48 -6.19 6.01
C ASN A 74 4.61 -5.16 5.98
N ALA A 75 4.83 -4.52 4.82
CA ALA A 75 5.83 -3.47 4.68
C ALA A 75 5.30 -2.10 5.11
N VAL A 76 4.01 -2.01 5.45
CA VAL A 76 3.38 -0.75 5.84
C VAL A 76 2.73 -0.82 7.22
N MET A 77 2.66 -2.00 7.83
CA MET A 77 2.06 -2.15 9.15
C MET A 77 3.00 -1.73 10.28
N SER A 78 4.30 -1.62 10.01
CA SER A 78 5.26 -1.22 11.03
C SER A 78 6.55 -0.68 10.43
N LEU A 79 7.00 -1.25 9.30
CA LEU A 79 8.23 -0.80 8.66
C LEU A 79 7.98 0.54 7.97
N MET A 80 6.85 0.64 7.26
CA MET A 80 6.42 1.86 6.56
C MET A 80 7.51 2.45 5.66
N GLN A 81 8.50 1.62 5.28
CA GLN A 81 9.66 2.03 4.51
C GLN A 81 10.37 3.22 5.16
N SER A 82 10.20 3.37 6.48
CA SER A 82 10.79 4.46 7.25
C SER A 82 11.44 3.95 8.53
N HIS A 83 11.37 2.63 8.77
CA HIS A 83 11.95 1.98 9.95
C HIS A 83 12.79 0.77 9.57
N GLN A 84 13.05 0.59 8.27
CA GLN A 84 13.82 -0.56 7.78
C GLN A 84 15.28 -0.51 8.28
N ASP A 85 15.73 0.66 8.74
CA ASP A 85 17.08 0.83 9.27
C ASP A 85 17.28 0.36 10.71
N LYS A 86 16.21 -0.18 11.31
CA LYS A 86 16.24 -0.68 12.68
C LYS A 86 17.15 -1.90 12.80
N SER A 1 -4.45 -13.49 -28.71
CA SER A 1 -5.80 -13.72 -28.15
C SER A 1 -6.16 -12.63 -27.16
N GLY A 2 -7.46 -12.41 -26.92
CA GLY A 2 -7.94 -11.39 -26.00
C GLY A 2 -7.74 -11.81 -24.54
N SER A 3 -7.48 -13.09 -24.29
CA SER A 3 -7.27 -13.60 -22.93
C SER A 3 -5.86 -13.27 -22.43
N HIS A 4 -5.00 -12.70 -23.30
CA HIS A 4 -3.62 -12.37 -23.01
C HIS A 4 -2.77 -13.57 -22.59
N MET A 5 -1.46 -13.36 -22.49
CA MET A 5 -0.52 -14.39 -22.08
C MET A 5 -0.63 -14.67 -20.58
N LYS A 6 -1.39 -13.85 -19.86
CA LYS A 6 -1.58 -14.00 -18.42
C LYS A 6 -2.91 -13.38 -18.01
N THR A 7 -3.56 -13.94 -16.98
CA THR A 7 -4.85 -13.45 -16.51
C THR A 7 -4.86 -12.02 -15.99
N CYS A 8 -5.93 -11.28 -16.32
CA CYS A 8 -6.10 -9.89 -15.90
C CYS A 8 -6.55 -9.75 -14.45
N VAL A 9 -6.81 -10.87 -13.77
CA VAL A 9 -7.24 -10.84 -12.38
C VAL A 9 -6.14 -10.35 -11.44
N VAL A 10 -6.54 -9.68 -10.35
CA VAL A 10 -5.61 -9.13 -9.37
C VAL A 10 -6.16 -9.27 -7.96
N GLU A 11 -5.26 -9.33 -6.99
CA GLU A 11 -5.58 -9.45 -5.58
C GLU A 11 -5.73 -8.06 -4.95
N LYS A 12 -6.41 -8.00 -3.80
CA LYS A 12 -6.65 -6.76 -3.07
C LYS A 12 -6.59 -6.95 -1.56
N ILE A 13 -6.16 -5.88 -0.88
CA ILE A 13 -6.08 -5.83 0.58
C ILE A 13 -6.43 -4.40 1.01
N LYS A 14 -6.96 -4.25 2.23
CA LYS A 14 -7.32 -2.95 2.77
C LYS A 14 -6.97 -2.90 4.26
N GLN A 15 -6.45 -1.76 4.72
CA GLN A 15 -6.08 -1.57 6.11
C GLN A 15 -6.03 -0.09 6.48
N TRP A 16 -6.27 0.21 7.76
CA TRP A 16 -6.28 1.57 8.28
C TRP A 16 -4.95 1.93 8.93
N ILE A 17 -4.63 3.24 8.95
CA ILE A 17 -3.49 3.78 9.66
C ILE A 17 -3.90 5.11 10.28
N PRO A 18 -3.50 5.38 11.53
CA PRO A 18 -3.86 6.60 12.23
C PRO A 18 -3.27 7.81 11.51
N THR A 19 -4.01 8.92 11.49
CA THR A 19 -3.58 10.12 10.78
C THR A 19 -2.25 10.72 11.22
N THR A 20 -1.74 10.27 12.37
CA THR A 20 -0.46 10.72 12.90
C THR A 20 0.77 10.13 12.20
N GLU A 21 0.57 9.17 11.29
CA GLU A 21 1.66 8.57 10.55
C GLU A 21 1.33 8.36 9.07
N VAL A 22 0.19 8.90 8.60
CA VAL A 22 -0.12 8.86 7.17
C VAL A 22 0.92 9.70 6.44
N GLY A 23 1.53 10.67 7.14
CA GLY A 23 2.54 11.54 6.56
C GLY A 23 3.84 10.78 6.28
N LYS A 24 3.99 9.57 6.83
CA LYS A 24 5.16 8.73 6.59
C LYS A 24 5.08 8.07 5.22
N ILE A 25 3.93 8.19 4.54
CA ILE A 25 3.72 7.58 3.22
C ILE A 25 3.48 8.64 2.16
N LEU A 26 2.93 9.80 2.55
CA LEU A 26 2.56 10.85 1.60
C LEU A 26 3.35 12.13 1.78
N GLY A 27 4.21 12.20 2.81
CA GLY A 27 4.96 13.41 3.12
C GLY A 27 6.16 13.60 2.19
N ASN A 28 6.63 12.53 1.56
CA ASN A 28 7.74 12.56 0.62
C ASN A 28 7.23 12.66 -0.81
N ARG A 29 6.11 13.35 -1.03
CA ARG A 29 5.43 13.38 -2.33
C ARG A 29 5.12 11.95 -2.80
N ALA A 30 4.85 11.08 -1.83
CA ALA A 30 4.56 9.66 -2.04
C ALA A 30 5.70 8.90 -2.70
N ALA A 31 6.92 9.45 -2.69
CA ALA A 31 8.08 8.76 -3.22
C ALA A 31 8.33 7.48 -2.43
N VAL A 32 8.01 7.49 -1.13
CA VAL A 32 8.17 6.35 -0.26
C VAL A 32 7.14 5.27 -0.61
N LYS A 33 5.93 5.68 -1.04
CA LYS A 33 4.90 4.73 -1.40
C LYS A 33 5.28 4.01 -2.68
N LYS A 34 5.81 4.75 -3.65
CA LYS A 34 6.21 4.21 -4.95
C LYS A 34 7.43 3.29 -4.84
N HIS A 35 8.21 3.40 -3.76
CA HIS A 35 9.36 2.53 -3.58
C HIS A 35 8.90 1.14 -3.12
N ILE A 36 7.79 1.07 -2.37
CA ILE A 36 7.25 -0.21 -1.93
C ILE A 36 6.59 -0.90 -3.13
N GLU A 37 6.04 -0.11 -4.06
CA GLU A 37 5.47 -0.62 -5.30
C GLU A 37 6.57 -1.18 -6.20
N ARG A 38 7.76 -0.57 -6.13
CA ARG A 38 8.94 -1.00 -6.89
C ARG A 38 9.62 -2.19 -6.20
N GLN A 39 9.39 -2.36 -4.89
CA GLN A 39 10.00 -3.43 -4.12
C GLN A 39 9.25 -4.75 -4.28
N PHE A 40 7.93 -4.68 -4.49
CA PHE A 40 7.08 -5.85 -4.58
C PHE A 40 6.25 -5.97 -5.86
N ASN A 41 6.51 -5.08 -6.83
CA ASN A 41 5.78 -5.02 -8.09
C ASN A 41 4.28 -4.81 -7.88
N CYS A 42 3.88 -4.41 -6.67
CA CYS A 42 2.50 -4.17 -6.32
C CYS A 42 2.13 -2.70 -6.59
N VAL A 43 0.92 -2.30 -6.20
CA VAL A 43 0.45 -0.94 -6.28
C VAL A 43 -0.25 -0.62 -4.95
N ILE A 44 -0.15 0.63 -4.49
CA ILE A 44 -0.73 1.04 -3.21
C ILE A 44 -1.48 2.36 -3.39
N THR A 45 -2.62 2.49 -2.68
CA THR A 45 -3.44 3.68 -2.74
C THR A 45 -3.98 4.15 -1.38
N VAL A 46 -3.64 5.38 -0.99
CA VAL A 46 -4.17 5.97 0.23
C VAL A 46 -5.45 6.72 -0.09
N HIS A 47 -6.40 6.75 0.85
CA HIS A 47 -7.71 7.34 0.66
C HIS A 47 -8.00 8.38 1.75
N THR A 48 -7.21 9.46 1.77
CA THR A 48 -7.37 10.53 2.76
C THR A 48 -8.69 11.29 2.69
N GLU A 49 -9.47 11.08 1.62
CA GLU A 49 -10.81 11.63 1.52
C GLU A 49 -11.77 10.83 2.40
N VAL A 50 -11.25 9.83 3.12
CA VAL A 50 -11.99 9.01 4.08
C VAL A 50 -11.36 9.13 5.47
N GLN A 51 -12.19 9.07 6.51
CA GLN A 51 -11.70 9.11 7.88
C GLN A 51 -12.70 8.42 8.81
N SER A 52 -12.25 7.36 9.49
CA SER A 52 -13.06 6.63 10.44
C SER A 52 -13.12 7.37 11.77
N SER A 53 -14.07 6.98 12.63
CA SER A 53 -14.26 7.61 13.93
C SER A 53 -13.07 7.37 14.84
N PHE A 54 -12.24 6.37 14.51
CA PHE A 54 -11.01 6.09 15.27
C PHE A 54 -9.79 6.94 14.93
N GLY A 55 -9.97 7.96 14.07
CA GLY A 55 -8.90 8.88 13.72
C GLY A 55 -7.88 8.26 12.78
N ALA A 56 -8.35 7.50 11.77
CA ALA A 56 -7.45 6.83 10.84
C ALA A 56 -7.95 6.94 9.39
N THR A 57 -7.01 6.81 8.46
CA THR A 57 -7.25 6.87 7.03
C THR A 57 -7.03 5.46 6.49
N PRO A 58 -7.93 4.96 5.63
CA PRO A 58 -7.81 3.65 5.02
C PRO A 58 -6.87 3.67 3.82
N VAL A 59 -6.28 2.52 3.51
CA VAL A 59 -5.42 2.32 2.36
C VAL A 59 -5.72 1.01 1.63
N GLU A 60 -5.34 0.93 0.35
CA GLU A 60 -5.58 -0.25 -0.47
C GLU A 60 -4.29 -0.71 -1.15
N ILE A 61 -4.23 -2.00 -1.48
CA ILE A 61 -3.07 -2.60 -2.13
C ILE A 61 -3.54 -3.51 -3.25
N VAL A 62 -2.76 -3.60 -4.33
CA VAL A 62 -3.07 -4.43 -5.49
C VAL A 62 -1.83 -5.15 -6.02
N ALA A 63 -1.99 -6.39 -6.46
CA ALA A 63 -0.91 -7.19 -7.02
C ALA A 63 -1.47 -8.32 -7.87
N GLN A 64 -0.62 -8.98 -8.66
CA GLN A 64 -1.04 -10.08 -9.52
C GLN A 64 -1.44 -11.30 -8.68
N ASN A 65 -0.89 -11.44 -7.46
CA ASN A 65 -1.20 -12.55 -6.58
C ASN A 65 -0.93 -12.19 -5.11
N LYS A 66 -1.34 -13.05 -4.18
CA LYS A 66 -1.17 -12.81 -2.76
C LYS A 66 0.30 -12.87 -2.33
N GLU A 67 1.12 -13.59 -3.08
CA GLU A 67 2.54 -13.72 -2.79
C GLU A 67 3.31 -12.41 -3.02
N GLN A 68 2.63 -11.38 -3.54
CA GLN A 68 3.21 -10.06 -3.72
C GLN A 68 2.37 -8.98 -3.07
N CYS A 69 1.09 -9.26 -2.79
CA CYS A 69 0.22 -8.28 -2.17
C CYS A 69 0.45 -8.28 -0.65
N GLN A 70 0.67 -9.46 -0.07
CA GLN A 70 0.87 -9.59 1.37
C GLN A 70 2.23 -9.06 1.80
N GLU A 71 3.23 -9.08 0.91
CA GLU A 71 4.56 -8.63 1.26
C GLU A 71 4.58 -7.12 1.45
N ALA A 72 3.76 -6.39 0.69
CA ALA A 72 3.64 -4.96 0.82
C ALA A 72 2.71 -4.59 1.98
N ARG A 73 1.74 -5.46 2.28
CA ARG A 73 0.79 -5.25 3.36
C ARG A 73 1.50 -5.32 4.71
N ASN A 74 2.43 -6.26 4.86
CA ASN A 74 3.17 -6.43 6.10
C ASN A 74 4.32 -5.42 6.23
N ALA A 75 4.63 -4.68 5.17
CA ALA A 75 5.72 -3.70 5.22
C ALA A 75 5.23 -2.36 5.74
N VAL A 76 3.98 -1.98 5.45
CA VAL A 76 3.45 -0.68 5.82
C VAL A 76 3.03 -0.66 7.29
N MET A 77 2.97 -1.83 7.93
CA MET A 77 2.53 -1.92 9.31
C MET A 77 3.64 -1.65 10.33
N SER A 78 4.90 -1.64 9.90
CA SER A 78 6.02 -1.43 10.83
C SER A 78 7.24 -0.79 10.19
N LEU A 79 7.46 -1.02 8.88
CA LEU A 79 8.63 -0.47 8.20
C LEU A 79 8.29 0.85 7.51
N MET A 80 7.13 0.88 6.84
CA MET A 80 6.63 2.03 6.10
C MET A 80 7.65 2.58 5.10
N GLN A 81 8.78 1.88 4.92
CA GLN A 81 9.92 2.34 4.13
C GLN A 81 10.45 3.69 4.63
N SER A 82 10.02 4.11 5.83
CA SER A 82 10.38 5.41 6.38
C SER A 82 10.23 5.49 7.90
N HIS A 83 9.85 4.40 8.57
CA HIS A 83 9.62 4.40 10.02
C HIS A 83 10.93 4.58 10.79
N GLN A 84 12.06 4.69 10.09
CA GLN A 84 13.35 4.95 10.70
C GLN A 84 13.43 6.39 11.22
N ASP A 85 12.48 7.24 10.80
CA ASP A 85 12.36 8.62 11.23
C ASP A 85 13.58 9.53 11.02
N LYS A 86 14.57 9.05 10.26
CA LYS A 86 15.77 9.83 9.95
C LYS A 86 15.47 10.93 8.92
N SER A 1 -15.40 -9.09 -28.64
CA SER A 1 -14.64 -8.50 -27.52
C SER A 1 -13.18 -8.92 -27.59
N GLY A 2 -12.32 -8.23 -26.84
CA GLY A 2 -10.89 -8.51 -26.80
C GLY A 2 -10.60 -9.74 -25.94
N SER A 3 -9.32 -10.10 -25.85
CA SER A 3 -8.86 -11.25 -25.08
C SER A 3 -7.37 -11.09 -24.73
N HIS A 4 -6.88 -11.94 -23.83
CA HIS A 4 -5.48 -11.92 -23.39
C HIS A 4 -5.07 -13.31 -22.91
N MET A 5 -3.76 -13.56 -22.84
CA MET A 5 -3.22 -14.86 -22.45
C MET A 5 -3.42 -15.14 -20.96
N LYS A 6 -3.85 -14.14 -20.18
CA LYS A 6 -4.09 -14.26 -18.75
C LYS A 6 -5.30 -13.42 -18.34
N THR A 7 -5.90 -13.73 -17.20
CA THR A 7 -7.06 -13.01 -16.68
C THR A 7 -6.77 -11.60 -16.23
N CYS A 8 -7.81 -10.75 -16.20
CA CYS A 8 -7.72 -9.38 -15.74
C CYS A 8 -7.86 -9.28 -14.21
N VAL A 9 -7.99 -10.43 -13.53
CA VAL A 9 -8.16 -10.49 -12.09
C VAL A 9 -6.88 -10.09 -11.35
N VAL A 10 -7.03 -9.46 -10.19
CA VAL A 10 -5.92 -9.04 -9.34
C VAL A 10 -6.26 -9.20 -7.87
N GLU A 11 -5.22 -9.26 -7.03
CA GLU A 11 -5.36 -9.37 -5.60
C GLU A 11 -5.74 -8.02 -4.99
N LYS A 12 -6.41 -8.03 -3.83
CA LYS A 12 -6.77 -6.81 -3.12
C LYS A 12 -6.66 -6.96 -1.61
N ILE A 13 -6.25 -5.87 -0.95
CA ILE A 13 -6.14 -5.77 0.49
C ILE A 13 -6.52 -4.34 0.89
N LYS A 14 -7.09 -4.17 2.08
CA LYS A 14 -7.43 -2.86 2.62
C LYS A 14 -7.23 -2.85 4.12
N GLN A 15 -6.67 -1.76 4.65
CA GLN A 15 -6.42 -1.61 6.08
C GLN A 15 -6.30 -0.14 6.45
N TRP A 16 -6.55 0.17 7.72
CA TRP A 16 -6.49 1.53 8.24
C TRP A 16 -5.16 1.78 8.96
N ILE A 17 -4.66 3.01 8.88
CA ILE A 17 -3.48 3.46 9.63
C ILE A 17 -3.85 4.80 10.27
N PRO A 18 -3.29 5.10 11.45
CA PRO A 18 -3.61 6.33 12.16
C PRO A 18 -3.17 7.54 11.32
N THR A 19 -3.97 8.60 11.34
CA THR A 19 -3.68 9.80 10.56
C THR A 19 -2.37 10.50 10.90
N THR A 20 -1.80 10.16 12.06
CA THR A 20 -0.51 10.67 12.49
C THR A 20 0.68 10.00 11.83
N GLU A 21 0.44 8.90 11.11
CA GLU A 21 1.50 8.17 10.41
C GLU A 21 1.30 8.22 8.89
N VAL A 22 0.21 8.84 8.41
CA VAL A 22 0.00 8.98 6.97
C VAL A 22 1.13 9.84 6.39
N GLY A 23 1.76 10.68 7.22
CA GLY A 23 2.86 11.51 6.79
C GLY A 23 4.13 10.69 6.52
N LYS A 24 4.17 9.43 6.98
CA LYS A 24 5.30 8.55 6.70
C LYS A 24 5.18 7.95 5.30
N ILE A 25 3.98 8.01 4.70
CA ILE A 25 3.73 7.42 3.39
C ILE A 25 3.58 8.49 2.31
N LEU A 26 3.02 9.65 2.67
CA LEU A 26 2.69 10.70 1.71
C LEU A 26 3.41 12.03 2.00
N GLY A 27 4.29 12.05 3.01
CA GLY A 27 4.93 13.27 3.48
C GLY A 27 6.03 13.79 2.53
N ASN A 28 6.27 13.10 1.41
CA ASN A 28 7.31 13.46 0.46
C ASN A 28 6.91 13.09 -0.96
N ARG A 29 5.78 13.66 -1.44
CA ARG A 29 5.24 13.37 -2.76
C ARG A 29 5.00 11.88 -2.96
N ALA A 30 4.68 11.19 -1.86
CA ALA A 30 4.43 9.76 -1.83
C ALA A 30 5.60 8.94 -2.40
N ALA A 31 6.82 9.48 -2.33
CA ALA A 31 8.00 8.78 -2.84
C ALA A 31 8.26 7.50 -2.05
N VAL A 32 7.78 7.42 -0.80
CA VAL A 32 7.94 6.23 0.02
C VAL A 32 6.96 5.16 -0.46
N LYS A 33 5.74 5.58 -0.84
CA LYS A 33 4.71 4.64 -1.28
C LYS A 33 5.12 4.03 -2.62
N LYS A 34 5.63 4.87 -3.52
CA LYS A 34 6.04 4.44 -4.85
C LYS A 34 7.29 3.56 -4.83
N HIS A 35 8.04 3.57 -3.72
CA HIS A 35 9.21 2.71 -3.61
C HIS A 35 8.80 1.27 -3.32
N ILE A 36 7.70 1.09 -2.58
CA ILE A 36 7.20 -0.24 -2.25
C ILE A 36 6.59 -0.88 -3.49
N GLU A 37 6.04 -0.07 -4.40
CA GLU A 37 5.45 -0.56 -5.63
C GLU A 37 6.52 -1.14 -6.55
N ARG A 38 7.77 -0.68 -6.42
CA ARG A 38 8.89 -1.20 -7.19
C ARG A 38 9.59 -2.33 -6.43
N GLN A 39 9.33 -2.43 -5.12
CA GLN A 39 9.93 -3.46 -4.27
C GLN A 39 9.18 -4.79 -4.41
N PHE A 40 7.89 -4.73 -4.73
CA PHE A 40 7.06 -5.91 -4.86
C PHE A 40 6.25 -6.00 -6.16
N ASN A 41 6.50 -5.08 -7.09
CA ASN A 41 5.75 -4.95 -8.34
C ASN A 41 4.24 -4.76 -8.09
N CYS A 42 3.87 -4.39 -6.87
CA CYS A 42 2.50 -4.15 -6.47
C CYS A 42 2.12 -2.69 -6.72
N VAL A 43 0.89 -2.33 -6.32
CA VAL A 43 0.40 -0.95 -6.38
C VAL A 43 -0.27 -0.64 -5.06
N ILE A 44 -0.16 0.60 -4.59
CA ILE A 44 -0.73 1.01 -3.32
C ILE A 44 -1.49 2.33 -3.49
N THR A 45 -2.62 2.45 -2.79
CA THR A 45 -3.48 3.63 -2.85
C THR A 45 -4.04 4.07 -1.52
N VAL A 46 -3.46 5.12 -0.94
CA VAL A 46 -3.98 5.73 0.28
C VAL A 46 -5.22 6.57 -0.06
N HIS A 47 -6.21 6.59 0.82
CA HIS A 47 -7.46 7.29 0.57
C HIS A 47 -7.76 8.30 1.66
N THR A 48 -7.01 9.41 1.66
CA THR A 48 -7.20 10.51 2.59
C THR A 48 -8.52 11.25 2.44
N GLU A 49 -9.30 10.89 1.42
CA GLU A 49 -10.65 11.39 1.24
C GLU A 49 -11.58 10.76 2.27
N VAL A 50 -11.03 9.82 3.07
CA VAL A 50 -11.77 9.08 4.08
C VAL A 50 -11.10 9.17 5.44
N GLN A 51 -11.92 9.17 6.50
CA GLN A 51 -11.42 9.20 7.87
C GLN A 51 -12.44 8.53 8.80
N SER A 52 -11.99 7.47 9.48
CA SER A 52 -12.84 6.76 10.43
C SER A 52 -12.91 7.51 11.76
N SER A 53 -13.89 7.17 12.59
CA SER A 53 -14.09 7.81 13.88
C SER A 53 -12.93 7.52 14.83
N PHE A 54 -12.13 6.50 14.54
CA PHE A 54 -10.95 6.16 15.31
C PHE A 54 -9.66 6.93 15.00
N GLY A 55 -9.76 7.96 14.14
CA GLY A 55 -8.63 8.80 13.81
C GLY A 55 -7.65 8.12 12.86
N ALA A 56 -8.18 7.42 11.84
CA ALA A 56 -7.36 6.69 10.89
C ALA A 56 -7.82 6.91 9.45
N THR A 57 -6.90 6.65 8.51
CA THR A 57 -7.12 6.82 7.08
C THR A 57 -6.85 5.43 6.47
N PRO A 58 -7.72 4.96 5.57
CA PRO A 58 -7.59 3.68 4.91
C PRO A 58 -6.59 3.74 3.75
N VAL A 59 -6.08 2.56 3.37
CA VAL A 59 -5.19 2.40 2.22
C VAL A 59 -5.49 1.05 1.60
N GLU A 60 -5.30 0.95 0.28
CA GLU A 60 -5.56 -0.25 -0.50
C GLU A 60 -4.28 -0.72 -1.20
N ILE A 61 -4.23 -2.01 -1.53
CA ILE A 61 -3.08 -2.61 -2.20
C ILE A 61 -3.57 -3.56 -3.28
N VAL A 62 -2.79 -3.69 -4.37
CA VAL A 62 -3.10 -4.58 -5.48
C VAL A 62 -1.81 -5.21 -5.98
N ALA A 63 -1.88 -6.49 -6.39
CA ALA A 63 -0.75 -7.21 -6.95
C ALA A 63 -1.26 -8.41 -7.75
N GLN A 64 -0.37 -9.06 -8.50
CA GLN A 64 -0.75 -10.22 -9.29
C GLN A 64 -0.95 -11.46 -8.41
N ASN A 65 -0.36 -11.48 -7.21
CA ASN A 65 -0.42 -12.63 -6.32
C ASN A 65 -0.39 -12.19 -4.86
N LYS A 66 -0.87 -13.06 -3.95
CA LYS A 66 -0.79 -12.81 -2.53
C LYS A 66 0.67 -12.82 -2.07
N GLU A 67 1.53 -13.48 -2.82
CA GLU A 67 2.96 -13.57 -2.52
C GLU A 67 3.65 -12.21 -2.70
N GLN A 68 2.92 -11.22 -3.21
CA GLN A 68 3.45 -9.88 -3.38
C GLN A 68 2.55 -8.84 -2.69
N CYS A 69 1.26 -9.14 -2.52
CA CYS A 69 0.33 -8.19 -1.92
C CYS A 69 0.47 -8.21 -0.41
N GLN A 70 0.71 -9.40 0.17
CA GLN A 70 0.86 -9.53 1.61
C GLN A 70 2.19 -8.95 2.08
N GLU A 71 3.21 -9.00 1.22
CA GLU A 71 4.51 -8.47 1.55
C GLU A 71 4.48 -6.95 1.53
N ALA A 72 3.65 -6.38 0.65
CA ALA A 72 3.47 -4.93 0.59
C ALA A 72 2.59 -4.43 1.72
N ARG A 73 1.72 -5.31 2.25
CA ARG A 73 0.86 -5.00 3.38
C ARG A 73 1.69 -4.95 4.67
N ASN A 74 2.47 -6.00 4.91
CA ASN A 74 3.30 -6.10 6.10
C ASN A 74 4.45 -5.09 6.08
N ALA A 75 4.75 -4.51 4.91
CA ALA A 75 5.78 -3.50 4.78
C ALA A 75 5.29 -2.11 5.17
N VAL A 76 3.99 -1.96 5.47
CA VAL A 76 3.38 -0.67 5.80
C VAL A 76 2.77 -0.68 7.19
N MET A 77 2.63 -1.85 7.82
CA MET A 77 2.02 -1.96 9.14
C MET A 77 3.05 -1.90 10.27
N SER A 78 4.34 -1.76 9.96
CA SER A 78 5.38 -1.66 10.98
C SER A 78 6.64 -0.98 10.45
N LEU A 79 7.04 -1.29 9.21
CA LEU A 79 8.26 -0.73 8.63
C LEU A 79 7.98 0.62 7.97
N MET A 80 6.80 0.74 7.35
CA MET A 80 6.35 1.94 6.64
C MET A 80 7.35 2.45 5.60
N GLN A 81 8.38 1.66 5.30
CA GLN A 81 9.45 2.01 4.37
C GLN A 81 10.05 3.39 4.70
N SER A 82 9.94 3.81 5.95
CA SER A 82 10.40 5.13 6.38
C SER A 82 10.90 5.10 7.83
N HIS A 83 11.20 3.90 8.34
CA HIS A 83 11.70 3.73 9.69
C HIS A 83 13.04 4.44 9.89
N GLN A 84 13.31 4.89 11.11
CA GLN A 84 14.54 5.59 11.46
C GLN A 84 15.75 4.66 11.49
N ASP A 85 15.52 3.35 11.33
CA ASP A 85 16.58 2.35 11.34
C ASP A 85 17.52 2.36 10.14
N LYS A 86 17.36 3.34 9.24
CA LYS A 86 18.16 3.49 8.04
C LYS A 86 18.24 4.95 7.63
N SER A 1 -0.10 -16.83 -10.79
CA SER A 1 -1.14 -17.16 -11.77
C SER A 1 -1.31 -16.05 -12.79
N GLY A 2 -1.88 -16.37 -13.97
CA GLY A 2 -2.12 -15.41 -15.02
C GLY A 2 -2.68 -16.08 -16.27
N SER A 3 -3.04 -15.28 -17.27
CA SER A 3 -3.58 -15.78 -18.52
C SER A 3 -3.36 -14.77 -19.65
N HIS A 4 -3.29 -15.24 -20.89
CA HIS A 4 -3.11 -14.39 -22.06
C HIS A 4 -4.35 -13.53 -22.31
N MET A 5 -5.45 -13.82 -21.60
CA MET A 5 -6.68 -13.05 -21.70
C MET A 5 -6.55 -11.68 -21.03
N LYS A 6 -5.45 -11.47 -20.27
CA LYS A 6 -5.16 -10.22 -19.58
C LYS A 6 -6.36 -9.80 -18.72
N THR A 7 -6.87 -10.74 -17.92
CA THR A 7 -8.01 -10.53 -17.06
C THR A 7 -7.91 -9.33 -16.10
N CYS A 8 -9.06 -8.69 -15.83
CA CYS A 8 -9.12 -7.51 -14.97
C CYS A 8 -8.98 -7.89 -13.49
N VAL A 9 -9.11 -9.18 -13.16
CA VAL A 9 -9.02 -9.66 -11.79
C VAL A 9 -7.60 -9.49 -11.24
N VAL A 10 -7.51 -9.05 -9.99
CA VAL A 10 -6.25 -8.80 -9.30
C VAL A 10 -6.47 -9.01 -7.79
N GLU A 11 -5.38 -9.17 -7.04
CA GLU A 11 -5.45 -9.35 -5.59
C GLU A 11 -5.76 -8.00 -4.92
N LYS A 12 -6.38 -8.04 -3.75
CA LYS A 12 -6.70 -6.83 -2.99
C LYS A 12 -6.58 -7.04 -1.50
N ILE A 13 -6.13 -5.99 -0.81
CA ILE A 13 -6.00 -5.92 0.64
C ILE A 13 -6.34 -4.49 1.08
N LYS A 14 -6.83 -4.32 2.31
CA LYS A 14 -7.17 -3.01 2.85
C LYS A 14 -6.87 -2.95 4.34
N GLN A 15 -6.31 -1.83 4.80
CA GLN A 15 -5.99 -1.63 6.20
C GLN A 15 -5.93 -0.14 6.54
N TRP A 16 -6.26 0.20 7.79
CA TRP A 16 -6.27 1.56 8.29
C TRP A 16 -4.95 1.90 8.98
N ILE A 17 -4.56 3.18 8.93
CA ILE A 17 -3.42 3.71 9.66
C ILE A 17 -3.84 5.09 10.20
N PRO A 18 -3.47 5.43 11.43
CA PRO A 18 -3.81 6.70 12.05
C PRO A 18 -3.11 7.84 11.30
N THR A 19 -3.72 9.02 11.29
CA THR A 19 -3.17 10.16 10.57
C THR A 19 -1.81 10.63 11.10
N THR A 20 -1.45 10.19 12.31
CA THR A 20 -0.15 10.46 12.91
C THR A 20 1.03 9.81 12.20
N GLU A 21 0.74 8.92 11.25
CA GLU A 21 1.79 8.26 10.47
C GLU A 21 1.43 8.15 8.98
N VAL A 22 0.35 8.80 8.53
CA VAL A 22 0.07 8.86 7.10
C VAL A 22 1.19 9.66 6.43
N GLY A 23 1.86 10.54 7.19
CA GLY A 23 2.97 11.32 6.69
C GLY A 23 4.19 10.45 6.40
N LYS A 24 4.19 9.20 6.90
CA LYS A 24 5.27 8.25 6.65
C LYS A 24 5.10 7.59 5.28
N ILE A 25 4.01 7.92 4.56
CA ILE A 25 3.74 7.37 3.24
C ILE A 25 3.55 8.48 2.21
N LEU A 26 2.98 9.61 2.62
CA LEU A 26 2.63 10.70 1.71
C LEU A 26 3.35 12.01 2.03
N GLY A 27 4.22 12.01 3.05
CA GLY A 27 4.86 13.23 3.54
C GLY A 27 6.00 13.70 2.63
N ASN A 28 6.21 13.06 1.48
CA ASN A 28 7.29 13.38 0.57
C ASN A 28 6.89 13.11 -0.88
N ARG A 29 5.75 13.68 -1.30
CA ARG A 29 5.21 13.47 -2.64
C ARG A 29 4.97 11.99 -2.91
N ALA A 30 4.68 11.24 -1.84
CA ALA A 30 4.44 9.80 -1.86
C ALA A 30 5.61 9.01 -2.46
N ALA A 31 6.83 9.57 -2.41
CA ALA A 31 8.00 8.90 -2.95
C ALA A 31 8.29 7.59 -2.22
N VAL A 32 7.89 7.49 -0.95
CA VAL A 32 8.10 6.30 -0.16
C VAL A 32 7.06 5.25 -0.56
N LYS A 33 5.86 5.68 -0.95
CA LYS A 33 4.83 4.73 -1.37
C LYS A 33 5.26 4.06 -2.65
N LYS A 34 5.92 4.82 -3.53
CA LYS A 34 6.42 4.32 -4.81
C LYS A 34 7.61 3.38 -4.60
N HIS A 35 8.31 3.48 -3.46
CA HIS A 35 9.45 2.62 -3.17
C HIS A 35 8.98 1.20 -2.85
N ILE A 36 7.80 1.07 -2.24
CA ILE A 36 7.25 -0.25 -1.91
C ILE A 36 6.63 -0.88 -3.15
N GLU A 37 6.12 -0.05 -4.07
CA GLU A 37 5.52 -0.54 -5.31
C GLU A 37 6.55 -1.16 -6.25
N ARG A 38 7.78 -0.63 -6.25
CA ARG A 38 8.84 -1.18 -7.08
C ARG A 38 9.59 -2.30 -6.36
N GLN A 39 9.37 -2.43 -5.05
CA GLN A 39 9.99 -3.48 -4.24
C GLN A 39 9.24 -4.81 -4.40
N PHE A 40 7.94 -4.73 -4.67
CA PHE A 40 7.09 -5.90 -4.78
C PHE A 40 6.26 -5.96 -6.06
N ASN A 41 6.51 -5.01 -6.99
CA ASN A 41 5.77 -4.88 -8.24
C ASN A 41 4.26 -4.69 -8.01
N CYS A 42 3.88 -4.34 -6.77
CA CYS A 42 2.50 -4.10 -6.39
C CYS A 42 2.12 -2.63 -6.62
N VAL A 43 0.89 -2.29 -6.25
CA VAL A 43 0.39 -0.92 -6.29
C VAL A 43 -0.29 -0.63 -4.96
N ILE A 44 -0.19 0.61 -4.48
CA ILE A 44 -0.76 1.01 -3.21
C ILE A 44 -1.53 2.31 -3.37
N THR A 45 -2.67 2.44 -2.67
CA THR A 45 -3.52 3.62 -2.74
C THR A 45 -4.09 4.08 -1.40
N VAL A 46 -3.64 5.24 -0.93
CA VAL A 46 -4.21 5.86 0.26
C VAL A 46 -5.48 6.61 -0.12
N HIS A 47 -6.47 6.62 0.77
CA HIS A 47 -7.76 7.24 0.52
C HIS A 47 -8.07 8.31 1.56
N THR A 48 -7.33 9.41 1.52
CA THR A 48 -7.54 10.56 2.40
C THR A 48 -8.89 11.23 2.22
N GLU A 49 -9.63 10.83 1.18
CA GLU A 49 -11.02 11.24 0.96
C GLU A 49 -11.95 10.52 1.93
N VAL A 50 -11.38 9.70 2.82
CA VAL A 50 -12.12 8.95 3.83
C VAL A 50 -11.50 9.12 5.21
N GLN A 51 -12.33 9.04 6.25
CA GLN A 51 -11.86 9.03 7.63
C GLN A 51 -12.88 8.28 8.50
N SER A 52 -12.38 7.32 9.28
CA SER A 52 -13.20 6.58 10.22
C SER A 52 -13.38 7.37 11.51
N SER A 53 -14.31 6.92 12.36
CA SER A 53 -14.60 7.59 13.63
C SER A 53 -13.41 7.47 14.58
N PHE A 54 -12.49 6.53 14.32
CA PHE A 54 -11.28 6.38 15.10
C PHE A 54 -10.11 7.30 14.73
N GLY A 55 -10.33 8.24 13.80
CA GLY A 55 -9.32 9.22 13.43
C GLY A 55 -8.20 8.62 12.61
N ALA A 56 -8.53 7.78 11.62
CA ALA A 56 -7.52 7.13 10.78
C ALA A 56 -7.93 7.09 9.32
N THR A 57 -6.92 6.93 8.46
CA THR A 57 -7.08 6.85 7.01
C THR A 57 -6.92 5.43 6.47
N PRO A 58 -7.83 4.97 5.60
CA PRO A 58 -7.75 3.65 5.00
C PRO A 58 -6.74 3.64 3.85
N VAL A 59 -6.21 2.46 3.54
CA VAL A 59 -5.25 2.23 2.47
C VAL A 59 -5.55 0.92 1.75
N GLU A 60 -5.28 0.86 0.45
CA GLU A 60 -5.53 -0.31 -0.38
C GLU A 60 -4.25 -0.78 -1.06
N ILE A 61 -4.19 -2.06 -1.41
CA ILE A 61 -3.03 -2.65 -2.08
C ILE A 61 -3.53 -3.58 -3.19
N VAL A 62 -2.76 -3.67 -4.29
CA VAL A 62 -3.08 -4.53 -5.42
C VAL A 62 -1.82 -5.19 -5.98
N ALA A 63 -1.95 -6.43 -6.43
CA ALA A 63 -0.85 -7.17 -7.05
C ALA A 63 -1.41 -8.32 -7.88
N GLN A 64 -0.54 -8.97 -8.67
CA GLN A 64 -0.93 -10.10 -9.50
C GLN A 64 -1.16 -11.36 -8.67
N ASN A 65 -0.65 -11.40 -7.43
CA ASN A 65 -0.77 -12.57 -6.58
C ASN A 65 -0.62 -12.20 -5.10
N LYS A 66 -1.01 -13.14 -4.22
CA LYS A 66 -0.87 -12.96 -2.77
C LYS A 66 0.59 -13.05 -2.34
N GLU A 67 1.44 -13.63 -3.19
CA GLU A 67 2.86 -13.82 -2.92
C GLU A 67 3.60 -12.48 -2.88
N GLN A 68 2.98 -11.41 -3.40
CA GLN A 68 3.59 -10.10 -3.43
C GLN A 68 2.69 -9.04 -2.79
N CYS A 69 1.38 -9.29 -2.70
CA CYS A 69 0.47 -8.33 -2.10
C CYS A 69 0.64 -8.35 -0.59
N GLN A 70 0.89 -9.52 -0.01
CA GLN A 70 1.06 -9.66 1.43
C GLN A 70 2.39 -9.09 1.89
N GLU A 71 3.41 -9.11 1.03
CA GLU A 71 4.72 -8.60 1.38
C GLU A 71 4.68 -7.08 1.51
N ALA A 72 3.82 -6.43 0.71
CA ALA A 72 3.65 -4.99 0.78
C ALA A 72 2.72 -4.61 1.94
N ARG A 73 1.80 -5.51 2.30
CA ARG A 73 0.87 -5.29 3.39
C ARG A 73 1.58 -5.33 4.74
N ASN A 74 2.50 -6.28 4.90
CA ASN A 74 3.24 -6.42 6.15
C ASN A 74 4.39 -5.41 6.27
N ALA A 75 4.75 -4.73 5.18
CA ALA A 75 5.82 -3.74 5.21
C ALA A 75 5.33 -2.42 5.78
N VAL A 76 4.06 -2.07 5.56
CA VAL A 76 3.52 -0.78 5.98
C VAL A 76 3.11 -0.81 7.45
N MET A 77 3.11 -1.99 8.07
CA MET A 77 2.68 -2.13 9.45
C MET A 77 3.80 -1.87 10.46
N SER A 78 5.04 -1.63 10.01
CA SER A 78 6.14 -1.37 10.93
C SER A 78 7.31 -0.66 10.27
N LEU A 79 7.64 -1.02 9.02
CA LEU A 79 8.78 -0.44 8.33
C LEU A 79 8.38 0.86 7.64
N MET A 80 7.26 0.82 6.92
CA MET A 80 6.69 1.93 6.16
C MET A 80 7.66 2.53 5.13
N GLN A 81 8.90 2.00 5.04
CA GLN A 81 9.93 2.48 4.15
C GLN A 81 10.19 3.99 4.25
N SER A 82 9.75 4.62 5.35
CA SER A 82 9.94 6.05 5.56
C SER A 82 11.40 6.38 5.90
N HIS A 83 12.19 5.35 6.23
CA HIS A 83 13.59 5.51 6.59
C HIS A 83 14.47 5.74 5.35
N GLN A 84 13.88 5.74 4.17
CA GLN A 84 14.61 5.93 2.93
C GLN A 84 14.98 7.40 2.71
N ASP A 85 14.45 8.30 3.51
CA ASP A 85 14.75 9.73 3.44
C ASP A 85 16.12 10.13 4.00
N LYS A 86 17.00 9.13 4.20
CA LYS A 86 18.36 9.33 4.70
C LYS A 86 19.23 10.06 3.68
N SER A 1 -3.24 -3.76 -21.89
CA SER A 1 -4.67 -3.71 -22.26
C SER A 1 -5.34 -5.05 -21.99
N GLY A 2 -6.67 -5.05 -21.91
CA GLY A 2 -7.46 -6.24 -21.61
C GLY A 2 -7.59 -7.18 -22.81
N SER A 3 -7.11 -6.78 -24.00
CA SER A 3 -7.21 -7.61 -25.18
C SER A 3 -6.17 -8.72 -25.18
N HIS A 4 -5.22 -8.69 -24.24
CA HIS A 4 -4.19 -9.71 -24.11
C HIS A 4 -4.77 -11.01 -23.55
N MET A 5 -4.03 -12.11 -23.71
CA MET A 5 -4.45 -13.42 -23.22
C MET A 5 -4.42 -13.48 -21.69
N LYS A 6 -3.61 -12.61 -21.07
CA LYS A 6 -3.50 -12.56 -19.61
C LYS A 6 -4.77 -11.96 -19.02
N THR A 7 -5.20 -12.50 -17.87
CA THR A 7 -6.41 -12.04 -17.20
C THR A 7 -6.31 -10.66 -16.56
N CYS A 8 -7.46 -10.00 -16.41
CA CYS A 8 -7.55 -8.70 -15.76
C CYS A 8 -7.72 -8.84 -14.24
N VAL A 9 -7.68 -10.07 -13.73
CA VAL A 9 -7.86 -10.36 -12.31
C VAL A 9 -6.66 -9.91 -11.47
N VAL A 10 -6.94 -9.35 -10.29
CA VAL A 10 -5.91 -8.89 -9.36
C VAL A 10 -6.35 -9.10 -7.91
N GLU A 11 -5.37 -9.20 -7.01
CA GLU A 11 -5.60 -9.35 -5.58
C GLU A 11 -5.79 -7.98 -4.93
N LYS A 12 -6.39 -7.95 -3.75
CA LYS A 12 -6.63 -6.72 -3.01
C LYS A 12 -6.52 -6.91 -1.50
N ILE A 13 -6.11 -5.84 -0.81
CA ILE A 13 -6.01 -5.77 0.64
C ILE A 13 -6.39 -4.35 1.07
N LYS A 14 -6.95 -4.21 2.27
CA LYS A 14 -7.30 -2.91 2.83
C LYS A 14 -7.06 -2.90 4.32
N GLN A 15 -6.49 -1.80 4.83
CA GLN A 15 -6.22 -1.64 6.25
C GLN A 15 -6.08 -0.16 6.61
N TRP A 16 -6.45 0.20 7.84
CA TRP A 16 -6.37 1.56 8.34
C TRP A 16 -5.01 1.83 8.99
N ILE A 17 -4.55 3.07 8.91
CA ILE A 17 -3.34 3.53 9.58
C ILE A 17 -3.65 4.88 10.22
N PRO A 18 -3.09 5.17 11.40
CA PRO A 18 -3.35 6.40 12.12
C PRO A 18 -2.85 7.60 11.31
N THR A 19 -3.57 8.72 11.39
CA THR A 19 -3.26 9.91 10.62
C THR A 19 -1.87 10.50 10.84
N THR A 20 -1.24 10.16 11.96
CA THR A 20 0.11 10.62 12.27
C THR A 20 1.21 9.84 11.52
N GLU A 21 0.84 8.73 10.88
CA GLU A 21 1.78 7.92 10.11
C GLU A 21 1.51 8.01 8.62
N VAL A 22 0.43 8.69 8.21
CA VAL A 22 0.15 8.90 6.79
C VAL A 22 1.26 9.76 6.20
N GLY A 23 1.93 10.57 7.03
CA GLY A 23 3.03 11.42 6.60
C GLY A 23 4.28 10.61 6.28
N LYS A 24 4.33 9.33 6.64
CA LYS A 24 5.45 8.47 6.30
C LYS A 24 5.29 7.93 4.88
N ILE A 25 4.04 7.84 4.40
CA ILE A 25 3.75 7.30 3.08
C ILE A 25 3.67 8.43 2.04
N LEU A 26 3.17 9.59 2.44
CA LEU A 26 2.90 10.71 1.54
C LEU A 26 3.74 11.95 1.88
N GLY A 27 4.79 11.78 2.69
CA GLY A 27 5.58 12.89 3.20
C GLY A 27 6.36 13.65 2.13
N ASN A 28 6.54 13.07 0.94
CA ASN A 28 7.27 13.71 -0.14
C ASN A 28 6.88 13.09 -1.48
N ARG A 29 5.92 13.69 -2.19
CA ARG A 29 5.46 13.24 -3.50
C ARG A 29 5.13 11.75 -3.53
N ALA A 30 4.77 11.18 -2.37
CA ALA A 30 4.50 9.76 -2.20
C ALA A 30 5.66 8.89 -2.69
N ALA A 31 6.88 9.42 -2.72
CA ALA A 31 8.04 8.69 -3.21
C ALA A 31 8.32 7.46 -2.35
N VAL A 32 7.89 7.49 -1.08
CA VAL A 32 8.07 6.35 -0.19
C VAL A 32 7.09 5.24 -0.56
N LYS A 33 5.88 5.61 -0.97
CA LYS A 33 4.87 4.65 -1.38
C LYS A 33 5.32 3.99 -2.69
N LYS A 34 5.85 4.80 -3.61
CA LYS A 34 6.33 4.33 -4.90
C LYS A 34 7.53 3.40 -4.75
N HIS A 35 8.27 3.49 -3.65
CA HIS A 35 9.39 2.61 -3.40
C HIS A 35 8.91 1.24 -2.95
N ILE A 36 7.80 1.18 -2.20
CA ILE A 36 7.24 -0.09 -1.78
C ILE A 36 6.57 -0.78 -2.98
N GLU A 37 6.05 0.01 -3.91
CA GLU A 37 5.50 -0.52 -5.16
C GLU A 37 6.61 -1.11 -6.02
N ARG A 38 7.80 -0.53 -5.93
CA ARG A 38 8.98 -0.99 -6.66
C ARG A 38 9.60 -2.20 -5.96
N GLN A 39 9.37 -2.30 -4.64
CA GLN A 39 9.93 -3.36 -3.80
C GLN A 39 9.18 -4.68 -3.99
N PHE A 40 7.90 -4.61 -4.34
CA PHE A 40 7.06 -5.79 -4.48
C PHE A 40 6.29 -5.88 -5.80
N ASN A 41 6.59 -4.98 -6.74
CA ASN A 41 5.90 -4.86 -8.01
C ASN A 41 4.38 -4.66 -7.84
N CYS A 42 3.95 -4.28 -6.64
CA CYS A 42 2.55 -4.06 -6.32
C CYS A 42 2.17 -2.59 -6.56
N VAL A 43 0.93 -2.24 -6.22
CA VAL A 43 0.43 -0.88 -6.29
C VAL A 43 -0.27 -0.57 -4.97
N ILE A 44 -0.18 0.68 -4.49
CA ILE A 44 -0.77 1.07 -3.21
C ILE A 44 -1.52 2.39 -3.38
N THR A 45 -2.64 2.53 -2.65
CA THR A 45 -3.47 3.73 -2.70
C THR A 45 -3.95 4.22 -1.34
N VAL A 46 -3.52 5.42 -0.95
CA VAL A 46 -3.99 6.07 0.26
C VAL A 46 -5.29 6.82 -0.01
N HIS A 47 -6.17 6.88 0.98
CA HIS A 47 -7.49 7.49 0.84
C HIS A 47 -7.79 8.46 1.97
N THR A 48 -6.96 9.52 2.09
CA THR A 48 -7.12 10.55 3.11
C THR A 48 -8.43 11.33 3.06
N GLU A 49 -9.19 11.18 1.98
CA GLU A 49 -10.47 11.86 1.83
C GLU A 49 -11.53 11.23 2.73
N VAL A 50 -11.26 10.00 3.21
CA VAL A 50 -12.16 9.26 4.08
C VAL A 50 -12.01 9.69 5.54
N GLN A 51 -13.08 9.51 6.31
CA GLN A 51 -13.07 9.75 7.74
C GLN A 51 -14.01 8.78 8.43
N SER A 52 -13.52 8.11 9.48
CA SER A 52 -14.31 7.17 10.26
C SER A 52 -13.98 7.30 11.74
N SER A 53 -14.80 6.69 12.60
CA SER A 53 -14.63 6.71 14.04
C SER A 53 -13.32 6.05 14.46
N PHE A 54 -12.64 5.37 13.52
CA PHE A 54 -11.35 4.75 13.79
C PHE A 54 -10.26 5.79 14.08
N GLY A 55 -10.48 7.05 13.70
CA GLY A 55 -9.48 8.09 13.89
C GLY A 55 -8.28 7.84 12.99
N ALA A 56 -8.52 7.17 11.85
CA ALA A 56 -7.46 6.71 10.96
C ALA A 56 -7.85 6.87 9.50
N THR A 57 -6.87 6.73 8.61
CA THR A 57 -7.06 6.84 7.18
C THR A 57 -6.88 5.42 6.62
N PRO A 58 -7.79 4.97 5.75
CA PRO A 58 -7.71 3.67 5.12
C PRO A 58 -6.70 3.68 3.96
N VAL A 59 -6.15 2.51 3.65
CA VAL A 59 -5.21 2.30 2.56
C VAL A 59 -5.52 1.01 1.82
N GLU A 60 -5.26 0.98 0.51
CA GLU A 60 -5.51 -0.17 -0.34
C GLU A 60 -4.24 -0.63 -1.03
N ILE A 61 -4.20 -1.91 -1.42
CA ILE A 61 -3.07 -2.52 -2.10
C ILE A 61 -3.57 -3.41 -3.22
N VAL A 62 -2.81 -3.52 -4.32
CA VAL A 62 -3.15 -4.34 -5.46
C VAL A 62 -1.90 -5.04 -5.99
N ALA A 63 -2.05 -6.30 -6.42
CA ALA A 63 -0.97 -7.09 -6.97
C ALA A 63 -1.52 -8.27 -7.76
N GLN A 64 -0.67 -8.93 -8.55
CA GLN A 64 -1.09 -10.08 -9.35
C GLN A 64 -1.35 -11.31 -8.47
N ASN A 65 -0.81 -11.32 -7.24
CA ASN A 65 -0.95 -12.44 -6.33
C ASN A 65 -0.81 -12.00 -4.88
N LYS A 66 -1.25 -12.84 -3.94
CA LYS A 66 -1.12 -12.55 -2.52
C LYS A 66 0.30 -12.77 -2.04
N GLU A 67 1.13 -13.44 -2.86
CA GLU A 67 2.53 -13.67 -2.55
C GLU A 67 3.32 -12.37 -2.56
N GLN A 68 2.74 -11.30 -3.13
CA GLN A 68 3.38 -9.99 -3.18
C GLN A 68 2.48 -8.93 -2.53
N CYS A 69 1.16 -9.15 -2.48
CA CYS A 69 0.25 -8.19 -1.88
C CYS A 69 0.41 -8.21 -0.35
N GLN A 70 0.60 -9.40 0.23
CA GLN A 70 0.76 -9.53 1.66
C GLN A 70 2.11 -9.00 2.12
N GLU A 71 3.13 -9.06 1.27
CA GLU A 71 4.46 -8.59 1.63
C GLU A 71 4.48 -7.06 1.63
N ALA A 72 3.70 -6.43 0.75
CA ALA A 72 3.58 -4.99 0.72
C ALA A 72 2.70 -4.51 1.87
N ARG A 73 1.77 -5.36 2.31
CA ARG A 73 0.91 -5.06 3.45
C ARG A 73 1.72 -5.05 4.74
N ASN A 74 2.47 -6.13 4.99
CA ASN A 74 3.24 -6.26 6.20
C ASN A 74 4.42 -5.28 6.25
N ALA A 75 4.75 -4.63 5.14
CA ALA A 75 5.82 -3.64 5.10
C ALA A 75 5.33 -2.29 5.63
N VAL A 76 4.06 -1.95 5.37
CA VAL A 76 3.50 -0.66 5.77
C VAL A 76 3.02 -0.71 7.23
N MET A 77 3.08 -1.89 7.84
CA MET A 77 2.60 -2.10 9.20
C MET A 77 3.72 -2.11 10.23
N SER A 78 4.97 -1.89 9.79
CA SER A 78 6.10 -1.87 10.70
C SER A 78 7.30 -1.08 10.17
N LEU A 79 7.48 -1.00 8.85
CA LEU A 79 8.62 -0.32 8.25
C LEU A 79 8.22 0.99 7.60
N MET A 80 7.14 0.96 6.82
CA MET A 80 6.62 2.11 6.08
C MET A 80 7.67 2.75 5.16
N GLN A 81 8.84 2.11 5.02
CA GLN A 81 9.99 2.63 4.28
C GLN A 81 10.38 4.06 4.69
N SER A 82 9.90 4.53 5.85
CA SER A 82 10.22 5.86 6.35
C SER A 82 10.05 5.95 7.87
N HIS A 83 9.83 4.81 8.55
CA HIS A 83 9.66 4.78 9.99
C HIS A 83 10.18 3.47 10.57
N GLN A 84 11.04 2.76 9.83
CA GLN A 84 11.60 1.49 10.26
C GLN A 84 12.60 1.69 11.41
N ASP A 85 12.96 2.94 11.70
CA ASP A 85 13.87 3.26 12.78
C ASP A 85 13.26 3.21 14.18
N LYS A 86 11.98 2.82 14.27
CA LYS A 86 11.25 2.70 15.52
C LYS A 86 11.84 1.56 16.35
#